data_9EOE
# 
_entry.id   9EOE 
# 
_audit_conform.dict_name       mmcif_pdbx.dic 
_audit_conform.dict_version    5.404 
_audit_conform.dict_location   http://mmcif.pdb.org/dictionaries/ascii/mmcif_pdbx.dic 
# 
loop_
_database_2.database_id 
_database_2.database_code 
_database_2.pdbx_database_accession 
_database_2.pdbx_DOI 
PDB   9EOE         pdb_00009eoe 10.2210/pdb9eoe/pdb 
WWPDB D_1292137306 ?            ?                   
EMDB  EMD-19852    ?            ?                   
# 
loop_
_pdbx_audit_revision_history.ordinal 
_pdbx_audit_revision_history.data_content_type 
_pdbx_audit_revision_history.major_revision 
_pdbx_audit_revision_history.minor_revision 
_pdbx_audit_revision_history.revision_date 
_pdbx_audit_revision_history.part_number 
1 'Structure model' 1 0 2024-07-10 ? 
2 'Structure model' 1 1 2024-07-24 ? 
3 'Structure model' 1 2 2025-03-26 ? 
4 'Structure model' 1 3 2025-07-23 ? 
# 
_pdbx_audit_revision_details.ordinal             1 
_pdbx_audit_revision_details.revision_ordinal    1 
_pdbx_audit_revision_details.data_content_type   'Structure model' 
_pdbx_audit_revision_details.provider            repository 
_pdbx_audit_revision_details.type                'Initial release' 
_pdbx_audit_revision_details.description         ? 
_pdbx_audit_revision_details.details             ? 
# 
loop_
_pdbx_audit_revision_group.ordinal 
_pdbx_audit_revision_group.revision_ordinal 
_pdbx_audit_revision_group.data_content_type 
_pdbx_audit_revision_group.group 
1 2 'Structure model' 'Data collection'     
2 2 'Structure model' 'Structure summary'   
3 3 'Structure model' 'Data collection'     
4 3 'Structure model' 'Database references' 
5 3 'Structure model' 'Structure summary'   
6 4 'Structure model' 'Data collection'     
7 4 'Structure model' 'Database references' 
# 
loop_
_pdbx_audit_revision_category.ordinal 
_pdbx_audit_revision_category.revision_ordinal 
_pdbx_audit_revision_category.data_content_type 
_pdbx_audit_revision_category.category 
1 2 'Structure model' em_admin           
2 2 'Structure model' struct             
3 3 'Structure model' citation           
4 3 'Structure model' citation_author    
5 3 'Structure model' em_admin           
6 3 'Structure model' pdbx_entry_details 
7 4 'Structure model' citation           
8 4 'Structure model' em_admin           
# 
loop_
_pdbx_audit_revision_item.ordinal 
_pdbx_audit_revision_item.revision_ordinal 
_pdbx_audit_revision_item.data_content_type 
_pdbx_audit_revision_item.item 
1 2 'Structure model' '_em_admin.last_update'    
2 2 'Structure model' '_struct.title'            
3 3 'Structure model' '_em_admin.last_update'    
4 4 'Structure model' '_citation.journal_volume' 
5 4 'Structure model' '_citation.page_first'     
6 4 'Structure model' '_citation.page_last'      
7 4 'Structure model' '_em_admin.last_update'    
# 
_pdbx_database_status.status_code                     REL 
_pdbx_database_status.status_code_sf                  ? 
_pdbx_database_status.status_code_mr                  ? 
_pdbx_database_status.entry_id                        9EOE 
_pdbx_database_status.recvd_initial_deposition_date   2024-03-14 
_pdbx_database_status.SG_entry                        N 
_pdbx_database_status.deposit_site                    PDBE 
_pdbx_database_status.process_site                    PDBE 
_pdbx_database_status.status_code_cs                  ? 
_pdbx_database_status.status_code_nmr_data            ? 
_pdbx_database_status.methods_development_category    ? 
_pdbx_database_status.pdb_format_compatible           Y 
# 
loop_
_pdbx_database_related.db_name 
_pdbx_database_related.details 
_pdbx_database_related.db_id 
_pdbx_database_related.content_type 
PDB  .                                         9EO7      unspecified            
EMDB .                                         EMD-19846 'other EM volume'      
EMDB 'PHF type tau filament from V337M mutant' EMD-19852 'associated EM volume' 
# 
loop_
_pdbx_contact_author.id 
_pdbx_contact_author.email 
_pdbx_contact_author.name_first 
_pdbx_contact_author.name_last 
_pdbx_contact_author.name_mi 
_pdbx_contact_author.role 
_pdbx_contact_author.identifier_ORCID 
2 scheres@mrc-lmb.cam.ac.uk Sjors  Scheres ? 'principal investigator/group leader' 0000-0002-0462-6540 
3 mg@mrc-lmb.cam.ac.uk      Michel Goedert ? 'principal investigator/group leader' 0000-0002-5214-7886 
# 
loop_
_audit_author.name 
_audit_author.pdbx_ordinal 
_audit_author.identifier_ORCID 
'Qi, C.'          1 0000-0003-1277-0363 
'Scheres, S.H.W.' 2 0000-0002-0462-6540 
'Michel, G.'      3 0000-0002-5214-7886 
# 
loop_
_citation.abstract 
_citation.abstract_id_CAS 
_citation.book_id_ISBN 
_citation.book_publisher 
_citation.book_publisher_city 
_citation.book_title 
_citation.coordinate_linkage 
_citation.country 
_citation.database_id_Medline 
_citation.details 
_citation.id 
_citation.journal_abbrev 
_citation.journal_id_ASTM 
_citation.journal_id_CSD 
_citation.journal_id_ISSN 
_citation.journal_full 
_citation.journal_issue 
_citation.journal_volume 
_citation.language 
_citation.page_first 
_citation.page_last 
_citation.title 
_citation.year 
_citation.database_id_CSD 
_citation.pdbx_database_id_DOI 
_citation.pdbx_database_id_PubMed 
_citation.pdbx_database_id_patent 
_citation.unpublished_flag 
? ? ? ? ? ? ? US ? ? primary Nat.Struct.Mol.Biol. ? ? 1545-9985 ? ? 32 ? 1297 1304 
'Tau filaments with the Alzheimer fold in human MAPT mutants V337M and R406W.'        2025 ? 10.1038/s41594-025-01498-5 40044789 ? 
? 
? ? ? ? ? ? ? US ? ? 1       Biorxiv              ? ? 2692-8205 ? ? ?  ? ?    ?    
'Tau filaments with the Alzheimer fold in cases with MAPT mutations V337M and R406W.' 2024 ? 10.1101/2024.04.29.591661  38746388 ? 
? 
# 
loop_
_citation_author.citation_id 
_citation_author.name 
_citation_author.ordinal 
_citation_author.identifier_ORCID 
primary 'Qi, C.'          1  ?                   
primary 'Lovestam, S.'    2  ?                   
primary 'Murzin, A.G.'    3  ?                   
primary 'Peak-Chew, S.'   4  0000-0002-7602-6384 
primary 'Franco, C.'      5  ?                   
primary 'Bogdani, M.'     6  ?                   
primary 'Latimer, C.'     7  ?                   
primary 'Murrell, J.R.'   8  ?                   
primary 'Cullinane, P.W.' 9  ?                   
primary 'Jaunmuktane, Z.' 10 ?                   
primary 'Bird, T.D.'      11 ?                   
primary 'Ghetti, B.'      12 0000-0002-1842-8019 
primary 'Scheres, S.H.W.' 13 0000-0002-0462-6540 
primary 'Goedert, M.'     14 0000-0002-5214-7886 
1       'Qi, C.'          15 0000-0003-1277-0363 
1       'Lovestam, S.'    16 0000-0002-2152-1476 
1       'Murzin, A.G.'    17 ?                   
1       'Peak-Chew, S.'   18 ?                   
1       'Franco, C.'      19 ?                   
1       'Bogdani, M.'     20 ?                   
1       'Latimer, C.'     21 ?                   
1       'Murrell, J.R.'   22 ?                   
1       'Cullinane, P.W.' 23 ?                   
1       'Jaunmuktane, Z.' 24 ?                   
1       'Bird, T.D.'      25 ?                   
1       'Ghetti, B.'      26 ?                   
1       'Scheres, S.H.W.' 27 0000-0002-0462-6540 
1       'Goedert, M.'     28 0000-0002-5214-7886 
# 
_entity.id                         1 
_entity.type                       polymer 
_entity.src_method                 nat 
_entity.pdbx_description           'Isoform Tau-F of Microtubule-associated protein tau' 
_entity.formula_weight             45951.938 
_entity.pdbx_number_of_molecules   1 
_entity.pdbx_ec                    ? 
_entity.pdbx_mutation              ? 
_entity.pdbx_fragment              ? 
_entity.details                    ? 
# 
_entity_name_com.entity_id   1 
_entity_name_com.name        'Neurofibrillary tangle protein,Paired helical filament-tau,PHF-tau' 
# 
_entity_poly.entity_id                      1 
_entity_poly.type                           'polypeptide(L)' 
_entity_poly.nstd_linkage                   no 
_entity_poly.nstd_monomer                   no 
_entity_poly.pdbx_seq_one_letter_code       
;MAEPRQEFEVMEDHAGTYGLGDRKDQGGYTMHQDQEGDTDAGLKESPLQTPTEDGSEEPGSETSDAKSTPTAEDVTAPLV
DEGAPGKQAAAQPHTEIPEGTTAEEAGIGDTPSLEDEAAGHVTQARMVSKSKDGTGSDDKKAKGADGKTKIATPRGAAPP
GQKGQANATRIPAKTPPAPKTPPSSGEPPKSGDRSGYSSPGSPGTPGSRSRTPSLPTPPTREPKKVAVVRTPPKSPSSAK
SRLQTAPVPMPDLKNVKSKIGSTENLKHQPGGGKVQIINKKLDLSNVQSKCGSKDNIKHVPGGGSVQIVYKPVDLSKVTS
KCGSLGNIHHKPGGGQMEVKSEKLDFKDRVQSKIGSLDNITHVPGGGNKKIETHKLTFRENAKAKTDHGAEIVYKSPVVS
GDTSPRHLSNVSSTGSIDMVDSPQLATLADEVSASLAKQGL
;
_entity_poly.pdbx_seq_one_letter_code_can   
;MAEPRQEFEVMEDHAGTYGLGDRKDQGGYTMHQDQEGDTDAGLKESPLQTPTEDGSEEPGSETSDAKSTPTAEDVTAPLV
DEGAPGKQAAAQPHTEIPEGTTAEEAGIGDTPSLEDEAAGHVTQARMVSKSKDGTGSDDKKAKGADGKTKIATPRGAAPP
GQKGQANATRIPAKTPPAPKTPPSSGEPPKSGDRSGYSSPGSPGTPGSRSRTPSLPTPPTREPKKVAVVRTPPKSPSSAK
SRLQTAPVPMPDLKNVKSKIGSTENLKHQPGGGKVQIINKKLDLSNVQSKCGSKDNIKHVPGGGSVQIVYKPVDLSKVTS
KCGSLGNIHHKPGGGQMEVKSEKLDFKDRVQSKIGSLDNITHVPGGGNKKIETHKLTFRENAKAKTDHGAEIVYKSPVVS
GDTSPRHLSNVSSTGSIDMVDSPQLATLADEVSASLAKQGL
;
_entity_poly.pdbx_strand_id                 A 
_entity_poly.pdbx_target_identifier         ? 
# 
loop_
_entity_poly_seq.entity_id 
_entity_poly_seq.num 
_entity_poly_seq.mon_id 
_entity_poly_seq.hetero 
1 1   MET n 
1 2   ALA n 
1 3   GLU n 
1 4   PRO n 
1 5   ARG n 
1 6   GLN n 
1 7   GLU n 
1 8   PHE n 
1 9   GLU n 
1 10  VAL n 
1 11  MET n 
1 12  GLU n 
1 13  ASP n 
1 14  HIS n 
1 15  ALA n 
1 16  GLY n 
1 17  THR n 
1 18  TYR n 
1 19  GLY n 
1 20  LEU n 
1 21  GLY n 
1 22  ASP n 
1 23  ARG n 
1 24  LYS n 
1 25  ASP n 
1 26  GLN n 
1 27  GLY n 
1 28  GLY n 
1 29  TYR n 
1 30  THR n 
1 31  MET n 
1 32  HIS n 
1 33  GLN n 
1 34  ASP n 
1 35  GLN n 
1 36  GLU n 
1 37  GLY n 
1 38  ASP n 
1 39  THR n 
1 40  ASP n 
1 41  ALA n 
1 42  GLY n 
1 43  LEU n 
1 44  LYS n 
1 45  GLU n 
1 46  SER n 
1 47  PRO n 
1 48  LEU n 
1 49  GLN n 
1 50  THR n 
1 51  PRO n 
1 52  THR n 
1 53  GLU n 
1 54  ASP n 
1 55  GLY n 
1 56  SER n 
1 57  GLU n 
1 58  GLU n 
1 59  PRO n 
1 60  GLY n 
1 61  SER n 
1 62  GLU n 
1 63  THR n 
1 64  SER n 
1 65  ASP n 
1 66  ALA n 
1 67  LYS n 
1 68  SER n 
1 69  THR n 
1 70  PRO n 
1 71  THR n 
1 72  ALA n 
1 73  GLU n 
1 74  ASP n 
1 75  VAL n 
1 76  THR n 
1 77  ALA n 
1 78  PRO n 
1 79  LEU n 
1 80  VAL n 
1 81  ASP n 
1 82  GLU n 
1 83  GLY n 
1 84  ALA n 
1 85  PRO n 
1 86  GLY n 
1 87  LYS n 
1 88  GLN n 
1 89  ALA n 
1 90  ALA n 
1 91  ALA n 
1 92  GLN n 
1 93  PRO n 
1 94  HIS n 
1 95  THR n 
1 96  GLU n 
1 97  ILE n 
1 98  PRO n 
1 99  GLU n 
1 100 GLY n 
1 101 THR n 
1 102 THR n 
1 103 ALA n 
1 104 GLU n 
1 105 GLU n 
1 106 ALA n 
1 107 GLY n 
1 108 ILE n 
1 109 GLY n 
1 110 ASP n 
1 111 THR n 
1 112 PRO n 
1 113 SER n 
1 114 LEU n 
1 115 GLU n 
1 116 ASP n 
1 117 GLU n 
1 118 ALA n 
1 119 ALA n 
1 120 GLY n 
1 121 HIS n 
1 122 VAL n 
1 123 THR n 
1 124 GLN n 
1 125 ALA n 
1 126 ARG n 
1 127 MET n 
1 128 VAL n 
1 129 SER n 
1 130 LYS n 
1 131 SER n 
1 132 LYS n 
1 133 ASP n 
1 134 GLY n 
1 135 THR n 
1 136 GLY n 
1 137 SER n 
1 138 ASP n 
1 139 ASP n 
1 140 LYS n 
1 141 LYS n 
1 142 ALA n 
1 143 LYS n 
1 144 GLY n 
1 145 ALA n 
1 146 ASP n 
1 147 GLY n 
1 148 LYS n 
1 149 THR n 
1 150 LYS n 
1 151 ILE n 
1 152 ALA n 
1 153 THR n 
1 154 PRO n 
1 155 ARG n 
1 156 GLY n 
1 157 ALA n 
1 158 ALA n 
1 159 PRO n 
1 160 PRO n 
1 161 GLY n 
1 162 GLN n 
1 163 LYS n 
1 164 GLY n 
1 165 GLN n 
1 166 ALA n 
1 167 ASN n 
1 168 ALA n 
1 169 THR n 
1 170 ARG n 
1 171 ILE n 
1 172 PRO n 
1 173 ALA n 
1 174 LYS n 
1 175 THR n 
1 176 PRO n 
1 177 PRO n 
1 178 ALA n 
1 179 PRO n 
1 180 LYS n 
1 181 THR n 
1 182 PRO n 
1 183 PRO n 
1 184 SER n 
1 185 SER n 
1 186 GLY n 
1 187 GLU n 
1 188 PRO n 
1 189 PRO n 
1 190 LYS n 
1 191 SER n 
1 192 GLY n 
1 193 ASP n 
1 194 ARG n 
1 195 SER n 
1 196 GLY n 
1 197 TYR n 
1 198 SER n 
1 199 SER n 
1 200 PRO n 
1 201 GLY n 
1 202 SER n 
1 203 PRO n 
1 204 GLY n 
1 205 THR n 
1 206 PRO n 
1 207 GLY n 
1 208 SER n 
1 209 ARG n 
1 210 SER n 
1 211 ARG n 
1 212 THR n 
1 213 PRO n 
1 214 SER n 
1 215 LEU n 
1 216 PRO n 
1 217 THR n 
1 218 PRO n 
1 219 PRO n 
1 220 THR n 
1 221 ARG n 
1 222 GLU n 
1 223 PRO n 
1 224 LYS n 
1 225 LYS n 
1 226 VAL n 
1 227 ALA n 
1 228 VAL n 
1 229 VAL n 
1 230 ARG n 
1 231 THR n 
1 232 PRO n 
1 233 PRO n 
1 234 LYS n 
1 235 SER n 
1 236 PRO n 
1 237 SER n 
1 238 SER n 
1 239 ALA n 
1 240 LYS n 
1 241 SER n 
1 242 ARG n 
1 243 LEU n 
1 244 GLN n 
1 245 THR n 
1 246 ALA n 
1 247 PRO n 
1 248 VAL n 
1 249 PRO n 
1 250 MET n 
1 251 PRO n 
1 252 ASP n 
1 253 LEU n 
1 254 LYS n 
1 255 ASN n 
1 256 VAL n 
1 257 LYS n 
1 258 SER n 
1 259 LYS n 
1 260 ILE n 
1 261 GLY n 
1 262 SER n 
1 263 THR n 
1 264 GLU n 
1 265 ASN n 
1 266 LEU n 
1 267 LYS n 
1 268 HIS n 
1 269 GLN n 
1 270 PRO n 
1 271 GLY n 
1 272 GLY n 
1 273 GLY n 
1 274 LYS n 
1 275 VAL n 
1 276 GLN n 
1 277 ILE n 
1 278 ILE n 
1 279 ASN n 
1 280 LYS n 
1 281 LYS n 
1 282 LEU n 
1 283 ASP n 
1 284 LEU n 
1 285 SER n 
1 286 ASN n 
1 287 VAL n 
1 288 GLN n 
1 289 SER n 
1 290 LYS n 
1 291 CYS n 
1 292 GLY n 
1 293 SER n 
1 294 LYS n 
1 295 ASP n 
1 296 ASN n 
1 297 ILE n 
1 298 LYS n 
1 299 HIS n 
1 300 VAL n 
1 301 PRO n 
1 302 GLY n 
1 303 GLY n 
1 304 GLY n 
1 305 SER n 
1 306 VAL n 
1 307 GLN n 
1 308 ILE n 
1 309 VAL n 
1 310 TYR n 
1 311 LYS n 
1 312 PRO n 
1 313 VAL n 
1 314 ASP n 
1 315 LEU n 
1 316 SER n 
1 317 LYS n 
1 318 VAL n 
1 319 THR n 
1 320 SER n 
1 321 LYS n 
1 322 CYS n 
1 323 GLY n 
1 324 SER n 
1 325 LEU n 
1 326 GLY n 
1 327 ASN n 
1 328 ILE n 
1 329 HIS n 
1 330 HIS n 
1 331 LYS n 
1 332 PRO n 
1 333 GLY n 
1 334 GLY n 
1 335 GLY n 
1 336 GLN n 
1 337 MET y 
1 337 VAL y 
1 338 GLU n 
1 339 VAL n 
1 340 LYS n 
1 341 SER n 
1 342 GLU n 
1 343 LYS n 
1 344 LEU n 
1 345 ASP n 
1 346 PHE n 
1 347 LYS n 
1 348 ASP n 
1 349 ARG n 
1 350 VAL n 
1 351 GLN n 
1 352 SER n 
1 353 LYS n 
1 354 ILE n 
1 355 GLY n 
1 356 SER n 
1 357 LEU n 
1 358 ASP n 
1 359 ASN n 
1 360 ILE n 
1 361 THR n 
1 362 HIS n 
1 363 VAL n 
1 364 PRO n 
1 365 GLY n 
1 366 GLY n 
1 367 GLY n 
1 368 ASN n 
1 369 LYS n 
1 370 LYS n 
1 371 ILE n 
1 372 GLU n 
1 373 THR n 
1 374 HIS n 
1 375 LYS n 
1 376 LEU n 
1 377 THR n 
1 378 PHE n 
1 379 ARG n 
1 380 GLU n 
1 381 ASN n 
1 382 ALA n 
1 383 LYS n 
1 384 ALA n 
1 385 LYS n 
1 386 THR n 
1 387 ASP n 
1 388 HIS n 
1 389 GLY n 
1 390 ALA n 
1 391 GLU n 
1 392 ILE n 
1 393 VAL n 
1 394 TYR n 
1 395 LYS n 
1 396 SER n 
1 397 PRO n 
1 398 VAL n 
1 399 VAL n 
1 400 SER n 
1 401 GLY n 
1 402 ASP n 
1 403 THR n 
1 404 SER n 
1 405 PRO n 
1 406 ARG n 
1 407 HIS n 
1 408 LEU n 
1 409 SER n 
1 410 ASN n 
1 411 VAL n 
1 412 SER n 
1 413 SER n 
1 414 THR n 
1 415 GLY n 
1 416 SER n 
1 417 ILE n 
1 418 ASP n 
1 419 MET n 
1 420 VAL n 
1 421 ASP n 
1 422 SER n 
1 423 PRO n 
1 424 GLN n 
1 425 LEU n 
1 426 ALA n 
1 427 THR n 
1 428 LEU n 
1 429 ALA n 
1 430 ASP n 
1 431 GLU n 
1 432 VAL n 
1 433 SER n 
1 434 ALA n 
1 435 SER n 
1 436 LEU n 
1 437 ALA n 
1 438 LYS n 
1 439 GLN n 
1 440 GLY n 
1 441 LEU n 
# 
_entity_src_nat.entity_id                  1 
_entity_src_nat.pdbx_src_id                1 
_entity_src_nat.pdbx_alt_source_flag       sample 
_entity_src_nat.pdbx_beg_seq_num           1 
_entity_src_nat.pdbx_end_seq_num           441 
_entity_src_nat.common_name                human 
_entity_src_nat.pdbx_organism_scientific   'Homo sapiens' 
_entity_src_nat.pdbx_ncbi_taxonomy_id      9606 
_entity_src_nat.genus                      ? 
_entity_src_nat.species                    ? 
_entity_src_nat.strain                     ? 
_entity_src_nat.tissue                     ? 
_entity_src_nat.tissue_fraction            ? 
_entity_src_nat.pdbx_secretion             ? 
_entity_src_nat.pdbx_fragment              ? 
_entity_src_nat.pdbx_variant               ? 
_entity_src_nat.pdbx_cell_line             ? 
_entity_src_nat.pdbx_atcc                  ? 
_entity_src_nat.pdbx_cellular_location     ? 
_entity_src_nat.pdbx_organ                 ? 
_entity_src_nat.pdbx_organelle             ? 
_entity_src_nat.pdbx_cell                  ? 
_entity_src_nat.pdbx_plasmid_name          ? 
_entity_src_nat.pdbx_plasmid_details       ? 
_entity_src_nat.details                    ? 
# 
loop_
_chem_comp.id 
_chem_comp.type 
_chem_comp.mon_nstd_flag 
_chem_comp.name 
_chem_comp.pdbx_synonyms 
_chem_comp.formula 
_chem_comp.formula_weight 
ALA 'L-peptide linking' y ALANINE         ? 'C3 H7 N O2'     89.093  
ARG 'L-peptide linking' y ARGININE        ? 'C6 H15 N4 O2 1' 175.209 
ASN 'L-peptide linking' y ASPARAGINE      ? 'C4 H8 N2 O3'    132.118 
ASP 'L-peptide linking' y 'ASPARTIC ACID' ? 'C4 H7 N O4'     133.103 
CYS 'L-peptide linking' y CYSTEINE        ? 'C3 H7 N O2 S'   121.158 
GLN 'L-peptide linking' y GLUTAMINE       ? 'C5 H10 N2 O3'   146.144 
GLU 'L-peptide linking' y 'GLUTAMIC ACID' ? 'C5 H9 N O4'     147.129 
GLY 'peptide linking'   y GLYCINE         ? 'C2 H5 N O2'     75.067  
HIS 'L-peptide linking' y HISTIDINE       ? 'C6 H10 N3 O2 1' 156.162 
ILE 'L-peptide linking' y ISOLEUCINE      ? 'C6 H13 N O2'    131.173 
LEU 'L-peptide linking' y LEUCINE         ? 'C6 H13 N O2'    131.173 
LYS 'L-peptide linking' y LYSINE          ? 'C6 H15 N2 O2 1' 147.195 
MET 'L-peptide linking' y METHIONINE      ? 'C5 H11 N O2 S'  149.211 
PHE 'L-peptide linking' y PHENYLALANINE   ? 'C9 H11 N O2'    165.189 
PRO 'L-peptide linking' y PROLINE         ? 'C5 H9 N O2'     115.130 
SER 'L-peptide linking' y SERINE          ? 'C3 H7 N O3'     105.093 
THR 'L-peptide linking' y THREONINE       ? 'C4 H9 N O3'     119.119 
TYR 'L-peptide linking' y TYROSINE        ? 'C9 H11 N O3'    181.189 
VAL 'L-peptide linking' y VALINE          ? 'C5 H11 N O2'    117.146 
# 
loop_
_pdbx_poly_seq_scheme.asym_id 
_pdbx_poly_seq_scheme.entity_id 
_pdbx_poly_seq_scheme.seq_id 
_pdbx_poly_seq_scheme.mon_id 
_pdbx_poly_seq_scheme.ndb_seq_num 
_pdbx_poly_seq_scheme.pdb_seq_num 
_pdbx_poly_seq_scheme.auth_seq_num 
_pdbx_poly_seq_scheme.pdb_mon_id 
_pdbx_poly_seq_scheme.auth_mon_id 
_pdbx_poly_seq_scheme.pdb_strand_id 
_pdbx_poly_seq_scheme.pdb_ins_code 
_pdbx_poly_seq_scheme.hetero 
A 1 1   MET 1   1   ?   ?   ?   A . n 
A 1 2   ALA 2   2   ?   ?   ?   A . n 
A 1 3   GLU 3   3   ?   ?   ?   A . n 
A 1 4   PRO 4   4   ?   ?   ?   A . n 
A 1 5   ARG 5   5   ?   ?   ?   A . n 
A 1 6   GLN 6   6   ?   ?   ?   A . n 
A 1 7   GLU 7   7   ?   ?   ?   A . n 
A 1 8   PHE 8   8   ?   ?   ?   A . n 
A 1 9   GLU 9   9   ?   ?   ?   A . n 
A 1 10  VAL 10  10  ?   ?   ?   A . n 
A 1 11  MET 11  11  ?   ?   ?   A . n 
A 1 12  GLU 12  12  ?   ?   ?   A . n 
A 1 13  ASP 13  13  ?   ?   ?   A . n 
A 1 14  HIS 14  14  ?   ?   ?   A . n 
A 1 15  ALA 15  15  ?   ?   ?   A . n 
A 1 16  GLY 16  16  ?   ?   ?   A . n 
A 1 17  THR 17  17  ?   ?   ?   A . n 
A 1 18  TYR 18  18  ?   ?   ?   A . n 
A 1 19  GLY 19  19  ?   ?   ?   A . n 
A 1 20  LEU 20  20  ?   ?   ?   A . n 
A 1 21  GLY 21  21  ?   ?   ?   A . n 
A 1 22  ASP 22  22  ?   ?   ?   A . n 
A 1 23  ARG 23  23  ?   ?   ?   A . n 
A 1 24  LYS 24  24  ?   ?   ?   A . n 
A 1 25  ASP 25  25  ?   ?   ?   A . n 
A 1 26  GLN 26  26  ?   ?   ?   A . n 
A 1 27  GLY 27  27  ?   ?   ?   A . n 
A 1 28  GLY 28  28  ?   ?   ?   A . n 
A 1 29  TYR 29  29  ?   ?   ?   A . n 
A 1 30  THR 30  30  ?   ?   ?   A . n 
A 1 31  MET 31  31  ?   ?   ?   A . n 
A 1 32  HIS 32  32  ?   ?   ?   A . n 
A 1 33  GLN 33  33  ?   ?   ?   A . n 
A 1 34  ASP 34  34  ?   ?   ?   A . n 
A 1 35  GLN 35  35  ?   ?   ?   A . n 
A 1 36  GLU 36  36  ?   ?   ?   A . n 
A 1 37  GLY 37  37  ?   ?   ?   A . n 
A 1 38  ASP 38  38  ?   ?   ?   A . n 
A 1 39  THR 39  39  ?   ?   ?   A . n 
A 1 40  ASP 40  40  ?   ?   ?   A . n 
A 1 41  ALA 41  41  ?   ?   ?   A . n 
A 1 42  GLY 42  42  ?   ?   ?   A . n 
A 1 43  LEU 43  43  ?   ?   ?   A . n 
A 1 44  LYS 44  44  ?   ?   ?   A . n 
A 1 45  GLU 45  45  ?   ?   ?   A . n 
A 1 46  SER 46  46  ?   ?   ?   A . n 
A 1 47  PRO 47  47  ?   ?   ?   A . n 
A 1 48  LEU 48  48  ?   ?   ?   A . n 
A 1 49  GLN 49  49  ?   ?   ?   A . n 
A 1 50  THR 50  50  ?   ?   ?   A . n 
A 1 51  PRO 51  51  ?   ?   ?   A . n 
A 1 52  THR 52  52  ?   ?   ?   A . n 
A 1 53  GLU 53  53  ?   ?   ?   A . n 
A 1 54  ASP 54  54  ?   ?   ?   A . n 
A 1 55  GLY 55  55  ?   ?   ?   A . n 
A 1 56  SER 56  56  ?   ?   ?   A . n 
A 1 57  GLU 57  57  ?   ?   ?   A . n 
A 1 58  GLU 58  58  ?   ?   ?   A . n 
A 1 59  PRO 59  59  ?   ?   ?   A . n 
A 1 60  GLY 60  60  ?   ?   ?   A . n 
A 1 61  SER 61  61  ?   ?   ?   A . n 
A 1 62  GLU 62  62  ?   ?   ?   A . n 
A 1 63  THR 63  63  ?   ?   ?   A . n 
A 1 64  SER 64  64  ?   ?   ?   A . n 
A 1 65  ASP 65  65  ?   ?   ?   A . n 
A 1 66  ALA 66  66  ?   ?   ?   A . n 
A 1 67  LYS 67  67  ?   ?   ?   A . n 
A 1 68  SER 68  68  ?   ?   ?   A . n 
A 1 69  THR 69  69  ?   ?   ?   A . n 
A 1 70  PRO 70  70  ?   ?   ?   A . n 
A 1 71  THR 71  71  ?   ?   ?   A . n 
A 1 72  ALA 72  72  ?   ?   ?   A . n 
A 1 73  GLU 73  73  ?   ?   ?   A . n 
A 1 74  ASP 74  74  ?   ?   ?   A . n 
A 1 75  VAL 75  75  ?   ?   ?   A . n 
A 1 76  THR 76  76  ?   ?   ?   A . n 
A 1 77  ALA 77  77  ?   ?   ?   A . n 
A 1 78  PRO 78  78  ?   ?   ?   A . n 
A 1 79  LEU 79  79  ?   ?   ?   A . n 
A 1 80  VAL 80  80  ?   ?   ?   A . n 
A 1 81  ASP 81  81  ?   ?   ?   A . n 
A 1 82  GLU 82  82  ?   ?   ?   A . n 
A 1 83  GLY 83  83  ?   ?   ?   A . n 
A 1 84  ALA 84  84  ?   ?   ?   A . n 
A 1 85  PRO 85  85  ?   ?   ?   A . n 
A 1 86  GLY 86  86  ?   ?   ?   A . n 
A 1 87  LYS 87  87  ?   ?   ?   A . n 
A 1 88  GLN 88  88  ?   ?   ?   A . n 
A 1 89  ALA 89  89  ?   ?   ?   A . n 
A 1 90  ALA 90  90  ?   ?   ?   A . n 
A 1 91  ALA 91  91  ?   ?   ?   A . n 
A 1 92  GLN 92  92  ?   ?   ?   A . n 
A 1 93  PRO 93  93  ?   ?   ?   A . n 
A 1 94  HIS 94  94  ?   ?   ?   A . n 
A 1 95  THR 95  95  ?   ?   ?   A . n 
A 1 96  GLU 96  96  ?   ?   ?   A . n 
A 1 97  ILE 97  97  ?   ?   ?   A . n 
A 1 98  PRO 98  98  ?   ?   ?   A . n 
A 1 99  GLU 99  99  ?   ?   ?   A . n 
A 1 100 GLY 100 100 ?   ?   ?   A . n 
A 1 101 THR 101 101 ?   ?   ?   A . n 
A 1 102 THR 102 102 ?   ?   ?   A . n 
A 1 103 ALA 103 103 ?   ?   ?   A . n 
A 1 104 GLU 104 104 ?   ?   ?   A . n 
A 1 105 GLU 105 105 ?   ?   ?   A . n 
A 1 106 ALA 106 106 ?   ?   ?   A . n 
A 1 107 GLY 107 107 ?   ?   ?   A . n 
A 1 108 ILE 108 108 ?   ?   ?   A . n 
A 1 109 GLY 109 109 ?   ?   ?   A . n 
A 1 110 ASP 110 110 ?   ?   ?   A . n 
A 1 111 THR 111 111 ?   ?   ?   A . n 
A 1 112 PRO 112 112 ?   ?   ?   A . n 
A 1 113 SER 113 113 ?   ?   ?   A . n 
A 1 114 LEU 114 114 ?   ?   ?   A . n 
A 1 115 GLU 115 115 ?   ?   ?   A . n 
A 1 116 ASP 116 116 ?   ?   ?   A . n 
A 1 117 GLU 117 117 ?   ?   ?   A . n 
A 1 118 ALA 118 118 ?   ?   ?   A . n 
A 1 119 ALA 119 119 ?   ?   ?   A . n 
A 1 120 GLY 120 120 ?   ?   ?   A . n 
A 1 121 HIS 121 121 ?   ?   ?   A . n 
A 1 122 VAL 122 122 ?   ?   ?   A . n 
A 1 123 THR 123 123 ?   ?   ?   A . n 
A 1 124 GLN 124 124 ?   ?   ?   A . n 
A 1 125 ALA 125 125 ?   ?   ?   A . n 
A 1 126 ARG 126 126 ?   ?   ?   A . n 
A 1 127 MET 127 127 ?   ?   ?   A . n 
A 1 128 VAL 128 128 ?   ?   ?   A . n 
A 1 129 SER 129 129 ?   ?   ?   A . n 
A 1 130 LYS 130 130 ?   ?   ?   A . n 
A 1 131 SER 131 131 ?   ?   ?   A . n 
A 1 132 LYS 132 132 ?   ?   ?   A . n 
A 1 133 ASP 133 133 ?   ?   ?   A . n 
A 1 134 GLY 134 134 ?   ?   ?   A . n 
A 1 135 THR 135 135 ?   ?   ?   A . n 
A 1 136 GLY 136 136 ?   ?   ?   A . n 
A 1 137 SER 137 137 ?   ?   ?   A . n 
A 1 138 ASP 138 138 ?   ?   ?   A . n 
A 1 139 ASP 139 139 ?   ?   ?   A . n 
A 1 140 LYS 140 140 ?   ?   ?   A . n 
A 1 141 LYS 141 141 ?   ?   ?   A . n 
A 1 142 ALA 142 142 ?   ?   ?   A . n 
A 1 143 LYS 143 143 ?   ?   ?   A . n 
A 1 144 GLY 144 144 ?   ?   ?   A . n 
A 1 145 ALA 145 145 ?   ?   ?   A . n 
A 1 146 ASP 146 146 ?   ?   ?   A . n 
A 1 147 GLY 147 147 ?   ?   ?   A . n 
A 1 148 LYS 148 148 ?   ?   ?   A . n 
A 1 149 THR 149 149 ?   ?   ?   A . n 
A 1 150 LYS 150 150 ?   ?   ?   A . n 
A 1 151 ILE 151 151 ?   ?   ?   A . n 
A 1 152 ALA 152 152 ?   ?   ?   A . n 
A 1 153 THR 153 153 ?   ?   ?   A . n 
A 1 154 PRO 154 154 ?   ?   ?   A . n 
A 1 155 ARG 155 155 ?   ?   ?   A . n 
A 1 156 GLY 156 156 ?   ?   ?   A . n 
A 1 157 ALA 157 157 ?   ?   ?   A . n 
A 1 158 ALA 158 158 ?   ?   ?   A . n 
A 1 159 PRO 159 159 ?   ?   ?   A . n 
A 1 160 PRO 160 160 ?   ?   ?   A . n 
A 1 161 GLY 161 161 ?   ?   ?   A . n 
A 1 162 GLN 162 162 ?   ?   ?   A . n 
A 1 163 LYS 163 163 ?   ?   ?   A . n 
A 1 164 GLY 164 164 ?   ?   ?   A . n 
A 1 165 GLN 165 165 ?   ?   ?   A . n 
A 1 166 ALA 166 166 ?   ?   ?   A . n 
A 1 167 ASN 167 167 ?   ?   ?   A . n 
A 1 168 ALA 168 168 ?   ?   ?   A . n 
A 1 169 THR 169 169 ?   ?   ?   A . n 
A 1 170 ARG 170 170 ?   ?   ?   A . n 
A 1 171 ILE 171 171 ?   ?   ?   A . n 
A 1 172 PRO 172 172 ?   ?   ?   A . n 
A 1 173 ALA 173 173 ?   ?   ?   A . n 
A 1 174 LYS 174 174 ?   ?   ?   A . n 
A 1 175 THR 175 175 ?   ?   ?   A . n 
A 1 176 PRO 176 176 ?   ?   ?   A . n 
A 1 177 PRO 177 177 ?   ?   ?   A . n 
A 1 178 ALA 178 178 ?   ?   ?   A . n 
A 1 179 PRO 179 179 ?   ?   ?   A . n 
A 1 180 LYS 180 180 ?   ?   ?   A . n 
A 1 181 THR 181 181 ?   ?   ?   A . n 
A 1 182 PRO 182 182 ?   ?   ?   A . n 
A 1 183 PRO 183 183 ?   ?   ?   A . n 
A 1 184 SER 184 184 ?   ?   ?   A . n 
A 1 185 SER 185 185 ?   ?   ?   A . n 
A 1 186 GLY 186 186 ?   ?   ?   A . n 
A 1 187 GLU 187 187 ?   ?   ?   A . n 
A 1 188 PRO 188 188 ?   ?   ?   A . n 
A 1 189 PRO 189 189 ?   ?   ?   A . n 
A 1 190 LYS 190 190 ?   ?   ?   A . n 
A 1 191 SER 191 191 ?   ?   ?   A . n 
A 1 192 GLY 192 192 ?   ?   ?   A . n 
A 1 193 ASP 193 193 ?   ?   ?   A . n 
A 1 194 ARG 194 194 ?   ?   ?   A . n 
A 1 195 SER 195 195 ?   ?   ?   A . n 
A 1 196 GLY 196 196 ?   ?   ?   A . n 
A 1 197 TYR 197 197 ?   ?   ?   A . n 
A 1 198 SER 198 198 ?   ?   ?   A . n 
A 1 199 SER 199 199 ?   ?   ?   A . n 
A 1 200 PRO 200 200 ?   ?   ?   A . n 
A 1 201 GLY 201 201 ?   ?   ?   A . n 
A 1 202 SER 202 202 ?   ?   ?   A . n 
A 1 203 PRO 203 203 ?   ?   ?   A . n 
A 1 204 GLY 204 204 ?   ?   ?   A . n 
A 1 205 THR 205 205 ?   ?   ?   A . n 
A 1 206 PRO 206 206 ?   ?   ?   A . n 
A 1 207 GLY 207 207 ?   ?   ?   A . n 
A 1 208 SER 208 208 ?   ?   ?   A . n 
A 1 209 ARG 209 209 ?   ?   ?   A . n 
A 1 210 SER 210 210 ?   ?   ?   A . n 
A 1 211 ARG 211 211 ?   ?   ?   A . n 
A 1 212 THR 212 212 ?   ?   ?   A . n 
A 1 213 PRO 213 213 ?   ?   ?   A . n 
A 1 214 SER 214 214 ?   ?   ?   A . n 
A 1 215 LEU 215 215 ?   ?   ?   A . n 
A 1 216 PRO 216 216 ?   ?   ?   A . n 
A 1 217 THR 217 217 ?   ?   ?   A . n 
A 1 218 PRO 218 218 ?   ?   ?   A . n 
A 1 219 PRO 219 219 ?   ?   ?   A . n 
A 1 220 THR 220 220 ?   ?   ?   A . n 
A 1 221 ARG 221 221 ?   ?   ?   A . n 
A 1 222 GLU 222 222 ?   ?   ?   A . n 
A 1 223 PRO 223 223 ?   ?   ?   A . n 
A 1 224 LYS 224 224 ?   ?   ?   A . n 
A 1 225 LYS 225 225 ?   ?   ?   A . n 
A 1 226 VAL 226 226 ?   ?   ?   A . n 
A 1 227 ALA 227 227 ?   ?   ?   A . n 
A 1 228 VAL 228 228 ?   ?   ?   A . n 
A 1 229 VAL 229 229 ?   ?   ?   A . n 
A 1 230 ARG 230 230 ?   ?   ?   A . n 
A 1 231 THR 231 231 ?   ?   ?   A . n 
A 1 232 PRO 232 232 ?   ?   ?   A . n 
A 1 233 PRO 233 233 ?   ?   ?   A . n 
A 1 234 LYS 234 234 ?   ?   ?   A . n 
A 1 235 SER 235 235 ?   ?   ?   A . n 
A 1 236 PRO 236 236 ?   ?   ?   A . n 
A 1 237 SER 237 237 ?   ?   ?   A . n 
A 1 238 SER 238 238 ?   ?   ?   A . n 
A 1 239 ALA 239 239 ?   ?   ?   A . n 
A 1 240 LYS 240 240 ?   ?   ?   A . n 
A 1 241 SER 241 241 ?   ?   ?   A . n 
A 1 242 ARG 242 242 ?   ?   ?   A . n 
A 1 243 LEU 243 243 ?   ?   ?   A . n 
A 1 244 GLN 244 244 ?   ?   ?   A . n 
A 1 245 THR 245 245 ?   ?   ?   A . n 
A 1 246 ALA 246 246 ?   ?   ?   A . n 
A 1 247 PRO 247 247 ?   ?   ?   A . n 
A 1 248 VAL 248 248 ?   ?   ?   A . n 
A 1 249 PRO 249 249 ?   ?   ?   A . n 
A 1 250 MET 250 250 ?   ?   ?   A . n 
A 1 251 PRO 251 251 ?   ?   ?   A . n 
A 1 252 ASP 252 252 ?   ?   ?   A . n 
A 1 253 LEU 253 253 ?   ?   ?   A . n 
A 1 254 LYS 254 254 ?   ?   ?   A . n 
A 1 255 ASN 255 255 ?   ?   ?   A . n 
A 1 256 VAL 256 256 ?   ?   ?   A . n 
A 1 257 LYS 257 257 ?   ?   ?   A . n 
A 1 258 SER 258 258 ?   ?   ?   A . n 
A 1 259 LYS 259 259 ?   ?   ?   A . n 
A 1 260 ILE 260 260 ?   ?   ?   A . n 
A 1 261 GLY 261 261 ?   ?   ?   A . n 
A 1 262 SER 262 262 ?   ?   ?   A . n 
A 1 263 THR 263 263 ?   ?   ?   A . n 
A 1 264 GLU 264 264 ?   ?   ?   A . n 
A 1 265 ASN 265 265 ?   ?   ?   A . n 
A 1 266 LEU 266 266 ?   ?   ?   A . n 
A 1 267 LYS 267 267 ?   ?   ?   A . n 
A 1 268 HIS 268 268 ?   ?   ?   A . n 
A 1 269 GLN 269 269 ?   ?   ?   A . n 
A 1 270 PRO 270 270 ?   ?   ?   A . n 
A 1 271 GLY 271 271 ?   ?   ?   A . n 
A 1 272 GLY 272 272 ?   ?   ?   A . n 
A 1 273 GLY 273 273 ?   ?   ?   A . n 
A 1 274 LYS 274 274 ?   ?   ?   A . n 
A 1 275 VAL 275 275 ?   ?   ?   A . n 
A 1 276 GLN 276 276 ?   ?   ?   A . n 
A 1 277 ILE 277 277 ?   ?   ?   A . n 
A 1 278 ILE 278 278 ?   ?   ?   A . n 
A 1 279 ASN 279 279 ?   ?   ?   A . n 
A 1 280 LYS 280 280 ?   ?   ?   A . n 
A 1 281 LYS 281 281 ?   ?   ?   A . n 
A 1 282 LEU 282 282 ?   ?   ?   A . n 
A 1 283 ASP 283 283 ?   ?   ?   A . n 
A 1 284 LEU 284 284 ?   ?   ?   A . n 
A 1 285 SER 285 285 ?   ?   ?   A . n 
A 1 286 ASN 286 286 ?   ?   ?   A . n 
A 1 287 VAL 287 287 ?   ?   ?   A . n 
A 1 288 GLN 288 288 ?   ?   ?   A . n 
A 1 289 SER 289 289 ?   ?   ?   A . n 
A 1 290 LYS 290 290 ?   ?   ?   A . n 
A 1 291 CYS 291 291 ?   ?   ?   A . n 
A 1 292 GLY 292 292 ?   ?   ?   A . n 
A 1 293 SER 293 293 ?   ?   ?   A . n 
A 1 294 LYS 294 294 ?   ?   ?   A . n 
A 1 295 ASP 295 295 ?   ?   ?   A . n 
A 1 296 ASN 296 296 ?   ?   ?   A . n 
A 1 297 ILE 297 297 ?   ?   ?   A . n 
A 1 298 LYS 298 298 ?   ?   ?   A . n 
A 1 299 HIS 299 299 ?   ?   ?   A . n 
A 1 300 VAL 300 300 ?   ?   ?   A . n 
A 1 301 PRO 301 301 ?   ?   ?   A . n 
A 1 302 GLY 302 302 ?   ?   ?   A . n 
A 1 303 GLY 303 303 ?   ?   ?   A . n 
A 1 304 GLY 304 304 304 GLY GLY A . n 
A 1 305 SER 305 305 305 SER SER A . n 
A 1 306 VAL 306 306 306 VAL VAL A . n 
A 1 307 GLN 307 307 307 GLN GLN A . n 
A 1 308 ILE 308 308 308 ILE ILE A . n 
A 1 309 VAL 309 309 309 VAL VAL A . n 
A 1 310 TYR 310 310 310 TYR TYR A . n 
A 1 311 LYS 311 311 311 LYS LYS A . n 
A 1 312 PRO 312 312 312 PRO PRO A . n 
A 1 313 VAL 313 313 313 VAL VAL A . n 
A 1 314 ASP 314 314 314 ASP ASP A . n 
A 1 315 LEU 315 315 315 LEU LEU A . n 
A 1 316 SER 316 316 316 SER SER A . n 
A 1 317 LYS 317 317 317 LYS LYS A . n 
A 1 318 VAL 318 318 318 VAL VAL A . n 
A 1 319 THR 319 319 319 THR THR A . n 
A 1 320 SER 320 320 320 SER SER A . n 
A 1 321 LYS 321 321 321 LYS LYS A . n 
A 1 322 CYS 322 322 322 CYS CYS A . n 
A 1 323 GLY 323 323 323 GLY GLY A . n 
A 1 324 SER 324 324 324 SER SER A . n 
A 1 325 LEU 325 325 325 LEU LEU A . n 
A 1 326 GLY 326 326 326 GLY GLY A . n 
A 1 327 ASN 327 327 327 ASN ASN A . n 
A 1 328 ILE 328 328 328 ILE ILE A . n 
A 1 329 HIS 329 329 329 HIS HIS A . n 
A 1 330 HIS 330 330 330 HIS HIS A . n 
A 1 331 LYS 331 331 331 LYS LYS A . n 
A 1 332 PRO 332 332 332 PRO PRO A . n 
A 1 333 GLY 333 333 333 GLY GLY A . n 
A 1 334 GLY 334 334 334 GLY GLY A . n 
A 1 335 GLY 335 335 335 GLY GLY A . n 
A 1 336 GLN 336 336 336 GLN GLN A . n 
A 1 337 MET 337 337 337 MET MET A . y 
A 1 337 VAL 337 337 337 VAL VAL A . y 
A 1 338 GLU 338 338 338 GLU GLU A . n 
A 1 339 VAL 339 339 339 VAL VAL A . n 
A 1 340 LYS 340 340 340 LYS LYS A . n 
A 1 341 SER 341 341 341 SER SER A . n 
A 1 342 GLU 342 342 342 GLU GLU A . n 
A 1 343 LYS 343 343 343 LYS LYS A . n 
A 1 344 LEU 344 344 344 LEU LEU A . n 
A 1 345 ASP 345 345 345 ASP ASP A . n 
A 1 346 PHE 346 346 346 PHE PHE A . n 
A 1 347 LYS 347 347 347 LYS LYS A . n 
A 1 348 ASP 348 348 348 ASP ASP A . n 
A 1 349 ARG 349 349 349 ARG ARG A . n 
A 1 350 VAL 350 350 350 VAL VAL A . n 
A 1 351 GLN 351 351 351 GLN GLN A . n 
A 1 352 SER 352 352 352 SER SER A . n 
A 1 353 LYS 353 353 353 LYS LYS A . n 
A 1 354 ILE 354 354 354 ILE ILE A . n 
A 1 355 GLY 355 355 355 GLY GLY A . n 
A 1 356 SER 356 356 356 SER SER A . n 
A 1 357 LEU 357 357 357 LEU LEU A . n 
A 1 358 ASP 358 358 358 ASP ASP A . n 
A 1 359 ASN 359 359 359 ASN ASN A . n 
A 1 360 ILE 360 360 360 ILE ILE A . n 
A 1 361 THR 361 361 361 THR THR A . n 
A 1 362 HIS 362 362 362 HIS HIS A . n 
A 1 363 VAL 363 363 363 VAL VAL A . n 
A 1 364 PRO 364 364 364 PRO PRO A . n 
A 1 365 GLY 365 365 365 GLY GLY A . n 
A 1 366 GLY 366 366 366 GLY GLY A . n 
A 1 367 GLY 367 367 367 GLY GLY A . n 
A 1 368 ASN 368 368 368 ASN ASN A . n 
A 1 369 LYS 369 369 369 LYS LYS A . n 
A 1 370 LYS 370 370 370 LYS LYS A . n 
A 1 371 ILE 371 371 371 ILE ILE A . n 
A 1 372 GLU 372 372 372 GLU GLU A . n 
A 1 373 THR 373 373 373 THR THR A . n 
A 1 374 HIS 374 374 374 HIS HIS A . n 
A 1 375 LYS 375 375 375 LYS LYS A . n 
A 1 376 LEU 376 376 376 LEU LEU A . n 
A 1 377 THR 377 377 377 THR THR A . n 
A 1 378 PHE 378 378 378 PHE PHE A . n 
A 1 379 ARG 379 379 379 ARG ARG A . n 
A 1 380 GLU 380 380 380 GLU GLU A . n 
A 1 381 ASN 381 381 ?   ?   ?   A . n 
A 1 382 ALA 382 382 ?   ?   ?   A . n 
A 1 383 LYS 383 383 ?   ?   ?   A . n 
A 1 384 ALA 384 384 ?   ?   ?   A . n 
A 1 385 LYS 385 385 ?   ?   ?   A . n 
A 1 386 THR 386 386 ?   ?   ?   A . n 
A 1 387 ASP 387 387 ?   ?   ?   A . n 
A 1 388 HIS 388 388 ?   ?   ?   A . n 
A 1 389 GLY 389 389 ?   ?   ?   A . n 
A 1 390 ALA 390 390 ?   ?   ?   A . n 
A 1 391 GLU 391 391 ?   ?   ?   A . n 
A 1 392 ILE 392 392 ?   ?   ?   A . n 
A 1 393 VAL 393 393 ?   ?   ?   A . n 
A 1 394 TYR 394 394 ?   ?   ?   A . n 
A 1 395 LYS 395 395 ?   ?   ?   A . n 
A 1 396 SER 396 396 ?   ?   ?   A . n 
A 1 397 PRO 397 397 ?   ?   ?   A . n 
A 1 398 VAL 398 398 ?   ?   ?   A . n 
A 1 399 VAL 399 399 ?   ?   ?   A . n 
A 1 400 SER 400 400 ?   ?   ?   A . n 
A 1 401 GLY 401 401 ?   ?   ?   A . n 
A 1 402 ASP 402 402 ?   ?   ?   A . n 
A 1 403 THR 403 403 ?   ?   ?   A . n 
A 1 404 SER 404 404 ?   ?   ?   A . n 
A 1 405 PRO 405 405 ?   ?   ?   A . n 
A 1 406 ARG 406 406 ?   ?   ?   A . n 
A 1 407 HIS 407 407 ?   ?   ?   A . n 
A 1 408 LEU 408 408 ?   ?   ?   A . n 
A 1 409 SER 409 409 ?   ?   ?   A . n 
A 1 410 ASN 410 410 ?   ?   ?   A . n 
A 1 411 VAL 411 411 ?   ?   ?   A . n 
A 1 412 SER 412 412 ?   ?   ?   A . n 
A 1 413 SER 413 413 ?   ?   ?   A . n 
A 1 414 THR 414 414 ?   ?   ?   A . n 
A 1 415 GLY 415 415 ?   ?   ?   A . n 
A 1 416 SER 416 416 ?   ?   ?   A . n 
A 1 417 ILE 417 417 ?   ?   ?   A . n 
A 1 418 ASP 418 418 ?   ?   ?   A . n 
A 1 419 MET 419 419 ?   ?   ?   A . n 
A 1 420 VAL 420 420 ?   ?   ?   A . n 
A 1 421 ASP 421 421 ?   ?   ?   A . n 
A 1 422 SER 422 422 ?   ?   ?   A . n 
A 1 423 PRO 423 423 ?   ?   ?   A . n 
A 1 424 GLN 424 424 ?   ?   ?   A . n 
A 1 425 LEU 425 425 ?   ?   ?   A . n 
A 1 426 ALA 426 426 ?   ?   ?   A . n 
A 1 427 THR 427 427 ?   ?   ?   A . n 
A 1 428 LEU 428 428 ?   ?   ?   A . n 
A 1 429 ALA 429 429 ?   ?   ?   A . n 
A 1 430 ASP 430 430 ?   ?   ?   A . n 
A 1 431 GLU 431 431 ?   ?   ?   A . n 
A 1 432 VAL 432 432 ?   ?   ?   A . n 
A 1 433 SER 433 433 ?   ?   ?   A . n 
A 1 434 ALA 434 434 ?   ?   ?   A . n 
A 1 435 SER 435 435 ?   ?   ?   A . n 
A 1 436 LEU 436 436 ?   ?   ?   A . n 
A 1 437 ALA 437 437 ?   ?   ?   A . n 
A 1 438 LYS 438 438 ?   ?   ?   A . n 
A 1 439 GLN 439 439 ?   ?   ?   A . n 
A 1 440 GLY 440 440 ?   ?   ?   A . n 
A 1 441 LEU 441 441 ?   ?   ?   A . n 
# 
_exptl.absorpt_coefficient_mu     ? 
_exptl.absorpt_correction_T_max   ? 
_exptl.absorpt_correction_T_min   ? 
_exptl.absorpt_correction_type    ? 
_exptl.absorpt_process_details    ? 
_exptl.entry_id                   9EOE 
_exptl.crystals_number            ? 
_exptl.details                    ? 
_exptl.method                     'ELECTRON MICROSCOPY' 
_exptl.method_details             ? 
# 
_struct.entry_id                     9EOE 
_struct.title                        'TF type tau filament from V337M mutant' 
_struct.pdbx_model_details           ? 
_struct.pdbx_formula_weight          ? 
_struct.pdbx_formula_weight_method   ? 
_struct.pdbx_model_type_details      ? 
_struct.pdbx_CASP_flag               N 
# 
_struct_keywords.entry_id        9EOE 
_struct_keywords.text            'TF, tau filament, V337M, PROTEIN FIBRIL' 
_struct_keywords.pdbx_keywords   'PROTEIN FIBRIL' 
# 
_struct_asym.id                            A 
_struct_asym.pdbx_blank_PDB_chainid_flag   N 
_struct_asym.pdbx_modified                 N 
_struct_asym.entity_id                     1 
_struct_asym.details                       ? 
# 
_struct_ref.id                         1 
_struct_ref.db_name                    UNP 
_struct_ref.db_code                    TAU_HUMAN 
_struct_ref.pdbx_db_accession          P10636 
_struct_ref.pdbx_db_isoform            P10636-8 
_struct_ref.entity_id                  1 
_struct_ref.pdbx_seq_one_letter_code   
;MAEPRQEFEVMEDHAGTYGLGDRKDQGGYTMHQDQEGDTDAGLKESPLQTPTEDGSEEPGSETSDAKSTPTAEDVTAPLV
DEGAPGKQAAAQPHTEIPEGTTAEEAGIGDTPSLEDEAAGHVTQARMVSKSKDGTGSDDKKAKGADGKTKIATPRGAAPP
GQKGQANATRIPAKTPPAPKTPPSSGEPPKSGDRSGYSSPGSPGTPGSRSRTPSLPTPPTREPKKVAVVRTPPKSPSSAK
SRLQTAPVPMPDLKNVKSKIGSTENLKHQPGGGKVQIINKKLDLSNVQSKCGSKDNIKHVPGGGSVQIVYKPVDLSKVTS
KCGSLGNIHHKPGGGQVEVKSEKLDFKDRVQSKIGSLDNITHVPGGGNKKIETHKLTFRENAKAKTDHGAEIVYKSPVVS
GDTSPRHLSNVSSTGSIDMVDSPQLATLADEVSASLAKQGL
;
_struct_ref.pdbx_align_begin           1 
# 
_struct_ref_seq.align_id                      1 
_struct_ref_seq.ref_id                        1 
_struct_ref_seq.pdbx_PDB_id_code              9EOE 
_struct_ref_seq.pdbx_strand_id                A 
_struct_ref_seq.seq_align_beg                 1 
_struct_ref_seq.pdbx_seq_align_beg_ins_code   ? 
_struct_ref_seq.seq_align_end                 441 
_struct_ref_seq.pdbx_seq_align_end_ins_code   ? 
_struct_ref_seq.pdbx_db_accession             P10636 
_struct_ref_seq.db_align_beg                  1 
_struct_ref_seq.pdbx_db_align_beg_ins_code    ? 
_struct_ref_seq.db_align_end                  441 
_struct_ref_seq.pdbx_db_align_end_ins_code    ? 
_struct_ref_seq.pdbx_auth_seq_align_beg       1 
_struct_ref_seq.pdbx_auth_seq_align_end       441 
# 
_struct_ref_seq_dif.align_id                     1 
_struct_ref_seq_dif.pdbx_pdb_id_code             9EOE 
_struct_ref_seq_dif.mon_id                       MET 
_struct_ref_seq_dif.pdbx_pdb_strand_id           A 
_struct_ref_seq_dif.seq_num                      337 
_struct_ref_seq_dif.pdbx_pdb_ins_code            ? 
_struct_ref_seq_dif.pdbx_seq_db_name             UNP 
_struct_ref_seq_dif.pdbx_seq_db_accession_code   P10636 
_struct_ref_seq_dif.db_mon_id                    VAL 
_struct_ref_seq_dif.pdbx_seq_db_seq_num          337 
_struct_ref_seq_dif.details                      variant 
_struct_ref_seq_dif.pdbx_auth_seq_num            337 
_struct_ref_seq_dif.pdbx_ordinal                 1 
# 
_pdbx_struct_assembly.id                   1 
_pdbx_struct_assembly.details              author_and_software_defined_assembly 
_pdbx_struct_assembly.method_details       ? 
_pdbx_struct_assembly.oligomeric_details   dimeric 
_pdbx_struct_assembly.oligomeric_count     2 
# 
_pdbx_struct_assembly_gen.assembly_id       1 
_pdbx_struct_assembly_gen.oper_expression   1 
_pdbx_struct_assembly_gen.asym_id_list      A 
# 
_pdbx_struct_assembly_auth_evidence.id                     1 
_pdbx_struct_assembly_auth_evidence.assembly_id            1 
_pdbx_struct_assembly_auth_evidence.experimental_support   'electron microscopy' 
_pdbx_struct_assembly_auth_evidence.details                'not applicable' 
# 
_pdbx_struct_oper_list.id                   1 
_pdbx_struct_oper_list.type                 'identity operation' 
_pdbx_struct_oper_list.name                 1_555 
_pdbx_struct_oper_list.symmetry_operation   x,y,z 
_pdbx_struct_oper_list.matrix[1][1]         1.0 
_pdbx_struct_oper_list.matrix[1][2]         0.0 
_pdbx_struct_oper_list.matrix[1][3]         0.0 
_pdbx_struct_oper_list.vector[1]            0.0 
_pdbx_struct_oper_list.matrix[2][1]         0.0 
_pdbx_struct_oper_list.matrix[2][2]         1.0 
_pdbx_struct_oper_list.matrix[2][3]         0.0 
_pdbx_struct_oper_list.vector[2]            0.0 
_pdbx_struct_oper_list.matrix[3][1]         0.0 
_pdbx_struct_oper_list.matrix[3][2]         0.0 
_pdbx_struct_oper_list.matrix[3][3]         1.0 
_pdbx_struct_oper_list.vector[3]            0.0 
# 
_pdbx_entry_details.entry_id                   9EOE 
_pdbx_entry_details.compound_details           ? 
_pdbx_entry_details.source_details             ? 
_pdbx_entry_details.nonpolymer_details         ? 
_pdbx_entry_details.sequence_details           ? 
_pdbx_entry_details.has_ligand_of_interest     ? 
_pdbx_entry_details.has_protein_modification   N 
# 
_pdbx_validate_torsion.id              1 
_pdbx_validate_torsion.PDB_model_num   1 
_pdbx_validate_torsion.auth_comp_id    ASP 
_pdbx_validate_torsion.auth_asym_id    A 
_pdbx_validate_torsion.auth_seq_id     348 
_pdbx_validate_torsion.PDB_ins_code    ? 
_pdbx_validate_torsion.label_alt_id    ? 
_pdbx_validate_torsion.phi             63.83 
_pdbx_validate_torsion.psi             77.54 
# 
_em_3d_fitting.id                1 
_em_3d_fitting.entry_id          9EOE 
_em_3d_fitting.method            ? 
_em_3d_fitting.target_criteria   ? 
_em_3d_fitting.details           ? 
_em_3d_fitting.overall_b_value   ? 
_em_3d_fitting.ref_space         ? 
_em_3d_fitting.ref_protocol      ? 
# 
_em_3d_reconstruction.entry_id                    9EOE 
_em_3d_reconstruction.id                          1 
_em_3d_reconstruction.method                      ? 
_em_3d_reconstruction.algorithm                   ? 
_em_3d_reconstruction.citation_id                 ? 
_em_3d_reconstruction.details                     ? 
_em_3d_reconstruction.resolution                  2.3 
_em_3d_reconstruction.resolution_method           'FSC 0.143 CUT-OFF' 
_em_3d_reconstruction.magnification_calibration   ? 
_em_3d_reconstruction.nominal_pixel_size          ? 
_em_3d_reconstruction.actual_pixel_size           ? 
_em_3d_reconstruction.num_particles               104579 
_em_3d_reconstruction.euler_angles_details        ? 
_em_3d_reconstruction.num_class_averages          ? 
_em_3d_reconstruction.refinement_type             ? 
_em_3d_reconstruction.image_processing_id         1 
_em_3d_reconstruction.symmetry_type               HELICAL 
# 
_em_buffer.id            1 
_em_buffer.specimen_id   1 
_em_buffer.name          ? 
_em_buffer.details       ? 
_em_buffer.pH            8 
# 
_em_entity_assembly.id                   1 
_em_entity_assembly.parent_id            0 
_em_entity_assembly.source               NATURAL 
_em_entity_assembly.type                 COMPLEX 
_em_entity_assembly.name                 'TF tau filament from mutant V337M' 
_em_entity_assembly.details              ? 
_em_entity_assembly.synonym              ? 
_em_entity_assembly.oligomeric_details   ? 
_em_entity_assembly.entity_id_list       1 
# 
_em_imaging.entry_id                        9EOE 
_em_imaging.id                              1 
_em_imaging.astigmatism                     ? 
_em_imaging.electron_beam_tilt_params       ? 
_em_imaging.residual_tilt                   ? 
_em_imaging.microscope_model                'FEI TITAN KRIOS' 
_em_imaging.specimen_holder_type            ? 
_em_imaging.specimen_holder_model           ? 
_em_imaging.details                         ? 
_em_imaging.date                            ? 
_em_imaging.accelerating_voltage            300 
_em_imaging.illumination_mode               'FLOOD BEAM' 
_em_imaging.mode                            'BRIGHT FIELD' 
_em_imaging.nominal_cs                      ? 
_em_imaging.nominal_defocus_min             1000 
_em_imaging.nominal_defocus_max             2000 
_em_imaging.calibrated_defocus_min          ? 
_em_imaging.calibrated_defocus_max          ? 
_em_imaging.tilt_angle_min                  ? 
_em_imaging.tilt_angle_max                  ? 
_em_imaging.nominal_magnification           ? 
_em_imaging.calibrated_magnification        ? 
_em_imaging.electron_source                 'FIELD EMISSION GUN' 
_em_imaging.citation_id                     ? 
_em_imaging.temperature                     ? 
_em_imaging.detector_distance               ? 
_em_imaging.recording_temperature_minimum   ? 
_em_imaging.recording_temperature_maximum   ? 
_em_imaging.alignment_procedure             ? 
_em_imaging.c2_aperture_diameter            ? 
_em_imaging.specimen_id                     1 
_em_imaging.cryogen                         ? 
# 
_em_vitrification.entry_id              9EOE 
_em_vitrification.id                    1 
_em_vitrification.specimen_id           1 
_em_vitrification.cryogen_name          ETHANE 
_em_vitrification.humidity              ? 
_em_vitrification.temp                  ? 
_em_vitrification.chamber_temperature   ? 
_em_vitrification.instrument            ? 
_em_vitrification.method                ? 
_em_vitrification.time_resolved_state   ? 
_em_vitrification.citation_id           ? 
_em_vitrification.details               ? 
# 
_em_experiment.entry_id                9EOE 
_em_experiment.id                      1 
_em_experiment.reconstruction_method   HELICAL 
_em_experiment.aggregation_state       FILAMENT 
_em_experiment.entity_assembly_id      1 
# 
loop_
_pdbx_unobs_or_zero_occ_residues.id 
_pdbx_unobs_or_zero_occ_residues.PDB_model_num 
_pdbx_unobs_or_zero_occ_residues.polymer_flag 
_pdbx_unobs_or_zero_occ_residues.occupancy_flag 
_pdbx_unobs_or_zero_occ_residues.auth_asym_id 
_pdbx_unobs_or_zero_occ_residues.auth_comp_id 
_pdbx_unobs_or_zero_occ_residues.auth_seq_id 
_pdbx_unobs_or_zero_occ_residues.PDB_ins_code 
_pdbx_unobs_or_zero_occ_residues.label_asym_id 
_pdbx_unobs_or_zero_occ_residues.label_comp_id 
_pdbx_unobs_or_zero_occ_residues.label_seq_id 
1   1 Y 1 A MET 1   ? A MET 1   
2   1 Y 1 A ALA 2   ? A ALA 2   
3   1 Y 1 A GLU 3   ? A GLU 3   
4   1 Y 1 A PRO 4   ? A PRO 4   
5   1 Y 1 A ARG 5   ? A ARG 5   
6   1 Y 1 A GLN 6   ? A GLN 6   
7   1 Y 1 A GLU 7   ? A GLU 7   
8   1 Y 1 A PHE 8   ? A PHE 8   
9   1 Y 1 A GLU 9   ? A GLU 9   
10  1 Y 1 A VAL 10  ? A VAL 10  
11  1 Y 1 A MET 11  ? A MET 11  
12  1 Y 1 A GLU 12  ? A GLU 12  
13  1 Y 1 A ASP 13  ? A ASP 13  
14  1 Y 1 A HIS 14  ? A HIS 14  
15  1 Y 1 A ALA 15  ? A ALA 15  
16  1 Y 1 A GLY 16  ? A GLY 16  
17  1 Y 1 A THR 17  ? A THR 17  
18  1 Y 1 A TYR 18  ? A TYR 18  
19  1 Y 1 A GLY 19  ? A GLY 19  
20  1 Y 1 A LEU 20  ? A LEU 20  
21  1 Y 1 A GLY 21  ? A GLY 21  
22  1 Y 1 A ASP 22  ? A ASP 22  
23  1 Y 1 A ARG 23  ? A ARG 23  
24  1 Y 1 A LYS 24  ? A LYS 24  
25  1 Y 1 A ASP 25  ? A ASP 25  
26  1 Y 1 A GLN 26  ? A GLN 26  
27  1 Y 1 A GLY 27  ? A GLY 27  
28  1 Y 1 A GLY 28  ? A GLY 28  
29  1 Y 1 A TYR 29  ? A TYR 29  
30  1 Y 1 A THR 30  ? A THR 30  
31  1 Y 1 A MET 31  ? A MET 31  
32  1 Y 1 A HIS 32  ? A HIS 32  
33  1 Y 1 A GLN 33  ? A GLN 33  
34  1 Y 1 A ASP 34  ? A ASP 34  
35  1 Y 1 A GLN 35  ? A GLN 35  
36  1 Y 1 A GLU 36  ? A GLU 36  
37  1 Y 1 A GLY 37  ? A GLY 37  
38  1 Y 1 A ASP 38  ? A ASP 38  
39  1 Y 1 A THR 39  ? A THR 39  
40  1 Y 1 A ASP 40  ? A ASP 40  
41  1 Y 1 A ALA 41  ? A ALA 41  
42  1 Y 1 A GLY 42  ? A GLY 42  
43  1 Y 1 A LEU 43  ? A LEU 43  
44  1 Y 1 A LYS 44  ? A LYS 44  
45  1 Y 1 A GLU 45  ? A GLU 45  
46  1 Y 1 A SER 46  ? A SER 46  
47  1 Y 1 A PRO 47  ? A PRO 47  
48  1 Y 1 A LEU 48  ? A LEU 48  
49  1 Y 1 A GLN 49  ? A GLN 49  
50  1 Y 1 A THR 50  ? A THR 50  
51  1 Y 1 A PRO 51  ? A PRO 51  
52  1 Y 1 A THR 52  ? A THR 52  
53  1 Y 1 A GLU 53  ? A GLU 53  
54  1 Y 1 A ASP 54  ? A ASP 54  
55  1 Y 1 A GLY 55  ? A GLY 55  
56  1 Y 1 A SER 56  ? A SER 56  
57  1 Y 1 A GLU 57  ? A GLU 57  
58  1 Y 1 A GLU 58  ? A GLU 58  
59  1 Y 1 A PRO 59  ? A PRO 59  
60  1 Y 1 A GLY 60  ? A GLY 60  
61  1 Y 1 A SER 61  ? A SER 61  
62  1 Y 1 A GLU 62  ? A GLU 62  
63  1 Y 1 A THR 63  ? A THR 63  
64  1 Y 1 A SER 64  ? A SER 64  
65  1 Y 1 A ASP 65  ? A ASP 65  
66  1 Y 1 A ALA 66  ? A ALA 66  
67  1 Y 1 A LYS 67  ? A LYS 67  
68  1 Y 1 A SER 68  ? A SER 68  
69  1 Y 1 A THR 69  ? A THR 69  
70  1 Y 1 A PRO 70  ? A PRO 70  
71  1 Y 1 A THR 71  ? A THR 71  
72  1 Y 1 A ALA 72  ? A ALA 72  
73  1 Y 1 A GLU 73  ? A GLU 73  
74  1 Y 1 A ASP 74  ? A ASP 74  
75  1 Y 1 A VAL 75  ? A VAL 75  
76  1 Y 1 A THR 76  ? A THR 76  
77  1 Y 1 A ALA 77  ? A ALA 77  
78  1 Y 1 A PRO 78  ? A PRO 78  
79  1 Y 1 A LEU 79  ? A LEU 79  
80  1 Y 1 A VAL 80  ? A VAL 80  
81  1 Y 1 A ASP 81  ? A ASP 81  
82  1 Y 1 A GLU 82  ? A GLU 82  
83  1 Y 1 A GLY 83  ? A GLY 83  
84  1 Y 1 A ALA 84  ? A ALA 84  
85  1 Y 1 A PRO 85  ? A PRO 85  
86  1 Y 1 A GLY 86  ? A GLY 86  
87  1 Y 1 A LYS 87  ? A LYS 87  
88  1 Y 1 A GLN 88  ? A GLN 88  
89  1 Y 1 A ALA 89  ? A ALA 89  
90  1 Y 1 A ALA 90  ? A ALA 90  
91  1 Y 1 A ALA 91  ? A ALA 91  
92  1 Y 1 A GLN 92  ? A GLN 92  
93  1 Y 1 A PRO 93  ? A PRO 93  
94  1 Y 1 A HIS 94  ? A HIS 94  
95  1 Y 1 A THR 95  ? A THR 95  
96  1 Y 1 A GLU 96  ? A GLU 96  
97  1 Y 1 A ILE 97  ? A ILE 97  
98  1 Y 1 A PRO 98  ? A PRO 98  
99  1 Y 1 A GLU 99  ? A GLU 99  
100 1 Y 1 A GLY 100 ? A GLY 100 
101 1 Y 1 A THR 101 ? A THR 101 
102 1 Y 1 A THR 102 ? A THR 102 
103 1 Y 1 A ALA 103 ? A ALA 103 
104 1 Y 1 A GLU 104 ? A GLU 104 
105 1 Y 1 A GLU 105 ? A GLU 105 
106 1 Y 1 A ALA 106 ? A ALA 106 
107 1 Y 1 A GLY 107 ? A GLY 107 
108 1 Y 1 A ILE 108 ? A ILE 108 
109 1 Y 1 A GLY 109 ? A GLY 109 
110 1 Y 1 A ASP 110 ? A ASP 110 
111 1 Y 1 A THR 111 ? A THR 111 
112 1 Y 1 A PRO 112 ? A PRO 112 
113 1 Y 1 A SER 113 ? A SER 113 
114 1 Y 1 A LEU 114 ? A LEU 114 
115 1 Y 1 A GLU 115 ? A GLU 115 
116 1 Y 1 A ASP 116 ? A ASP 116 
117 1 Y 1 A GLU 117 ? A GLU 117 
118 1 Y 1 A ALA 118 ? A ALA 118 
119 1 Y 1 A ALA 119 ? A ALA 119 
120 1 Y 1 A GLY 120 ? A GLY 120 
121 1 Y 1 A HIS 121 ? A HIS 121 
122 1 Y 1 A VAL 122 ? A VAL 122 
123 1 Y 1 A THR 123 ? A THR 123 
124 1 Y 1 A GLN 124 ? A GLN 124 
125 1 Y 1 A ALA 125 ? A ALA 125 
126 1 Y 1 A ARG 126 ? A ARG 126 
127 1 Y 1 A MET 127 ? A MET 127 
128 1 Y 1 A VAL 128 ? A VAL 128 
129 1 Y 1 A SER 129 ? A SER 129 
130 1 Y 1 A LYS 130 ? A LYS 130 
131 1 Y 1 A SER 131 ? A SER 131 
132 1 Y 1 A LYS 132 ? A LYS 132 
133 1 Y 1 A ASP 133 ? A ASP 133 
134 1 Y 1 A GLY 134 ? A GLY 134 
135 1 Y 1 A THR 135 ? A THR 135 
136 1 Y 1 A GLY 136 ? A GLY 136 
137 1 Y 1 A SER 137 ? A SER 137 
138 1 Y 1 A ASP 138 ? A ASP 138 
139 1 Y 1 A ASP 139 ? A ASP 139 
140 1 Y 1 A LYS 140 ? A LYS 140 
141 1 Y 1 A LYS 141 ? A LYS 141 
142 1 Y 1 A ALA 142 ? A ALA 142 
143 1 Y 1 A LYS 143 ? A LYS 143 
144 1 Y 1 A GLY 144 ? A GLY 144 
145 1 Y 1 A ALA 145 ? A ALA 145 
146 1 Y 1 A ASP 146 ? A ASP 146 
147 1 Y 1 A GLY 147 ? A GLY 147 
148 1 Y 1 A LYS 148 ? A LYS 148 
149 1 Y 1 A THR 149 ? A THR 149 
150 1 Y 1 A LYS 150 ? A LYS 150 
151 1 Y 1 A ILE 151 ? A ILE 151 
152 1 Y 1 A ALA 152 ? A ALA 152 
153 1 Y 1 A THR 153 ? A THR 153 
154 1 Y 1 A PRO 154 ? A PRO 154 
155 1 Y 1 A ARG 155 ? A ARG 155 
156 1 Y 1 A GLY 156 ? A GLY 156 
157 1 Y 1 A ALA 157 ? A ALA 157 
158 1 Y 1 A ALA 158 ? A ALA 158 
159 1 Y 1 A PRO 159 ? A PRO 159 
160 1 Y 1 A PRO 160 ? A PRO 160 
161 1 Y 1 A GLY 161 ? A GLY 161 
162 1 Y 1 A GLN 162 ? A GLN 162 
163 1 Y 1 A LYS 163 ? A LYS 163 
164 1 Y 1 A GLY 164 ? A GLY 164 
165 1 Y 1 A GLN 165 ? A GLN 165 
166 1 Y 1 A ALA 166 ? A ALA 166 
167 1 Y 1 A ASN 167 ? A ASN 167 
168 1 Y 1 A ALA 168 ? A ALA 168 
169 1 Y 1 A THR 169 ? A THR 169 
170 1 Y 1 A ARG 170 ? A ARG 170 
171 1 Y 1 A ILE 171 ? A ILE 171 
172 1 Y 1 A PRO 172 ? A PRO 172 
173 1 Y 1 A ALA 173 ? A ALA 173 
174 1 Y 1 A LYS 174 ? A LYS 174 
175 1 Y 1 A THR 175 ? A THR 175 
176 1 Y 1 A PRO 176 ? A PRO 176 
177 1 Y 1 A PRO 177 ? A PRO 177 
178 1 Y 1 A ALA 178 ? A ALA 178 
179 1 Y 1 A PRO 179 ? A PRO 179 
180 1 Y 1 A LYS 180 ? A LYS 180 
181 1 Y 1 A THR 181 ? A THR 181 
182 1 Y 1 A PRO 182 ? A PRO 182 
183 1 Y 1 A PRO 183 ? A PRO 183 
184 1 Y 1 A SER 184 ? A SER 184 
185 1 Y 1 A SER 185 ? A SER 185 
186 1 Y 1 A GLY 186 ? A GLY 186 
187 1 Y 1 A GLU 187 ? A GLU 187 
188 1 Y 1 A PRO 188 ? A PRO 188 
189 1 Y 1 A PRO 189 ? A PRO 189 
190 1 Y 1 A LYS 190 ? A LYS 190 
191 1 Y 1 A SER 191 ? A SER 191 
192 1 Y 1 A GLY 192 ? A GLY 192 
193 1 Y 1 A ASP 193 ? A ASP 193 
194 1 Y 1 A ARG 194 ? A ARG 194 
195 1 Y 1 A SER 195 ? A SER 195 
196 1 Y 1 A GLY 196 ? A GLY 196 
197 1 Y 1 A TYR 197 ? A TYR 197 
198 1 Y 1 A SER 198 ? A SER 198 
199 1 Y 1 A SER 199 ? A SER 199 
200 1 Y 1 A PRO 200 ? A PRO 200 
201 1 Y 1 A GLY 201 ? A GLY 201 
202 1 Y 1 A SER 202 ? A SER 202 
203 1 Y 1 A PRO 203 ? A PRO 203 
204 1 Y 1 A GLY 204 ? A GLY 204 
205 1 Y 1 A THR 205 ? A THR 205 
206 1 Y 1 A PRO 206 ? A PRO 206 
207 1 Y 1 A GLY 207 ? A GLY 207 
208 1 Y 1 A SER 208 ? A SER 208 
209 1 Y 1 A ARG 209 ? A ARG 209 
210 1 Y 1 A SER 210 ? A SER 210 
211 1 Y 1 A ARG 211 ? A ARG 211 
212 1 Y 1 A THR 212 ? A THR 212 
213 1 Y 1 A PRO 213 ? A PRO 213 
214 1 Y 1 A SER 214 ? A SER 214 
215 1 Y 1 A LEU 215 ? A LEU 215 
216 1 Y 1 A PRO 216 ? A PRO 216 
217 1 Y 1 A THR 217 ? A THR 217 
218 1 Y 1 A PRO 218 ? A PRO 218 
219 1 Y 1 A PRO 219 ? A PRO 219 
220 1 Y 1 A THR 220 ? A THR 220 
221 1 Y 1 A ARG 221 ? A ARG 221 
222 1 Y 1 A GLU 222 ? A GLU 222 
223 1 Y 1 A PRO 223 ? A PRO 223 
224 1 Y 1 A LYS 224 ? A LYS 224 
225 1 Y 1 A LYS 225 ? A LYS 225 
226 1 Y 1 A VAL 226 ? A VAL 226 
227 1 Y 1 A ALA 227 ? A ALA 227 
228 1 Y 1 A VAL 228 ? A VAL 228 
229 1 Y 1 A VAL 229 ? A VAL 229 
230 1 Y 1 A ARG 230 ? A ARG 230 
231 1 Y 1 A THR 231 ? A THR 231 
232 1 Y 1 A PRO 232 ? A PRO 232 
233 1 Y 1 A PRO 233 ? A PRO 233 
234 1 Y 1 A LYS 234 ? A LYS 234 
235 1 Y 1 A SER 235 ? A SER 235 
236 1 Y 1 A PRO 236 ? A PRO 236 
237 1 Y 1 A SER 237 ? A SER 237 
238 1 Y 1 A SER 238 ? A SER 238 
239 1 Y 1 A ALA 239 ? A ALA 239 
240 1 Y 1 A LYS 240 ? A LYS 240 
241 1 Y 1 A SER 241 ? A SER 241 
242 1 Y 1 A ARG 242 ? A ARG 242 
243 1 Y 1 A LEU 243 ? A LEU 243 
244 1 Y 1 A GLN 244 ? A GLN 244 
245 1 Y 1 A THR 245 ? A THR 245 
246 1 Y 1 A ALA 246 ? A ALA 246 
247 1 Y 1 A PRO 247 ? A PRO 247 
248 1 Y 1 A VAL 248 ? A VAL 248 
249 1 Y 1 A PRO 249 ? A PRO 249 
250 1 Y 1 A MET 250 ? A MET 250 
251 1 Y 1 A PRO 251 ? A PRO 251 
252 1 Y 1 A ASP 252 ? A ASP 252 
253 1 Y 1 A LEU 253 ? A LEU 253 
254 1 Y 1 A LYS 254 ? A LYS 254 
255 1 Y 1 A ASN 255 ? A ASN 255 
256 1 Y 1 A VAL 256 ? A VAL 256 
257 1 Y 1 A LYS 257 ? A LYS 257 
258 1 Y 1 A SER 258 ? A SER 258 
259 1 Y 1 A LYS 259 ? A LYS 259 
260 1 Y 1 A ILE 260 ? A ILE 260 
261 1 Y 1 A GLY 261 ? A GLY 261 
262 1 Y 1 A SER 262 ? A SER 262 
263 1 Y 1 A THR 263 ? A THR 263 
264 1 Y 1 A GLU 264 ? A GLU 264 
265 1 Y 1 A ASN 265 ? A ASN 265 
266 1 Y 1 A LEU 266 ? A LEU 266 
267 1 Y 1 A LYS 267 ? A LYS 267 
268 1 Y 1 A HIS 268 ? A HIS 268 
269 1 Y 1 A GLN 269 ? A GLN 269 
270 1 Y 1 A PRO 270 ? A PRO 270 
271 1 Y 1 A GLY 271 ? A GLY 271 
272 1 Y 1 A GLY 272 ? A GLY 272 
273 1 Y 1 A GLY 273 ? A GLY 273 
274 1 Y 1 A LYS 274 ? A LYS 274 
275 1 Y 1 A VAL 275 ? A VAL 275 
276 1 Y 1 A GLN 276 ? A GLN 276 
277 1 Y 1 A ILE 277 ? A ILE 277 
278 1 Y 1 A ILE 278 ? A ILE 278 
279 1 Y 1 A ASN 279 ? A ASN 279 
280 1 Y 1 A LYS 280 ? A LYS 280 
281 1 Y 1 A LYS 281 ? A LYS 281 
282 1 Y 1 A LEU 282 ? A LEU 282 
283 1 Y 1 A ASP 283 ? A ASP 283 
284 1 Y 1 A LEU 284 ? A LEU 284 
285 1 Y 1 A SER 285 ? A SER 285 
286 1 Y 1 A ASN 286 ? A ASN 286 
287 1 Y 1 A VAL 287 ? A VAL 287 
288 1 Y 1 A GLN 288 ? A GLN 288 
289 1 Y 1 A SER 289 ? A SER 289 
290 1 Y 1 A LYS 290 ? A LYS 290 
291 1 Y 1 A CYS 291 ? A CYS 291 
292 1 Y 1 A GLY 292 ? A GLY 292 
293 1 Y 1 A SER 293 ? A SER 293 
294 1 Y 1 A LYS 294 ? A LYS 294 
295 1 Y 1 A ASP 295 ? A ASP 295 
296 1 Y 1 A ASN 296 ? A ASN 296 
297 1 Y 1 A ILE 297 ? A ILE 297 
298 1 Y 1 A LYS 298 ? A LYS 298 
299 1 Y 1 A HIS 299 ? A HIS 299 
300 1 Y 1 A VAL 300 ? A VAL 300 
301 1 Y 1 A PRO 301 ? A PRO 301 
302 1 Y 1 A GLY 302 ? A GLY 302 
303 1 Y 1 A GLY 303 ? A GLY 303 
304 1 Y 1 A ASN 381 ? A ASN 381 
305 1 Y 1 A ALA 382 ? A ALA 382 
306 1 Y 1 A LYS 383 ? A LYS 383 
307 1 Y 1 A ALA 384 ? A ALA 384 
308 1 Y 1 A LYS 385 ? A LYS 385 
309 1 Y 1 A THR 386 ? A THR 386 
310 1 Y 1 A ASP 387 ? A ASP 387 
311 1 Y 1 A HIS 388 ? A HIS 388 
312 1 Y 1 A GLY 389 ? A GLY 389 
313 1 Y 1 A ALA 390 ? A ALA 390 
314 1 Y 1 A GLU 391 ? A GLU 391 
315 1 Y 1 A ILE 392 ? A ILE 392 
316 1 Y 1 A VAL 393 ? A VAL 393 
317 1 Y 1 A TYR 394 ? A TYR 394 
318 1 Y 1 A LYS 395 ? A LYS 395 
319 1 Y 1 A SER 396 ? A SER 396 
320 1 Y 1 A PRO 397 ? A PRO 397 
321 1 Y 1 A VAL 398 ? A VAL 398 
322 1 Y 1 A VAL 399 ? A VAL 399 
323 1 Y 1 A SER 400 ? A SER 400 
324 1 Y 1 A GLY 401 ? A GLY 401 
325 1 Y 1 A ASP 402 ? A ASP 402 
326 1 Y 1 A THR 403 ? A THR 403 
327 1 Y 1 A SER 404 ? A SER 404 
328 1 Y 1 A PRO 405 ? A PRO 405 
329 1 Y 1 A ARG 406 ? A ARG 406 
330 1 Y 1 A HIS 407 ? A HIS 407 
331 1 Y 1 A LEU 408 ? A LEU 408 
332 1 Y 1 A SER 409 ? A SER 409 
333 1 Y 1 A ASN 410 ? A ASN 410 
334 1 Y 1 A VAL 411 ? A VAL 411 
335 1 Y 1 A SER 412 ? A SER 412 
336 1 Y 1 A SER 413 ? A SER 413 
337 1 Y 1 A THR 414 ? A THR 414 
338 1 Y 1 A GLY 415 ? A GLY 415 
339 1 Y 1 A SER 416 ? A SER 416 
340 1 Y 1 A ILE 417 ? A ILE 417 
341 1 Y 1 A ASP 418 ? A ASP 418 
342 1 Y 1 A MET 419 ? A MET 419 
343 1 Y 1 A VAL 420 ? A VAL 420 
344 1 Y 1 A ASP 421 ? A ASP 421 
345 1 Y 1 A SER 422 ? A SER 422 
346 1 Y 1 A PRO 423 ? A PRO 423 
347 1 Y 1 A GLN 424 ? A GLN 424 
348 1 Y 1 A LEU 425 ? A LEU 425 
349 1 Y 1 A ALA 426 ? A ALA 426 
350 1 Y 1 A THR 427 ? A THR 427 
351 1 Y 1 A LEU 428 ? A LEU 428 
352 1 Y 1 A ALA 429 ? A ALA 429 
353 1 Y 1 A ASP 430 ? A ASP 430 
354 1 Y 1 A GLU 431 ? A GLU 431 
355 1 Y 1 A VAL 432 ? A VAL 432 
356 1 Y 1 A SER 433 ? A SER 433 
357 1 Y 1 A ALA 434 ? A ALA 434 
358 1 Y 1 A SER 435 ? A SER 435 
359 1 Y 1 A LEU 436 ? A LEU 436 
360 1 Y 1 A ALA 437 ? A ALA 437 
361 1 Y 1 A LYS 438 ? A LYS 438 
362 1 Y 1 A GLN 439 ? A GLN 439 
363 1 Y 1 A GLY 440 ? A GLY 440 
364 1 Y 1 A LEU 441 ? A LEU 441 
# 
loop_
_chem_comp_atom.comp_id 
_chem_comp_atom.atom_id 
_chem_comp_atom.type_symbol 
_chem_comp_atom.pdbx_aromatic_flag 
_chem_comp_atom.pdbx_stereo_config 
_chem_comp_atom.pdbx_ordinal 
ALA N    N N N 1   
ALA CA   C N S 2   
ALA C    C N N 3   
ALA O    O N N 4   
ALA CB   C N N 5   
ALA OXT  O N N 6   
ALA H    H N N 7   
ALA H2   H N N 8   
ALA HA   H N N 9   
ALA HB1  H N N 10  
ALA HB2  H N N 11  
ALA HB3  H N N 12  
ALA HXT  H N N 13  
ARG N    N N N 14  
ARG CA   C N S 15  
ARG C    C N N 16  
ARG O    O N N 17  
ARG CB   C N N 18  
ARG CG   C N N 19  
ARG CD   C N N 20  
ARG NE   N N N 21  
ARG CZ   C N N 22  
ARG NH1  N N N 23  
ARG NH2  N N N 24  
ARG OXT  O N N 25  
ARG H    H N N 26  
ARG H2   H N N 27  
ARG HA   H N N 28  
ARG HB2  H N N 29  
ARG HB3  H N N 30  
ARG HG2  H N N 31  
ARG HG3  H N N 32  
ARG HD2  H N N 33  
ARG HD3  H N N 34  
ARG HE   H N N 35  
ARG HH11 H N N 36  
ARG HH12 H N N 37  
ARG HH21 H N N 38  
ARG HH22 H N N 39  
ARG HXT  H N N 40  
ASN N    N N N 41  
ASN CA   C N S 42  
ASN C    C N N 43  
ASN O    O N N 44  
ASN CB   C N N 45  
ASN CG   C N N 46  
ASN OD1  O N N 47  
ASN ND2  N N N 48  
ASN OXT  O N N 49  
ASN H    H N N 50  
ASN H2   H N N 51  
ASN HA   H N N 52  
ASN HB2  H N N 53  
ASN HB3  H N N 54  
ASN HD21 H N N 55  
ASN HD22 H N N 56  
ASN HXT  H N N 57  
ASP N    N N N 58  
ASP CA   C N S 59  
ASP C    C N N 60  
ASP O    O N N 61  
ASP CB   C N N 62  
ASP CG   C N N 63  
ASP OD1  O N N 64  
ASP OD2  O N N 65  
ASP OXT  O N N 66  
ASP H    H N N 67  
ASP H2   H N N 68  
ASP HA   H N N 69  
ASP HB2  H N N 70  
ASP HB3  H N N 71  
ASP HD2  H N N 72  
ASP HXT  H N N 73  
CYS N    N N N 74  
CYS CA   C N R 75  
CYS C    C N N 76  
CYS O    O N N 77  
CYS CB   C N N 78  
CYS SG   S N N 79  
CYS OXT  O N N 80  
CYS H    H N N 81  
CYS H2   H N N 82  
CYS HA   H N N 83  
CYS HB2  H N N 84  
CYS HB3  H N N 85  
CYS HG   H N N 86  
CYS HXT  H N N 87  
GLN N    N N N 88  
GLN CA   C N S 89  
GLN C    C N N 90  
GLN O    O N N 91  
GLN CB   C N N 92  
GLN CG   C N N 93  
GLN CD   C N N 94  
GLN OE1  O N N 95  
GLN NE2  N N N 96  
GLN OXT  O N N 97  
GLN H    H N N 98  
GLN H2   H N N 99  
GLN HA   H N N 100 
GLN HB2  H N N 101 
GLN HB3  H N N 102 
GLN HG2  H N N 103 
GLN HG3  H N N 104 
GLN HE21 H N N 105 
GLN HE22 H N N 106 
GLN HXT  H N N 107 
GLU N    N N N 108 
GLU CA   C N S 109 
GLU C    C N N 110 
GLU O    O N N 111 
GLU CB   C N N 112 
GLU CG   C N N 113 
GLU CD   C N N 114 
GLU OE1  O N N 115 
GLU OE2  O N N 116 
GLU OXT  O N N 117 
GLU H    H N N 118 
GLU H2   H N N 119 
GLU HA   H N N 120 
GLU HB2  H N N 121 
GLU HB3  H N N 122 
GLU HG2  H N N 123 
GLU HG3  H N N 124 
GLU HE2  H N N 125 
GLU HXT  H N N 126 
GLY N    N N N 127 
GLY CA   C N N 128 
GLY C    C N N 129 
GLY O    O N N 130 
GLY OXT  O N N 131 
GLY H    H N N 132 
GLY H2   H N N 133 
GLY HA2  H N N 134 
GLY HA3  H N N 135 
GLY HXT  H N N 136 
HIS N    N N N 137 
HIS CA   C N S 138 
HIS C    C N N 139 
HIS O    O N N 140 
HIS CB   C N N 141 
HIS CG   C Y N 142 
HIS ND1  N Y N 143 
HIS CD2  C Y N 144 
HIS CE1  C Y N 145 
HIS NE2  N Y N 146 
HIS OXT  O N N 147 
HIS H    H N N 148 
HIS H2   H N N 149 
HIS HA   H N N 150 
HIS HB2  H N N 151 
HIS HB3  H N N 152 
HIS HD1  H N N 153 
HIS HD2  H N N 154 
HIS HE1  H N N 155 
HIS HE2  H N N 156 
HIS HXT  H N N 157 
ILE N    N N N 158 
ILE CA   C N S 159 
ILE C    C N N 160 
ILE O    O N N 161 
ILE CB   C N S 162 
ILE CG1  C N N 163 
ILE CG2  C N N 164 
ILE CD1  C N N 165 
ILE OXT  O N N 166 
ILE H    H N N 167 
ILE H2   H N N 168 
ILE HA   H N N 169 
ILE HB   H N N 170 
ILE HG12 H N N 171 
ILE HG13 H N N 172 
ILE HG21 H N N 173 
ILE HG22 H N N 174 
ILE HG23 H N N 175 
ILE HD11 H N N 176 
ILE HD12 H N N 177 
ILE HD13 H N N 178 
ILE HXT  H N N 179 
LEU N    N N N 180 
LEU CA   C N S 181 
LEU C    C N N 182 
LEU O    O N N 183 
LEU CB   C N N 184 
LEU CG   C N N 185 
LEU CD1  C N N 186 
LEU CD2  C N N 187 
LEU OXT  O N N 188 
LEU H    H N N 189 
LEU H2   H N N 190 
LEU HA   H N N 191 
LEU HB2  H N N 192 
LEU HB3  H N N 193 
LEU HG   H N N 194 
LEU HD11 H N N 195 
LEU HD12 H N N 196 
LEU HD13 H N N 197 
LEU HD21 H N N 198 
LEU HD22 H N N 199 
LEU HD23 H N N 200 
LEU HXT  H N N 201 
LYS N    N N N 202 
LYS CA   C N S 203 
LYS C    C N N 204 
LYS O    O N N 205 
LYS CB   C N N 206 
LYS CG   C N N 207 
LYS CD   C N N 208 
LYS CE   C N N 209 
LYS NZ   N N N 210 
LYS OXT  O N N 211 
LYS H    H N N 212 
LYS H2   H N N 213 
LYS HA   H N N 214 
LYS HB2  H N N 215 
LYS HB3  H N N 216 
LYS HG2  H N N 217 
LYS HG3  H N N 218 
LYS HD2  H N N 219 
LYS HD3  H N N 220 
LYS HE2  H N N 221 
LYS HE3  H N N 222 
LYS HZ1  H N N 223 
LYS HZ2  H N N 224 
LYS HZ3  H N N 225 
LYS HXT  H N N 226 
MET N    N N N 227 
MET CA   C N S 228 
MET C    C N N 229 
MET O    O N N 230 
MET CB   C N N 231 
MET CG   C N N 232 
MET SD   S N N 233 
MET CE   C N N 234 
MET OXT  O N N 235 
MET H    H N N 236 
MET H2   H N N 237 
MET HA   H N N 238 
MET HB2  H N N 239 
MET HB3  H N N 240 
MET HG2  H N N 241 
MET HG3  H N N 242 
MET HE1  H N N 243 
MET HE2  H N N 244 
MET HE3  H N N 245 
MET HXT  H N N 246 
PHE N    N N N 247 
PHE CA   C N S 248 
PHE C    C N N 249 
PHE O    O N N 250 
PHE CB   C N N 251 
PHE CG   C Y N 252 
PHE CD1  C Y N 253 
PHE CD2  C Y N 254 
PHE CE1  C Y N 255 
PHE CE2  C Y N 256 
PHE CZ   C Y N 257 
PHE OXT  O N N 258 
PHE H    H N N 259 
PHE H2   H N N 260 
PHE HA   H N N 261 
PHE HB2  H N N 262 
PHE HB3  H N N 263 
PHE HD1  H N N 264 
PHE HD2  H N N 265 
PHE HE1  H N N 266 
PHE HE2  H N N 267 
PHE HZ   H N N 268 
PHE HXT  H N N 269 
PRO N    N N N 270 
PRO CA   C N S 271 
PRO C    C N N 272 
PRO O    O N N 273 
PRO CB   C N N 274 
PRO CG   C N N 275 
PRO CD   C N N 276 
PRO OXT  O N N 277 
PRO H    H N N 278 
PRO HA   H N N 279 
PRO HB2  H N N 280 
PRO HB3  H N N 281 
PRO HG2  H N N 282 
PRO HG3  H N N 283 
PRO HD2  H N N 284 
PRO HD3  H N N 285 
PRO HXT  H N N 286 
SER N    N N N 287 
SER CA   C N S 288 
SER C    C N N 289 
SER O    O N N 290 
SER CB   C N N 291 
SER OG   O N N 292 
SER OXT  O N N 293 
SER H    H N N 294 
SER H2   H N N 295 
SER HA   H N N 296 
SER HB2  H N N 297 
SER HB3  H N N 298 
SER HG   H N N 299 
SER HXT  H N N 300 
THR N    N N N 301 
THR CA   C N S 302 
THR C    C N N 303 
THR O    O N N 304 
THR CB   C N R 305 
THR OG1  O N N 306 
THR CG2  C N N 307 
THR OXT  O N N 308 
THR H    H N N 309 
THR H2   H N N 310 
THR HA   H N N 311 
THR HB   H N N 312 
THR HG1  H N N 313 
THR HG21 H N N 314 
THR HG22 H N N 315 
THR HG23 H N N 316 
THR HXT  H N N 317 
TYR N    N N N 318 
TYR CA   C N S 319 
TYR C    C N N 320 
TYR O    O N N 321 
TYR CB   C N N 322 
TYR CG   C Y N 323 
TYR CD1  C Y N 324 
TYR CD2  C Y N 325 
TYR CE1  C Y N 326 
TYR CE2  C Y N 327 
TYR CZ   C Y N 328 
TYR OH   O N N 329 
TYR OXT  O N N 330 
TYR H    H N N 331 
TYR H2   H N N 332 
TYR HA   H N N 333 
TYR HB2  H N N 334 
TYR HB3  H N N 335 
TYR HD1  H N N 336 
TYR HD2  H N N 337 
TYR HE1  H N N 338 
TYR HE2  H N N 339 
TYR HH   H N N 340 
TYR HXT  H N N 341 
VAL N    N N N 342 
VAL CA   C N S 343 
VAL C    C N N 344 
VAL O    O N N 345 
VAL CB   C N N 346 
VAL CG1  C N N 347 
VAL CG2  C N N 348 
VAL OXT  O N N 349 
VAL H    H N N 350 
VAL H2   H N N 351 
VAL HA   H N N 352 
VAL HB   H N N 353 
VAL HG11 H N N 354 
VAL HG12 H N N 355 
VAL HG13 H N N 356 
VAL HG21 H N N 357 
VAL HG22 H N N 358 
VAL HG23 H N N 359 
VAL HXT  H N N 360 
# 
loop_
_chem_comp_bond.comp_id 
_chem_comp_bond.atom_id_1 
_chem_comp_bond.atom_id_2 
_chem_comp_bond.value_order 
_chem_comp_bond.pdbx_aromatic_flag 
_chem_comp_bond.pdbx_stereo_config 
_chem_comp_bond.pdbx_ordinal 
ALA N   CA   sing N N 1   
ALA N   H    sing N N 2   
ALA N   H2   sing N N 3   
ALA CA  C    sing N N 4   
ALA CA  CB   sing N N 5   
ALA CA  HA   sing N N 6   
ALA C   O    doub N N 7   
ALA C   OXT  sing N N 8   
ALA CB  HB1  sing N N 9   
ALA CB  HB2  sing N N 10  
ALA CB  HB3  sing N N 11  
ALA OXT HXT  sing N N 12  
ARG N   CA   sing N N 13  
ARG N   H    sing N N 14  
ARG N   H2   sing N N 15  
ARG CA  C    sing N N 16  
ARG CA  CB   sing N N 17  
ARG CA  HA   sing N N 18  
ARG C   O    doub N N 19  
ARG C   OXT  sing N N 20  
ARG CB  CG   sing N N 21  
ARG CB  HB2  sing N N 22  
ARG CB  HB3  sing N N 23  
ARG CG  CD   sing N N 24  
ARG CG  HG2  sing N N 25  
ARG CG  HG3  sing N N 26  
ARG CD  NE   sing N N 27  
ARG CD  HD2  sing N N 28  
ARG CD  HD3  sing N N 29  
ARG NE  CZ   sing N N 30  
ARG NE  HE   sing N N 31  
ARG CZ  NH1  sing N N 32  
ARG CZ  NH2  doub N N 33  
ARG NH1 HH11 sing N N 34  
ARG NH1 HH12 sing N N 35  
ARG NH2 HH21 sing N N 36  
ARG NH2 HH22 sing N N 37  
ARG OXT HXT  sing N N 38  
ASN N   CA   sing N N 39  
ASN N   H    sing N N 40  
ASN N   H2   sing N N 41  
ASN CA  C    sing N N 42  
ASN CA  CB   sing N N 43  
ASN CA  HA   sing N N 44  
ASN C   O    doub N N 45  
ASN C   OXT  sing N N 46  
ASN CB  CG   sing N N 47  
ASN CB  HB2  sing N N 48  
ASN CB  HB3  sing N N 49  
ASN CG  OD1  doub N N 50  
ASN CG  ND2  sing N N 51  
ASN ND2 HD21 sing N N 52  
ASN ND2 HD22 sing N N 53  
ASN OXT HXT  sing N N 54  
ASP N   CA   sing N N 55  
ASP N   H    sing N N 56  
ASP N   H2   sing N N 57  
ASP CA  C    sing N N 58  
ASP CA  CB   sing N N 59  
ASP CA  HA   sing N N 60  
ASP C   O    doub N N 61  
ASP C   OXT  sing N N 62  
ASP CB  CG   sing N N 63  
ASP CB  HB2  sing N N 64  
ASP CB  HB3  sing N N 65  
ASP CG  OD1  doub N N 66  
ASP CG  OD2  sing N N 67  
ASP OD2 HD2  sing N N 68  
ASP OXT HXT  sing N N 69  
CYS N   CA   sing N N 70  
CYS N   H    sing N N 71  
CYS N   H2   sing N N 72  
CYS CA  C    sing N N 73  
CYS CA  CB   sing N N 74  
CYS CA  HA   sing N N 75  
CYS C   O    doub N N 76  
CYS C   OXT  sing N N 77  
CYS CB  SG   sing N N 78  
CYS CB  HB2  sing N N 79  
CYS CB  HB3  sing N N 80  
CYS SG  HG   sing N N 81  
CYS OXT HXT  sing N N 82  
GLN N   CA   sing N N 83  
GLN N   H    sing N N 84  
GLN N   H2   sing N N 85  
GLN CA  C    sing N N 86  
GLN CA  CB   sing N N 87  
GLN CA  HA   sing N N 88  
GLN C   O    doub N N 89  
GLN C   OXT  sing N N 90  
GLN CB  CG   sing N N 91  
GLN CB  HB2  sing N N 92  
GLN CB  HB3  sing N N 93  
GLN CG  CD   sing N N 94  
GLN CG  HG2  sing N N 95  
GLN CG  HG3  sing N N 96  
GLN CD  OE1  doub N N 97  
GLN CD  NE2  sing N N 98  
GLN NE2 HE21 sing N N 99  
GLN NE2 HE22 sing N N 100 
GLN OXT HXT  sing N N 101 
GLU N   CA   sing N N 102 
GLU N   H    sing N N 103 
GLU N   H2   sing N N 104 
GLU CA  C    sing N N 105 
GLU CA  CB   sing N N 106 
GLU CA  HA   sing N N 107 
GLU C   O    doub N N 108 
GLU C   OXT  sing N N 109 
GLU CB  CG   sing N N 110 
GLU CB  HB2  sing N N 111 
GLU CB  HB3  sing N N 112 
GLU CG  CD   sing N N 113 
GLU CG  HG2  sing N N 114 
GLU CG  HG3  sing N N 115 
GLU CD  OE1  doub N N 116 
GLU CD  OE2  sing N N 117 
GLU OE2 HE2  sing N N 118 
GLU OXT HXT  sing N N 119 
GLY N   CA   sing N N 120 
GLY N   H    sing N N 121 
GLY N   H2   sing N N 122 
GLY CA  C    sing N N 123 
GLY CA  HA2  sing N N 124 
GLY CA  HA3  sing N N 125 
GLY C   O    doub N N 126 
GLY C   OXT  sing N N 127 
GLY OXT HXT  sing N N 128 
HIS N   CA   sing N N 129 
HIS N   H    sing N N 130 
HIS N   H2   sing N N 131 
HIS CA  C    sing N N 132 
HIS CA  CB   sing N N 133 
HIS CA  HA   sing N N 134 
HIS C   O    doub N N 135 
HIS C   OXT  sing N N 136 
HIS CB  CG   sing N N 137 
HIS CB  HB2  sing N N 138 
HIS CB  HB3  sing N N 139 
HIS CG  ND1  sing Y N 140 
HIS CG  CD2  doub Y N 141 
HIS ND1 CE1  doub Y N 142 
HIS ND1 HD1  sing N N 143 
HIS CD2 NE2  sing Y N 144 
HIS CD2 HD2  sing N N 145 
HIS CE1 NE2  sing Y N 146 
HIS CE1 HE1  sing N N 147 
HIS NE2 HE2  sing N N 148 
HIS OXT HXT  sing N N 149 
ILE N   CA   sing N N 150 
ILE N   H    sing N N 151 
ILE N   H2   sing N N 152 
ILE CA  C    sing N N 153 
ILE CA  CB   sing N N 154 
ILE CA  HA   sing N N 155 
ILE C   O    doub N N 156 
ILE C   OXT  sing N N 157 
ILE CB  CG1  sing N N 158 
ILE CB  CG2  sing N N 159 
ILE CB  HB   sing N N 160 
ILE CG1 CD1  sing N N 161 
ILE CG1 HG12 sing N N 162 
ILE CG1 HG13 sing N N 163 
ILE CG2 HG21 sing N N 164 
ILE CG2 HG22 sing N N 165 
ILE CG2 HG23 sing N N 166 
ILE CD1 HD11 sing N N 167 
ILE CD1 HD12 sing N N 168 
ILE CD1 HD13 sing N N 169 
ILE OXT HXT  sing N N 170 
LEU N   CA   sing N N 171 
LEU N   H    sing N N 172 
LEU N   H2   sing N N 173 
LEU CA  C    sing N N 174 
LEU CA  CB   sing N N 175 
LEU CA  HA   sing N N 176 
LEU C   O    doub N N 177 
LEU C   OXT  sing N N 178 
LEU CB  CG   sing N N 179 
LEU CB  HB2  sing N N 180 
LEU CB  HB3  sing N N 181 
LEU CG  CD1  sing N N 182 
LEU CG  CD2  sing N N 183 
LEU CG  HG   sing N N 184 
LEU CD1 HD11 sing N N 185 
LEU CD1 HD12 sing N N 186 
LEU CD1 HD13 sing N N 187 
LEU CD2 HD21 sing N N 188 
LEU CD2 HD22 sing N N 189 
LEU CD2 HD23 sing N N 190 
LEU OXT HXT  sing N N 191 
LYS N   CA   sing N N 192 
LYS N   H    sing N N 193 
LYS N   H2   sing N N 194 
LYS CA  C    sing N N 195 
LYS CA  CB   sing N N 196 
LYS CA  HA   sing N N 197 
LYS C   O    doub N N 198 
LYS C   OXT  sing N N 199 
LYS CB  CG   sing N N 200 
LYS CB  HB2  sing N N 201 
LYS CB  HB3  sing N N 202 
LYS CG  CD   sing N N 203 
LYS CG  HG2  sing N N 204 
LYS CG  HG3  sing N N 205 
LYS CD  CE   sing N N 206 
LYS CD  HD2  sing N N 207 
LYS CD  HD3  sing N N 208 
LYS CE  NZ   sing N N 209 
LYS CE  HE2  sing N N 210 
LYS CE  HE3  sing N N 211 
LYS NZ  HZ1  sing N N 212 
LYS NZ  HZ2  sing N N 213 
LYS NZ  HZ3  sing N N 214 
LYS OXT HXT  sing N N 215 
MET N   CA   sing N N 216 
MET N   H    sing N N 217 
MET N   H2   sing N N 218 
MET CA  C    sing N N 219 
MET CA  CB   sing N N 220 
MET CA  HA   sing N N 221 
MET C   O    doub N N 222 
MET C   OXT  sing N N 223 
MET CB  CG   sing N N 224 
MET CB  HB2  sing N N 225 
MET CB  HB3  sing N N 226 
MET CG  SD   sing N N 227 
MET CG  HG2  sing N N 228 
MET CG  HG3  sing N N 229 
MET SD  CE   sing N N 230 
MET CE  HE1  sing N N 231 
MET CE  HE2  sing N N 232 
MET CE  HE3  sing N N 233 
MET OXT HXT  sing N N 234 
PHE N   CA   sing N N 235 
PHE N   H    sing N N 236 
PHE N   H2   sing N N 237 
PHE CA  C    sing N N 238 
PHE CA  CB   sing N N 239 
PHE CA  HA   sing N N 240 
PHE C   O    doub N N 241 
PHE C   OXT  sing N N 242 
PHE CB  CG   sing N N 243 
PHE CB  HB2  sing N N 244 
PHE CB  HB3  sing N N 245 
PHE CG  CD1  doub Y N 246 
PHE CG  CD2  sing Y N 247 
PHE CD1 CE1  sing Y N 248 
PHE CD1 HD1  sing N N 249 
PHE CD2 CE2  doub Y N 250 
PHE CD2 HD2  sing N N 251 
PHE CE1 CZ   doub Y N 252 
PHE CE1 HE1  sing N N 253 
PHE CE2 CZ   sing Y N 254 
PHE CE2 HE2  sing N N 255 
PHE CZ  HZ   sing N N 256 
PHE OXT HXT  sing N N 257 
PRO N   CA   sing N N 258 
PRO N   CD   sing N N 259 
PRO N   H    sing N N 260 
PRO CA  C    sing N N 261 
PRO CA  CB   sing N N 262 
PRO CA  HA   sing N N 263 
PRO C   O    doub N N 264 
PRO C   OXT  sing N N 265 
PRO CB  CG   sing N N 266 
PRO CB  HB2  sing N N 267 
PRO CB  HB3  sing N N 268 
PRO CG  CD   sing N N 269 
PRO CG  HG2  sing N N 270 
PRO CG  HG3  sing N N 271 
PRO CD  HD2  sing N N 272 
PRO CD  HD3  sing N N 273 
PRO OXT HXT  sing N N 274 
SER N   CA   sing N N 275 
SER N   H    sing N N 276 
SER N   H2   sing N N 277 
SER CA  C    sing N N 278 
SER CA  CB   sing N N 279 
SER CA  HA   sing N N 280 
SER C   O    doub N N 281 
SER C   OXT  sing N N 282 
SER CB  OG   sing N N 283 
SER CB  HB2  sing N N 284 
SER CB  HB3  sing N N 285 
SER OG  HG   sing N N 286 
SER OXT HXT  sing N N 287 
THR N   CA   sing N N 288 
THR N   H    sing N N 289 
THR N   H2   sing N N 290 
THR CA  C    sing N N 291 
THR CA  CB   sing N N 292 
THR CA  HA   sing N N 293 
THR C   O    doub N N 294 
THR C   OXT  sing N N 295 
THR CB  OG1  sing N N 296 
THR CB  CG2  sing N N 297 
THR CB  HB   sing N N 298 
THR OG1 HG1  sing N N 299 
THR CG2 HG21 sing N N 300 
THR CG2 HG22 sing N N 301 
THR CG2 HG23 sing N N 302 
THR OXT HXT  sing N N 303 
TYR N   CA   sing N N 304 
TYR N   H    sing N N 305 
TYR N   H2   sing N N 306 
TYR CA  C    sing N N 307 
TYR CA  CB   sing N N 308 
TYR CA  HA   sing N N 309 
TYR C   O    doub N N 310 
TYR C   OXT  sing N N 311 
TYR CB  CG   sing N N 312 
TYR CB  HB2  sing N N 313 
TYR CB  HB3  sing N N 314 
TYR CG  CD1  doub Y N 315 
TYR CG  CD2  sing Y N 316 
TYR CD1 CE1  sing Y N 317 
TYR CD1 HD1  sing N N 318 
TYR CD2 CE2  doub Y N 319 
TYR CD2 HD2  sing N N 320 
TYR CE1 CZ   doub Y N 321 
TYR CE1 HE1  sing N N 322 
TYR CE2 CZ   sing Y N 323 
TYR CE2 HE2  sing N N 324 
TYR CZ  OH   sing N N 325 
TYR OH  HH   sing N N 326 
TYR OXT HXT  sing N N 327 
VAL N   CA   sing N N 328 
VAL N   H    sing N N 329 
VAL N   H2   sing N N 330 
VAL CA  C    sing N N 331 
VAL CA  CB   sing N N 332 
VAL CA  HA   sing N N 333 
VAL C   O    doub N N 334 
VAL C   OXT  sing N N 335 
VAL CB  CG1  sing N N 336 
VAL CB  CG2  sing N N 337 
VAL CB  HB   sing N N 338 
VAL CG1 HG11 sing N N 339 
VAL CG1 HG12 sing N N 340 
VAL CG1 HG13 sing N N 341 
VAL CG2 HG21 sing N N 342 
VAL CG2 HG22 sing N N 343 
VAL CG2 HG23 sing N N 344 
VAL OXT HXT  sing N N 345 
# 
_em_admin.current_status     REL 
_em_admin.deposition_date    2024-03-14 
_em_admin.deposition_site    PDBE 
_em_admin.entry_id           9EOE 
_em_admin.last_update        2025-07-23 
_em_admin.map_release_date   2024-07-10 
_em_admin.title              'PHF type tau filament from V337M mutant' 
# 
_em_ctf_correction.details                  ? 
_em_ctf_correction.em_image_processing_id   1 
_em_ctf_correction.id                       1 
_em_ctf_correction.type                     NONE 
# 
_em_entity_assembly_naturalsource.cell                 ? 
_em_entity_assembly_naturalsource.cellular_location    ? 
_em_entity_assembly_naturalsource.entity_assembly_id   1 
_em_entity_assembly_naturalsource.id                   2 
_em_entity_assembly_naturalsource.ncbi_tax_id          9606 
_em_entity_assembly_naturalsource.organism             'Homo sapiens' 
_em_entity_assembly_naturalsource.organelle            ? 
_em_entity_assembly_naturalsource.organ                ? 
_em_entity_assembly_naturalsource.strain               ? 
_em_entity_assembly_naturalsource.tissue               ? 
_em_entity_assembly_naturalsource.details              ? 
# 
_em_helical_entity.id                             1 
_em_helical_entity.image_processing_id            1 
_em_helical_entity.details                        ? 
_em_helical_entity.axial_symmetry                 C3 
_em_helical_entity.angular_rotation_per_subunit   -0.88 
_em_helical_entity.axial_rise_per_subunit         4.76 
# 
_em_image_processing.details              ? 
_em_image_processing.id                   1 
_em_image_processing.image_recording_id   1 
# 
_em_image_recording.average_exposure_time               ? 
_em_image_recording.avg_electron_dose_per_subtomogram   ? 
_em_image_recording.avg_electron_dose_per_image         40 
_em_image_recording.details                             ? 
_em_image_recording.detector_mode                       ? 
_em_image_recording.film_or_detector_model              'FEI FALCON IV (4k x 4k)' 
_em_image_recording.id                                  1 
_em_image_recording.imaging_id                          1 
_em_image_recording.num_diffraction_images              ? 
_em_image_recording.num_grids_imaged                    ? 
_em_image_recording.num_real_images                     ? 
# 
loop_
_em_software.category 
_em_software.details 
_em_software.id 
_em_software.image_processing_id 
_em_software.fitting_id 
_em_software.imaging_id 
_em_software.name 
_em_software.version 
'PARTICLE SELECTION'       ? 1  1 ? ? ? ? 
'IMAGE ACQUISITION'        ? 2  ? ? 1 ? ? 
MASKING                    ? 3  ? ? ? ? ? 
'CTF CORRECTION'           ? 4  1 ? ? ? ? 
'LAYERLINE INDEXING'       ? 5  ? ? ? ? ? 
'DIFFRACTION INDEXING'     ? 6  ? ? ? ? ? 
'MODEL FITTING'            ? 7  ? ? ? ? ? 
'MODEL REFINEMENT'         ? 8  ? ? ? ? ? 
OTHER                      ? 9  ? ? ? ? ? 
'INITIAL EULER ASSIGNMENT' ? 10 1 ? ? ? ? 
'FINAL EULER ASSIGNMENT'   ? 11 1 ? ? ? ? 
CLASSIFICATION             ? 12 1 ? ? ? ? 
RECONSTRUCTION             ? 13 1 ? ? ? ? 
# 
_em_specimen.concentration           ? 
_em_specimen.details                 ? 
_em_specimen.embedding_applied       NO 
_em_specimen.experiment_id           1 
_em_specimen.id                      1 
_em_specimen.shadowing_applied       NO 
_em_specimen.staining_applied        NO 
_em_specimen.vitrification_applied   YES 
# 
loop_
_pdbx_audit_support.funding_organization 
_pdbx_audit_support.country 
_pdbx_audit_support.grant_number 
_pdbx_audit_support.ordinal 
'Medical Research Council (MRC, United Kingdom)' 'United Kingdom' MC_UP_A025_1013 1 
'Medical Research Council (MRC, United Kingdom)' 'United Kingdom' MC_U105184291   2 
# 
_atom_sites.entry_id                    9EOE 
_atom_sites.Cartn_transf_matrix[1][1]   ? 
_atom_sites.Cartn_transf_matrix[1][2]   ? 
_atom_sites.Cartn_transf_matrix[1][3]   ? 
_atom_sites.Cartn_transf_matrix[2][1]   ? 
_atom_sites.Cartn_transf_matrix[2][2]   ? 
_atom_sites.Cartn_transf_matrix[2][3]   ? 
_atom_sites.Cartn_transf_matrix[3][1]   ? 
_atom_sites.Cartn_transf_matrix[3][2]   ? 
_atom_sites.Cartn_transf_matrix[3][3]   ? 
_atom_sites.Cartn_transf_vector[1]      ? 
_atom_sites.Cartn_transf_vector[2]      ? 
_atom_sites.Cartn_transf_vector[3]      ? 
_atom_sites.Cartn_transform_axes        ? 
_atom_sites.fract_transf_matrix[1][1]   1.000000 
_atom_sites.fract_transf_matrix[1][2]   0.000000 
_atom_sites.fract_transf_matrix[1][3]   0.000000 
_atom_sites.fract_transf_matrix[2][1]   0.000000 
_atom_sites.fract_transf_matrix[2][2]   1.000000 
_atom_sites.fract_transf_matrix[2][3]   0.000000 
_atom_sites.fract_transf_matrix[3][1]   0.000000 
_atom_sites.fract_transf_matrix[3][2]   0.000000 
_atom_sites.fract_transf_matrix[3][3]   1.000000 
_atom_sites.fract_transf_vector[1]      0.00000 
_atom_sites.fract_transf_vector[2]      0.00000 
_atom_sites.fract_transf_vector[3]      0.00000 
_atom_sites.solution_primary            ? 
_atom_sites.solution_secondary          ? 
_atom_sites.solution_hydrogens          ? 
_atom_sites.special_details             ? 
# 
loop_
_atom_type.symbol 
C 
N 
O 
S 
# 
loop_
_atom_site.group_PDB 
_atom_site.id 
_atom_site.type_symbol 
_atom_site.label_atom_id 
_atom_site.label_alt_id 
_atom_site.label_comp_id 
_atom_site.label_asym_id 
_atom_site.label_entity_id 
_atom_site.label_seq_id 
_atom_site.pdbx_PDB_ins_code 
_atom_site.Cartn_x 
_atom_site.Cartn_y 
_atom_site.Cartn_z 
_atom_site.occupancy 
_atom_site.B_iso_or_equiv 
_atom_site.pdbx_formal_charge 
_atom_site.auth_seq_id 
_atom_site.auth_comp_id 
_atom_site.auth_asym_id 
_atom_site.auth_atom_id 
_atom_site.pdbx_PDB_model_num 
ATOM 1   N N   . GLY A 1 304 ? -7.358  -13.111 -43.129 1.00 129.42 ? 304 GLY A N   1 
ATOM 2   C CA  . GLY A 1 304 ? -7.823  -13.104 -41.726 1.00 129.15 ? 304 GLY A CA  1 
ATOM 3   C C   . GLY A 1 304 ? -7.106  -12.043 -40.894 1.00 120.68 ? 304 GLY A C   1 
ATOM 4   O O   . GLY A 1 304 ? -6.240  -12.374 -40.084 1.00 117.56 ? 304 GLY A O   1 
ATOM 5   N N   . SER A 1 305 ? -7.494  -10.776 -41.103 1.00 112.98 ? 305 SER A N   1 
ATOM 6   C CA  . SER A 1 305 ? -6.872  -9.636  -40.444 1.00 109.62 ? 305 SER A CA  1 
ATOM 7   C C   . SER A 1 305 ? -7.358  -9.502  -38.998 1.00 103.76 ? 305 SER A C   1 
ATOM 8   O O   . SER A 1 305 ? -8.429  -10.002 -38.639 1.00 102.70 ? 305 SER A O   1 
ATOM 9   C CB  . SER A 1 305 ? -7.117  -8.361  -41.220 1.00 111.20 ? 305 SER A CB  1 
ATOM 10  O OG  . SER A 1 305 ? -8.507  -8.108  -41.371 1.00 113.81 ? 305 SER A OG  1 
ATOM 11  N N   . VAL A 1 306 ? -6.550  -8.807  -38.181 1.00 96.61  ? 306 VAL A N   1 
ATOM 12  C CA  . VAL A 1 306 ? -6.905  -8.440  -36.816 1.00 85.12  ? 306 VAL A CA  1 
ATOM 13  C C   . VAL A 1 306 ? -6.620  -6.948  -36.635 1.00 81.30  ? 306 VAL A C   1 
ATOM 14  O O   . VAL A 1 306 ? -5.586  -6.455  -37.089 1.00 91.27  ? 306 VAL A O   1 
ATOM 15  C CB  . VAL A 1 306 ? -6.146  -9.300  -35.786 1.00 79.09  ? 306 VAL A CB  1 
ATOM 16  C CG1 . VAL A 1 306 ? -6.502  -8.918  -34.356 1.00 83.87  ? 306 VAL A CG1 1 
ATOM 17  C CG2 . VAL A 1 306 ? -6.371  -10.789 -36.016 1.00 82.44  ? 306 VAL A CG2 1 
ATOM 18  N N   . GLN A 1 307 ? -7.529  -6.255  -35.938 1.00 80.08  ? 307 GLN A N   1 
ATOM 19  C CA  . GLN A 1 307 ? -7.503  -4.807  -35.794 1.00 82.86  ? 307 GLN A CA  1 
ATOM 20  C C   . GLN A 1 307 ? -7.939  -4.458  -34.366 1.00 80.45  ? 307 GLN A C   1 
ATOM 21  O O   . GLN A 1 307 ? -9.134  -4.462  -34.069 1.00 84.99  ? 307 GLN A O   1 
ATOM 22  C CB  . GLN A 1 307 ? -8.405  -4.225  -36.886 1.00 89.70  ? 307 GLN A CB  1 
ATOM 23  C CG  . GLN A 1 307 ? -8.640  -2.718  -36.830 1.00 100.35 ? 307 GLN A CG  1 
ATOM 24  C CD  . GLN A 1 307 ? -7.518  -1.910  -37.431 1.00 112.00 ? 307 GLN A CD  1 
ATOM 25  O OE1 . GLN A 1 307 ? -7.239  -2.006  -38.625 1.00 117.87 ? 307 GLN A OE1 1 
ATOM 26  N NE2 . GLN A 1 307 ? -6.889  -1.082  -36.612 1.00 117.93 ? 307 GLN A NE2 1 
ATOM 27  N N   . ILE A 1 308 ? -6.966  -4.169  -33.488 1.00 72.72  ? 308 ILE A N   1 
ATOM 28  C CA  . ILE A 1 308 ? -7.221  -3.900  -32.080 1.00 63.47  ? 308 ILE A CA  1 
ATOM 29  C C   . ILE A 1 308 ? -6.831  -2.456  -31.785 1.00 58.65  ? 308 ILE A C   1 
ATOM 30  O O   . ILE A 1 308 ? -5.644  -2.155  -31.720 1.00 63.77  ? 308 ILE A O   1 
ATOM 31  C CB  . ILE A 1 308 ? -6.468  -4.892  -31.172 1.00 62.96  ? 308 ILE A CB  1 
ATOM 32  C CG1 . ILE A 1 308 ? -6.879  -6.338  -31.471 1.00 65.87  ? 308 ILE A CG1 1 
ATOM 33  C CG2 . ILE A 1 308 ? -6.675  -4.522  -29.705 1.00 64.93  ? 308 ILE A CG2 1 
ATOM 34  C CD1 . ILE A 1 308 ? -6.106  -7.389  -30.714 1.00 66.85  ? 308 ILE A CD1 1 
ATOM 35  N N   . VAL A 1 309 ? -7.832  -1.596  -31.566 1.00 61.25  ? 309 VAL A N   1 
ATOM 36  C CA  . VAL A 1 309 ? -7.627  -0.188  -31.264 1.00 63.45  ? 309 VAL A CA  1 
ATOM 37  C C   . VAL A 1 309 ? -7.921  0.042   -29.781 1.00 70.15  ? 309 VAL A C   1 
ATOM 38  O O   . VAL A 1 309 ? -9.084  0.131   -29.386 1.00 75.03  ? 309 VAL A O   1 
ATOM 39  C CB  . VAL A 1 309 ? -8.508  0.687   -32.171 1.00 67.55  ? 309 VAL A CB  1 
ATOM 40  C CG1 . VAL A 1 309 ? -8.287  2.173   -31.907 1.00 73.01  ? 309 VAL A CG1 1 
ATOM 41  C CG2 . VAL A 1 309 ? -8.287  0.349   -33.636 1.00 71.03  ? 309 VAL A CG2 1 
ATOM 42  N N   . TYR A 1 310 ? -6.854  0.148   -28.973 1.00 72.62  ? 310 TYR A N   1 
ATOM 43  C CA  . TYR A 1 310 ? -6.935  0.297   -27.526 1.00 64.76  ? 310 TYR A CA  1 
ATOM 44  C C   . TYR A 1 310 ? -6.750  1.772   -27.182 1.00 56.08  ? 310 TYR A C   1 
ATOM 45  O O   . TYR A 1 310 ? -5.621  2.232   -27.065 1.00 61.18  ? 310 TYR A O   1 
ATOM 46  C CB  . TYR A 1 310 ? -5.886  -0.620  -26.890 1.00 66.16  ? 310 TYR A CB  1 
ATOM 47  C CG  . TYR A 1 310 ? -5.934  -0.730  -25.389 1.00 70.78  ? 310 TYR A CG  1 
ATOM 48  C CD1 . TYR A 1 310 ? -6.456  -1.861  -24.775 1.00 72.70  ? 310 TYR A CD1 1 
ATOM 49  C CD2 . TYR A 1 310 ? -5.420  0.270   -24.572 1.00 73.76  ? 310 TYR A CD2 1 
ATOM 50  C CE1 . TYR A 1 310 ? -6.495  -1.981  -23.391 1.00 69.41  ? 310 TYR A CE1 1 
ATOM 51  C CE2 . TYR A 1 310 ? -5.451  0.166   -23.189 1.00 70.16  ? 310 TYR A CE2 1 
ATOM 52  C CZ  . TYR A 1 310 ? -5.993  -0.964  -22.596 1.00 66.56  ? 310 TYR A CZ  1 
ATOM 53  O OH  . TYR A 1 310 ? -6.030  -1.080  -21.233 1.00 60.46  ? 310 TYR A OH  1 
ATOM 54  N N   . LYS A 1 311 ? -7.857  2.509   -27.039 1.00 59.79  ? 311 LYS A N   1 
ATOM 55  C CA  . LYS A 1 311 ? -7.829  3.958   -26.888 1.00 62.29  ? 311 LYS A CA  1 
ATOM 56  C C   . LYS A 1 311 ? -8.694  4.350   -25.687 1.00 59.01  ? 311 LYS A C   1 
ATOM 57  O O   . LYS A 1 311 ? -9.834  4.800   -25.820 1.00 70.16  ? 311 LYS A O   1 
ATOM 58  C CB  . LYS A 1 311 ? -8.237  4.562   -28.237 1.00 70.81  ? 311 LYS A CB  1 
ATOM 59  C CG  . LYS A 1 311 ? -8.013  6.057   -28.427 1.00 82.07  ? 311 LYS A CG  1 
ATOM 60  C CD  . LYS A 1 311 ? -9.114  6.955   -27.885 1.00 94.09  ? 311 LYS A CD  1 
ATOM 61  C CE  . LYS A 1 311 ? -9.126  8.334   -28.519 1.00 106.88 ? 311 LYS A CE  1 
ATOM 62  N NZ  . LYS A 1 311 ? -10.347 9.099   -28.156 1.00 112.93 ? 311 LYS A NZ  1 
ATOM 63  N N   . PRO A 1 312 ? -8.255  4.067   -24.447 1.00 59.67  ? 312 PRO A N   1 
ATOM 64  C CA  . PRO A 1 312 ? -8.970  4.568   -23.266 1.00 58.73  ? 312 PRO A CA  1 
ATOM 65  C C   . PRO A 1 312 ? -8.642  6.034   -22.987 1.00 59.10  ? 312 PRO A C   1 
ATOM 66  O O   . PRO A 1 312 ? -7.550  6.497   -23.312 1.00 71.51  ? 312 PRO A O   1 
ATOM 67  C CB  . PRO A 1 312 ? -8.516  3.632   -22.141 1.00 59.89  ? 312 PRO A CB  1 
ATOM 68  C CG  . PRO A 1 312 ? -7.173  3.161   -22.574 1.00 66.86  ? 312 PRO A CG  1 
ATOM 69  C CD  . PRO A 1 312 ? -7.243  3.062   -24.088 1.00 68.58  ? 312 PRO A CD  1 
ATOM 70  N N   . VAL A 1 313 ? -9.600  6.757   -22.401 1.00 54.29  ? 313 VAL A N   1 
ATOM 71  C CA  . VAL A 1 313 ? -9.418  8.150   -22.030 1.00 57.36  ? 313 VAL A CA  1 
ATOM 72  C C   . VAL A 1 313 ? -9.752  8.301   -20.545 1.00 59.86  ? 313 VAL A C   1 
ATOM 73  O O   . VAL A 1 313 ? -10.827 7.890   -20.113 1.00 63.99  ? 313 VAL A O   1 
ATOM 74  C CB  . VAL A 1 313 ? -10.278 9.082   -22.904 1.00 54.51  ? 313 VAL A CB  1 
ATOM 75  C CG1 . VAL A 1 313 ? -10.159 10.534  -22.466 1.00 54.28  ? 313 VAL A CG1 1 
ATOM 76  C CG2 . VAL A 1 313 ? -9.928  8.932   -24.375 1.00 59.66  ? 313 VAL A CG2 1 
ATOM 77  N N   . ASP A 1 314 ? -8.817  8.885   -19.780 1.00 63.64  ? 314 ASP A N   1 
ATOM 78  C CA  . ASP A 1 314 ? -8.989  9.161   -18.363 1.00 65.48  ? 314 ASP A CA  1 
ATOM 79  C C   . ASP A 1 314 ? -8.833  10.662  -18.164 1.00 59.13  ? 314 ASP A C   1 
ATOM 80  O O   . ASP A 1 314 ? -7.733  11.183  -18.314 1.00 67.28  ? 314 ASP A O   1 
ATOM 81  C CB  . ASP A 1 314 ? -7.965  8.394   -17.516 1.00 74.93  ? 314 ASP A CB  1 
ATOM 82  C CG  . ASP A 1 314 ? -7.988  6.878   -17.677 1.00 91.97  ? 314 ASP A CG  1 
ATOM 83  O OD1 . ASP A 1 314 ? -6.998  6.233   -17.260 1.00 98.94  ? 314 ASP A OD1 1 
ATOM 84  O OD2 . ASP A 1 314 ? -8.995  6.339   -18.203 1.00 101.75 ? 314 ASP A OD2 1 
ATOM 85  N N   . LEU A 1 315 ? -9.938  11.356  -17.882 1.00 58.43  ? 315 LEU A N   1 
ATOM 86  C CA  . LEU A 1 315 ? -9.891  12.752  -17.477 1.00 63.69  ? 315 LEU A CA  1 
ATOM 87  C C   . LEU A 1 315 ? -10.293 12.877  -16.004 1.00 59.83  ? 315 LEU A C   1 
ATOM 88  O O   . LEU A 1 315 ? -10.880 13.883  -15.609 1.00 60.35  ? 315 LEU A O   1 
ATOM 89  C CB  . LEU A 1 315 ? -10.822 13.575  -18.374 1.00 66.71  ? 315 LEU A CB  1 
ATOM 90  C CG  . LEU A 1 315 ? -10.843 13.231  -19.866 1.00 73.76  ? 315 LEU A CG  1 
ATOM 91  C CD1 . LEU A 1 315 ? -11.653 14.271  -20.630 1.00 79.28  ? 315 LEU A CD1 1 
ATOM 92  C CD2 . LEU A 1 315 ? -9.443  13.128  -20.450 1.00 77.23  ? 315 LEU A CD2 1 
ATOM 93  N N   . SER A 1 316 ? -9.920  11.887  -15.183 1.00 54.35  ? 316 SER A N   1 
ATOM 94  C CA  . SER A 1 316 ? -10.453 11.778  -13.833 1.00 59.61  ? 316 SER A CA  1 
ATOM 95  C C   . SER A 1 316 ? -9.660  12.660  -12.865 1.00 56.06  ? 316 SER A C   1 
ATOM 96  O O   . SER A 1 316 ? -8.489  12.936  -13.102 1.00 58.77  ? 316 SER A O   1 
ATOM 97  C CB  . SER A 1 316 ? -10.475 10.341  -13.384 1.00 59.67  ? 316 SER A CB  1 
ATOM 98  O OG  . SER A 1 316 ? -9.164  9.793   -13.335 1.00 62.09  ? 316 SER A OG  1 
ATOM 99  N N   . LYS A 1 317 ? -10.295 13.108  -11.774 1.00 54.56  ? 317 LYS A N   1 
ATOM 100 C CA  . LYS A 1 317 ? -9.554  13.813  -10.740 1.00 53.34  ? 317 LYS A CA  1 
ATOM 101 C C   . LYS A 1 317 ? -9.860  13.248  -9.353  1.00 50.60  ? 317 LYS A C   1 
ATOM 102 O O   . LYS A 1 317 ? -11.018 13.028  -9.016  1.00 51.43  ? 317 LYS A O   1 
ATOM 103 C CB  . LYS A 1 317 ? -9.759  15.320  -10.852 1.00 56.95  ? 317 LYS A CB  1 
ATOM 104 C CG  . LYS A 1 317 ? -11.127 15.872  -10.514 1.00 64.82  ? 317 LYS A CG  1 
ATOM 105 C CD  . LYS A 1 317 ? -11.203 17.333  -10.928 1.00 75.78  ? 317 LYS A CD  1 
ATOM 106 C CE  . LYS A 1 317 ? -12.452 18.050  -10.459 1.00 87.33  ? 317 LYS A CE  1 
ATOM 107 N NZ  . LYS A 1 317 ? -12.511 18.150  -8.978  1.00 91.50  ? 317 LYS A NZ  1 
ATOM 108 N N   . VAL A 1 318 ? -8.786  12.986  -8.586  1.00 45.78  ? 318 VAL A N   1 
ATOM 109 C CA  . VAL A 1 318 ? -8.851  12.655  -7.174  1.00 41.79  ? 318 VAL A CA  1 
ATOM 110 C C   . VAL A 1 318 ? -8.340  13.861  -6.393  1.00 41.01  ? 318 VAL A C   1 
ATOM 111 O O   . VAL A 1 318 ? -7.156  14.171  -6.449  1.00 47.31  ? 318 VAL A O   1 
ATOM 112 C CB  . VAL A 1 318 ? -8.037  11.391  -6.870  1.00 43.62  ? 318 VAL A CB  1 
ATOM 113 C CG1 . VAL A 1 318 ? -8.199  10.962  -5.423  1.00 47.02  ? 318 VAL A CG1 1 
ATOM 114 C CG2 . VAL A 1 318 ? -8.413  10.259  -7.803  1.00 46.02  ? 318 VAL A CG2 1 
ATOM 115 N N   . THR A 1 319 ? -9.223  14.518  -5.642  1.00 40.86  ? 319 THR A N   1 
ATOM 116 C CA  . THR A 1 319 ? -8.945  15.818  -5.057  1.00 40.19  ? 319 THR A CA  1 
ATOM 117 C C   . THR A 1 319 ? -9.273  15.774  -3.569  1.00 36.75  ? 319 THR A C   1 
ATOM 118 O O   . THR A 1 319 ? -10.141 15.019  -3.133  1.00 41.51  ? 319 THR A O   1 
ATOM 119 C CB  . THR A 1 319 ? -9.713  16.887  -5.847  1.00 47.74  ? 319 THR A CB  1 
ATOM 120 O OG1 . THR A 1 319 ? -9.098  17.004  -7.134  1.00 50.48  ? 319 THR A OG1 1 
ATOM 121 C CG2 . THR A 1 319 ? -9.746  18.250  -5.193  1.00 55.52  ? 319 THR A CG2 1 
ATOM 122 N N   . SER A 1 320 ? -8.591  16.625  -2.805  1.00 36.06  ? 320 SER A N   1 
ATOM 123 C CA  . SER A 1 320 ? -8.832  16.787  -1.381  1.00 33.57  ? 320 SER A CA  1 
ATOM 124 C C   . SER A 1 320 ? -8.591  18.242  -1.011  1.00 30.67  ? 320 SER A C   1 
ATOM 125 O O   . SER A 1 320 ? -7.695  18.892  -1.542  1.00 33.62  ? 320 SER A O   1 
ATOM 126 C CB  . SER A 1 320 ? -7.920  15.863  -0.611  1.00 36.45  ? 320 SER A CB  1 
ATOM 127 O OG  . SER A 1 320 ? -7.620  16.357  0.679   1.00 46.47  ? 320 SER A OG  1 
ATOM 128 N N   . LYS A 1 321 ? -9.389  18.729  -0.074  1.00 32.33  ? 321 LYS A N   1 
ATOM 129 C CA  . LYS A 1 321 ? -9.226  20.057  0.470   1.00 34.65  ? 321 LYS A CA  1 
ATOM 130 C C   . LYS A 1 321 ? -9.469  19.949  1.968   1.00 34.53  ? 321 LYS A C   1 
ATOM 131 O O   . LYS A 1 321 ? -10.369 19.245  2.425   1.00 37.25  ? 321 LYS A O   1 
ATOM 132 C CB  . LYS A 1 321 ? -10.191 20.997  -0.243  1.00 44.22  ? 321 LYS A CB  1 
ATOM 133 C CG  . LYS A 1 321 ? -9.824  22.469  -0.235  1.00 52.45  ? 321 LYS A CG  1 
ATOM 134 C CD  . LYS A 1 321 ? -10.164 23.204  1.032   1.00 62.32  ? 321 LYS A CD  1 
ATOM 135 C CE  . LYS A 1 321 ? -10.236 24.705  0.819   1.00 72.82  ? 321 LYS A CE  1 
ATOM 136 N NZ  . LYS A 1 321 ? -10.445 25.436  2.095   1.00 78.32  ? 321 LYS A NZ  1 
ATOM 137 N N   . CYS A 1 322 ? -8.655  20.655  2.735   1.00 35.01  ? 322 CYS A N   1 
ATOM 138 C CA  . CYS A 1 322 ? -8.644  20.476  4.169   1.00 35.45  ? 322 CYS A CA  1 
ATOM 139 C C   . CYS A 1 322 ? -8.199  21.791  4.804   1.00 30.20  ? 322 CYS A C   1 
ATOM 140 O O   . CYS A 1 322 ? -7.364  22.482  4.245   1.00 31.95  ? 322 CYS A O   1 
ATOM 141 C CB  . CYS A 1 322 ? -7.744  19.275  4.437   1.00 37.95  ? 322 CYS A CB  1 
ATOM 142 S SG  . CYS A 1 322 ? -7.323  19.047  6.166   1.00 52.86  ? 322 CYS A SG  1 
ATOM 143 N N   . GLY A 1 323 ? -8.777  22.168  5.943   1.00 29.55  ? 323 GLY A N   1 
ATOM 144 C CA  . GLY A 1 323 ? -8.274  23.310  6.703   1.00 31.95  ? 323 GLY A CA  1 
ATOM 145 C C   . GLY A 1 323 ? -6.995  22.951  7.467   1.00 32.00  ? 323 GLY A C   1 
ATOM 146 O O   . GLY A 1 323 ? -6.151  22.212  6.967   1.00 40.05  ? 323 GLY A O   1 
ATOM 147 N N   . SER A 1 324 ? -6.841  23.449  8.688   1.00 33.13  ? 324 SER A N   1 
ATOM 148 C CA  . SER A 1 324 ? -5.677  23.079  9.478   1.00 32.56  ? 324 SER A CA  1 
ATOM 149 C C   . SER A 1 324 ? -5.779  21.598  9.851   1.00 30.55  ? 324 SER A C   1 
ATOM 150 O O   . SER A 1 324 ? -6.873  21.091  10.074  1.00 30.47  ? 324 SER A O   1 
ATOM 151 C CB  . SER A 1 324 ? -5.544  23.931  10.694  1.00 33.22  ? 324 SER A CB  1 
ATOM 152 O OG  . SER A 1 324 ? -6.680  23.768  11.530  1.00 41.36  ? 324 SER A OG  1 
ATOM 153 N N   . LEU A 1 325 ? -4.632  20.924  9.885   1.00 26.89  ? 325 LEU A N   1 
ATOM 154 C CA  . LEU A 1 325 ? -4.547  19.528  10.232  1.00 28.06  ? 325 LEU A CA  1 
ATOM 155 C C   . LEU A 1 325 ? -3.558  19.478  11.378  1.00 27.39  ? 325 LEU A C   1 
ATOM 156 O O   . LEU A 1 325 ? -2.406  19.868  11.206  1.00 29.53  ? 325 LEU A O   1 
ATOM 157 C CB  . LEU A 1 325 ? -4.086  18.745  9.002   1.00 32.03  ? 325 LEU A CB  1 
ATOM 158 C CG  . LEU A 1 325 ? -4.481  17.270  8.906   1.00 36.15  ? 325 LEU A CG  1 
ATOM 159 C CD1 . LEU A 1 325 ? -3.796  16.623  7.707   1.00 36.19  ? 325 LEU A CD1 1 
ATOM 160 C CD2 . LEU A 1 325 ? -4.129  16.506  10.155  1.00 37.36  ? 325 LEU A CD2 1 
ATOM 161 N N   . GLY A 1 326 ? -4.005  19.067  12.561  1.00 26.08  ? 326 GLY A N   1 
ATOM 162 C CA  . GLY A 1 326 ? -3.086  19.110  13.676  1.00 25.46  ? 326 GLY A CA  1 
ATOM 163 C C   . GLY A 1 326 ? -3.697  18.892  15.046  1.00 25.94  ? 326 GLY A C   1 
ATOM 164 O O   . GLY A 1 326 ? -4.858  18.595  15.172  1.00 28.69  ? 326 GLY A O   1 
ATOM 165 N N   . ASN A 1 327 ? -2.859  19.038  16.072  1.00 27.66  ? 327 ASN A N   1 
ATOM 166 C CA  . ASN A 1 327 ? -3.201  18.685  17.438  1.00 26.67  ? 327 ASN A CA  1 
ATOM 167 C C   . ASN A 1 327 ? -3.476  17.178  17.492  1.00 24.13  ? 327 ASN A C   1 
ATOM 168 O O   . ASN A 1 327 ? -4.558  16.741  17.848  1.00 27.23  ? 327 ASN A O   1 
ATOM 169 C CB  . ASN A 1 327 ? -4.301  19.603  17.964  1.00 25.26  ? 327 ASN A CB  1 
ATOM 170 C CG  . ASN A 1 327 ? -4.546  19.404  19.428  1.00 26.59  ? 327 ASN A CG  1 
ATOM 171 O OD1 . ASN A 1 327 ? -3.671  18.914  20.135  1.00 31.74  ? 327 ASN A OD1 1 
ATOM 172 N ND2 . ASN A 1 327 ? -5.731  19.774  19.889  1.00 31.40  ? 327 ASN A ND2 1 
ATOM 173 N N   . ILE A 1 328 ? -2.466  16.396  17.117  1.00 24.09  ? 328 ILE A N   1 
ATOM 174 C CA  . ILE A 1 328 ? -2.542  14.948  17.056  1.00 23.25  ? 328 ILE A CA  1 
ATOM 175 C C   . ILE A 1 328 ? -1.500  14.390  18.021  1.00 22.69  ? 328 ILE A C   1 
ATOM 176 O O   . ILE A 1 328 ? -0.341  14.753  17.896  1.00 22.19  ? 328 ILE A O   1 
ATOM 177 C CB  . ILE A 1 328 ? -2.319  14.492  15.606  1.00 22.17  ? 328 ILE A CB  1 
ATOM 178 C CG1 . ILE A 1 328 ? -3.435  15.001  14.696  1.00 23.62  ? 328 ILE A CG1 1 
ATOM 179 C CG2 . ILE A 1 328 ? -2.176  12.985  15.534  1.00 23.71  ? 328 ILE A CG2 1 
ATOM 180 C CD1 . ILE A 1 328 ? -3.142  14.927  13.218  1.00 24.67  ? 328 ILE A CD1 1 
ATOM 181 N N   . HIS A 1 329 ? -1.921  13.507  18.941  1.00 23.94  ? 329 HIS A N   1 
ATOM 182 C CA  . HIS A 1 329 ? -1.072  12.954  19.993  1.00 25.88  ? 329 HIS A CA  1 
ATOM 183 C C   . HIS A 1 329 ? -1.148  11.438  19.956  1.00 24.88  ? 329 HIS A C   1 
ATOM 184 O O   . HIS A 1 329 ? -2.242  10.890  20.046  1.00 27.58  ? 329 HIS A O   1 
ATOM 185 C CB  . HIS A 1 329 ? -1.489  13.419  21.379  1.00 25.22  ? 329 HIS A CB  1 
ATOM 186 C CG  . HIS A 1 329 ? -1.418  14.883  21.470  1.00 31.02  ? 329 HIS A CG  1 
ATOM 187 N ND1 . HIS A 1 329 ? -0.389  15.520  22.114  1.00 35.86  ? 329 HIS A ND1 1 
ATOM 188 C CD2 . HIS A 1 329 ? -2.195  15.847  20.949  1.00 34.56  ? 329 HIS A CD2 1 
ATOM 189 C CE1 . HIS A 1 329 ? -0.560  16.827  21.993  1.00 35.96  ? 329 HIS A CE1 1 
ATOM 190 N NE2 . HIS A 1 329 ? -1.649  17.045  21.293  1.00 34.11  ? 329 HIS A NE2 1 
ATOM 191 N N   . HIS A 1 330 ? -0.002  10.785  19.766  1.00 25.02  ? 330 HIS A N   1 
ATOM 192 C CA  . HIS A 1 330 ? 0.103   9.338   19.720  1.00 24.69  ? 330 HIS A CA  1 
ATOM 193 C C   . HIS A 1 330 ? 1.098   8.960   20.811  1.00 27.28  ? 330 HIS A C   1 
ATOM 194 O O   . HIS A 1 330 ? 2.287   9.200   20.638  1.00 29.76  ? 330 HIS A O   1 
ATOM 195 C CB  . HIS A 1 330 ? 0.535   8.920   18.319  1.00 25.81  ? 330 HIS A CB  1 
ATOM 196 C CG  . HIS A 1 330 ? 0.524   7.453   18.121  1.00 32.04  ? 330 HIS A CG  1 
ATOM 197 N ND1 . HIS A 1 330 ? 1.126   6.829   17.059  1.00 33.93  ? 330 HIS A ND1 1 
ATOM 198 C CD2 . HIS A 1 330 ? -0.026  6.468   18.847  1.00 37.09  ? 330 HIS A CD2 1 
ATOM 199 C CE1 . HIS A 1 330 ? 0.974   5.524   17.176  1.00 35.30  ? 330 HIS A CE1 1 
ATOM 200 N NE2 . HIS A 1 330 ? 0.255   5.285   18.235  1.00 37.78  ? 330 HIS A NE2 1 
ATOM 201 N N   . LYS A 1 331 ? 0.584   8.437   21.915  1.00 32.11  ? 331 LYS A N   1 
ATOM 202 C CA  . LYS A 1 331 ? 1.408   8.046   23.039  1.00 34.09  ? 331 LYS A CA  1 
ATOM 203 C C   . LYS A 1 331 ? 1.246   6.579   23.389  1.00 31.35  ? 331 LYS A C   1 
ATOM 204 O O   . LYS A 1 331 ? 0.556   6.243   24.345  1.00 32.09  ? 331 LYS A O   1 
ATOM 205 C CB  . LYS A 1 331 ? 1.066   8.883   24.272  1.00 38.81  ? 331 LYS A CB  1 
ATOM 206 C CG  . LYS A 1 331 ? 1.536   10.324  24.222  1.00 50.94  ? 331 LYS A CG  1 
ATOM 207 C CD  . LYS A 1 331 ? 1.121   11.060  25.485  1.00 66.46  ? 331 LYS A CD  1 
ATOM 208 C CE  . LYS A 1 331 ? 1.710   12.458  25.543  1.00 76.57  ? 331 LYS A CE  1 
ATOM 209 N NZ  . LYS A 1 331 ? 1.315   13.166  26.791  1.00 78.42  ? 331 LYS A NZ  1 
ATOM 210 N N   . PRO A 1 332 ? 1.873   5.687   22.607  1.00 34.32  ? 332 PRO A N   1 
ATOM 211 C CA  . PRO A 1 332 ? 1.834   4.261   22.945  1.00 34.43  ? 332 PRO A CA  1 
ATOM 212 C C   . PRO A 1 332 ? 2.489   3.989   24.299  1.00 36.55  ? 332 PRO A C   1 
ATOM 213 O O   . PRO A 1 332 ? 3.460   4.651   24.669  1.00 39.02  ? 332 PRO A O   1 
ATOM 214 C CB  . PRO A 1 332 ? 2.614   3.566   21.841  1.00 33.24  ? 332 PRO A CB  1 
ATOM 215 C CG  . PRO A 1 332 ? 2.685   4.555   20.723  1.00 36.67  ? 332 PRO A CG  1 
ATOM 216 C CD  . PRO A 1 332 ? 2.516   5.938   21.321  1.00 35.44  ? 332 PRO A CD  1 
ATOM 217 N N   . GLY A 1 333 ? 1.901   3.064   25.061  1.00 37.56  ? 333 GLY A N   1 
ATOM 218 C CA  . GLY A 1 333 ? 2.564   2.499   26.220  1.00 38.90  ? 333 GLY A CA  1 
ATOM 219 C C   . GLY A 1 333 ? 3.661   1.544   25.770  1.00 39.52  ? 333 GLY A C   1 
ATOM 220 O O   . GLY A 1 333 ? 3.450   0.822   24.808  1.00 52.57  ? 333 GLY A O   1 
ATOM 221 N N   . GLY A 1 334 ? 4.783   1.519   26.496  1.00 41.32  ? 334 GLY A N   1 
ATOM 222 C CA  . GLY A 1 334 ? 5.889   0.614   26.257  1.00 41.79  ? 334 GLY A CA  1 
ATOM 223 C C   . GLY A 1 334 ? 5.527   -0.869  26.168  1.00 40.44  ? 334 GLY A C   1 
ATOM 224 O O   . GLY A 1 334 ? 4.429   -1.306  26.491  1.00 40.94  ? 334 GLY A O   1 
ATOM 225 N N   . GLY A 1 335 ? 6.508   -1.628  25.694  1.00 38.64  ? 335 GLY A N   1 
ATOM 226 C CA  . GLY A 1 335 ? 6.339   -3.013  25.320  1.00 36.88  ? 335 GLY A CA  1 
ATOM 227 C C   . GLY A 1 335 ? 7.389   -3.864  26.017  1.00 33.68  ? 335 GLY A C   1 
ATOM 228 O O   . GLY A 1 335 ? 8.491   -3.396  26.276  1.00 39.95  ? 335 GLY A O   1 
ATOM 229 N N   . GLN A 1 336 ? 7.009   -5.089  26.346  1.00 30.20  ? 336 GLN A N   1 
ATOM 230 C CA  . GLN A 1 336 ? 7.943   -6.131  26.700  1.00 30.09  ? 336 GLN A CA  1 
ATOM 231 C C   . GLN A 1 336 ? 7.647   -7.290  25.773  1.00 29.87  ? 336 GLN A C   1 
ATOM 232 O O   . GLN A 1 336 ? 6.516   -7.752  25.705  1.00 35.76  ? 336 GLN A O   1 
ATOM 233 C CB  . GLN A 1 336 ? 7.767   -6.543  28.155  1.00 29.84  ? 336 GLN A CB  1 
ATOM 234 C CG  . GLN A 1 336 ? 8.125   -5.439  29.136  1.00 32.98  ? 336 GLN A CG  1 
ATOM 235 C CD  . GLN A 1 336 ? 7.878   -5.853  30.563  1.00 33.67  ? 336 GLN A CD  1 
ATOM 236 O OE1 . GLN A 1 336 ? 8.794   -6.087  31.341  1.00 36.54  ? 336 GLN A OE1 1 
ATOM 237 N NE2 . GLN A 1 336 ? 6.614   -6.027  30.893  1.00 41.32  ? 336 GLN A NE2 1 
ATOM 238 N N   A MET A 1 337 ? 8.669   -7.757  25.076  1.00 35.51  ? 337 MET A N   1 
ATOM 239 C CA  A MET A 1 337 ? 8.498   -8.682  23.978  1.00 37.29  ? 337 MET A CA  1 
ATOM 240 C C   A MET A 1 337 ? 9.567   -9.762  24.063  1.00 32.35  ? 337 MET A C   1 
ATOM 241 O O   A MET A 1 337 ? 10.738  -9.433  24.183  1.00 39.90  ? 337 MET A O   1 
ATOM 242 C CB  A MET A 1 337 ? 8.605   -7.880  22.683  1.00 43.56  ? 337 MET A CB  1 
ATOM 243 C CG  A MET A 1 337 ? 7.578   -8.237  21.695  1.00 54.51  ? 337 MET A CG  1 
ATOM 244 S SD  A MET A 1 337 ? 7.699   -9.988  21.300  1.00 74.00  ? 337 MET A SD  1 
ATOM 245 C CE  A MET A 1 337 ? 9.406   -10.147 20.782  1.00 83.92  ? 337 MET A CE  1 
ATOM 246 N N   B VAL A 1 337 ? 8.644   -7.714  24.914  1.00 30.96  ? 337 VAL A N   1 
ATOM 247 C CA  B VAL A 1 337 ? 8.445   -8.746  23.911  1.00 31.10  ? 337 VAL A CA  1 
ATOM 248 C C   B VAL A 1 337 ? 9.544   -9.792  24.048  1.00 29.95  ? 337 VAL A C   1 
ATOM 249 O O   B VAL A 1 337 ? 10.712  -9.435  24.116  1.00 34.06  ? 337 VAL A O   1 
ATOM 250 C CB  B VAL A 1 337 ? 8.397   -8.133  22.503  1.00 32.11  ? 337 VAL A CB  1 
ATOM 251 C CG1 B VAL A 1 337 ? 8.120   -9.188  21.445  1.00 34.95  ? 337 VAL A CG1 1 
ATOM 252 C CG2 B VAL A 1 337 ? 7.368   -7.019  22.437  1.00 34.99  ? 337 VAL A CG2 1 
ATOM 253 N N   . GLU A 1 338 ? 9.166   -11.033 23.998  1.00 34.32  ? 338 GLU A N   1 
ATOM 254 C CA  . GLU A 1 338 ? 10.082  -12.161 23.914  1.00 35.75  ? 338 GLU A CA  1 
ATOM 255 C C   . GLU A 1 338 ? 9.696   -13.019 22.706  1.00 35.62  ? 338 GLU A C   1 
ATOM 256 O O   . GLU A 1 338 ? 8.582   -13.523 22.695  1.00 37.08  ? 338 GLU A O   1 
ATOM 257 C CB  . GLU A 1 338 ? 10.007  -12.945 25.221  1.00 39.37  ? 338 GLU A CB  1 
ATOM 258 C CG  . GLU A 1 338 ? 11.113  -13.971 25.354  1.00 49.88  ? 338 GLU A CG  1 
ATOM 259 C CD  . GLU A 1 338 ? 11.063  -14.877 26.574  1.00 60.14  ? 338 GLU A CD  1 
ATOM 260 O OE1 . GLU A 1 338 ? 12.041  -14.867 27.364  1.00 68.07  ? 338 GLU A OE1 1 
ATOM 261 O OE2 . GLU A 1 338 ? 10.079  -15.636 26.707  1.00 66.83  ? 338 GLU A OE2 1 
ATOM 262 N N   . VAL A 1 339 ? 10.557  -13.094 21.668  1.00 39.20  ? 339 VAL A N   1 
ATOM 263 C CA  . VAL A 1 339 ? 10.371  -13.962 20.507  1.00 40.97  ? 339 VAL A CA  1 
ATOM 264 C C   . VAL A 1 339 ? 11.399  -15.075 20.565  1.00 36.67  ? 339 VAL A C   1 
ATOM 265 O O   . VAL A 1 339 ? 12.582  -14.794 20.689  1.00 42.15  ? 339 VAL A O   1 
ATOM 266 C CB  . VAL A 1 339 ? 10.471  -13.239 19.146  1.00 50.04  ? 339 VAL A CB  1 
ATOM 267 C CG1 . VAL A 1 339 ? 11.184  -14.034 18.051  1.00 62.72  ? 339 VAL A CG1 1 
ATOM 268 C CG2 . VAL A 1 339 ? 9.123   -12.905 18.584  1.00 53.93  ? 339 VAL A CG2 1 
ATOM 269 N N   . LYS A 1 340 ? 10.933  -16.317 20.405  1.00 42.04  ? 340 LYS A N   1 
ATOM 270 C CA  . LYS A 1 340 ? 11.776  -17.448 20.066  1.00 42.99  ? 340 LYS A CA  1 
ATOM 271 C C   . LYS A 1 340 ? 11.235  -18.087 18.794  1.00 42.20  ? 340 LYS A C   1 
ATOM 272 O O   . LYS A 1 340 ? 10.066  -18.442 18.751  1.00 47.55  ? 340 LYS A O   1 
ATOM 273 C CB  . LYS A 1 340 ? 11.802  -18.445 21.210  1.00 46.06  ? 340 LYS A CB  1 
ATOM 274 C CG  . LYS A 1 340 ? 12.408  -17.910 22.489  1.00 58.88  ? 340 LYS A CG  1 
ATOM 275 C CD  . LYS A 1 340 ? 12.531  -18.983 23.559  1.00 72.37  ? 340 LYS A CD  1 
ATOM 276 C CE  . LYS A 1 340 ? 13.213  -18.503 24.824  1.00 76.37  ? 340 LYS A CE  1 
ATOM 277 N NZ  . LYS A 1 340 ? 12.517  -17.336 25.416  1.00 75.99  ? 340 LYS A NZ  1 
ATOM 278 N N   . SER A 1 341 ? 12.083  -18.202 17.764  1.00 44.34  ? 341 SER A N   1 
ATOM 279 C CA  . SER A 1 341 ? 11.728  -18.783 16.482  1.00 45.71  ? 341 SER A CA  1 
ATOM 280 C C   . SER A 1 341 ? 12.775  -19.832 16.115  1.00 53.80  ? 341 SER A C   1 
ATOM 281 O O   . SER A 1 341 ? 13.957  -19.506 16.098  1.00 53.83  ? 341 SER A O   1 
ATOM 282 C CB  . SER A 1 341 ? 11.633  -17.715 15.452  1.00 49.01  ? 341 SER A CB  1 
ATOM 283 O OG  . SER A 1 341 ? 10.750  -16.684 15.869  1.00 47.54  ? 341 SER A OG  1 
ATOM 284 N N   . GLU A 1 342 ? 12.352  -21.082 15.836  1.00 62.53  ? 342 GLU A N   1 
ATOM 285 C CA  . GLU A 1 342 ? 13.281  -22.202 15.748  1.00 67.02  ? 342 GLU A CA  1 
ATOM 286 C C   . GLU A 1 342 ? 13.574  -22.561 14.290  1.00 70.20  ? 342 GLU A C   1 
ATOM 287 O O   . GLU A 1 342 ? 14.741  -22.517 13.906  1.00 87.67  ? 342 GLU A O   1 
ATOM 288 C CB  . GLU A 1 342 ? 12.804  -23.402 16.558  1.00 80.54  ? 342 GLU A CB  1 
ATOM 289 C CG  . GLU A 1 342 ? 13.928  -24.378 16.881  1.00 90.81  ? 342 GLU A CG  1 
ATOM 290 C CD  . GLU A 1 342 ? 13.629  -25.464 17.908  1.00 108.89 ? 342 GLU A CD  1 
ATOM 291 O OE1 . GLU A 1 342 ? 12.651  -25.321 18.683  1.00 112.47 ? 342 GLU A OE1 1 
ATOM 292 O OE2 . GLU A 1 342 ? 14.380  -26.467 17.929  1.00 111.82 ? 342 GLU A OE2 1 
ATOM 293 N N   . LYS A 1 343 ? 12.562  -22.909 13.481  1.00 56.50  ? 343 LYS A N   1 
ATOM 294 C CA  . LYS A 1 343 ? 12.805  -23.432 12.131  1.00 51.99  ? 343 LYS A CA  1 
ATOM 295 C C   . LYS A 1 343 ? 11.832  -22.808 11.134  1.00 46.43  ? 343 LYS A C   1 
ATOM 296 O O   . LYS A 1 343 ? 10.732  -23.307 10.926  1.00 53.69  ? 343 LYS A O   1 
ATOM 297 C CB  . LYS A 1 343 ? 12.678  -24.960 12.089  1.00 51.75  ? 343 LYS A CB  1 
ATOM 298 C CG  . LYS A 1 343 ? 13.648  -25.723 12.980  1.00 57.02  ? 343 LYS A CG  1 
ATOM 299 C CD  . LYS A 1 343 ? 13.436  -27.220 12.911  1.00 65.46  ? 343 LYS A CD  1 
ATOM 300 C CE  . LYS A 1 343 ? 14.515  -28.023 13.608  1.00 72.97  ? 343 LYS A CE  1 
ATOM 301 N NZ  . LYS A 1 343 ? 14.498  -27.818 15.078  1.00 77.74  ? 343 LYS A NZ  1 
ATOM 302 N N   . LEU A 1 344 ? 12.236  -21.693 10.539  1.00 46.00  ? 344 LEU A N   1 
ATOM 303 C CA  . LEU A 1 344 ? 11.389  -20.942 9.632   1.00 47.76  ? 344 LEU A CA  1 
ATOM 304 C C   . LEU A 1 344 ? 11.887  -21.196 8.215   1.00 48.68  ? 344 LEU A C   1 
ATOM 305 O O   . LEU A 1 344 ? 13.097  -21.228 7.994   1.00 54.95  ? 344 LEU A O   1 
ATOM 306 C CB  . LEU A 1 344 ? 11.467  -19.454 9.988   1.00 48.35  ? 344 LEU A CB  1 
ATOM 307 C CG  . LEU A 1 344 ? 10.509  -18.938 11.060  1.00 49.19  ? 344 LEU A CG  1 
ATOM 308 C CD1 . LEU A 1 344 ? 10.585  -19.748 12.337  1.00 48.51  ? 344 LEU A CD1 1 
ATOM 309 C CD2 . LEU A 1 344 ? 10.816  -17.474 11.360  1.00 51.31  ? 344 LEU A CD2 1 
ATOM 310 N N   . ASP A 1 345 ? 10.946  -21.349 7.272   1.00 52.60  ? 345 ASP A N   1 
ATOM 311 C CA  . ASP A 1 345 ? 11.257  -21.647 5.881   1.00 53.97  ? 345 ASP A CA  1 
ATOM 312 C C   . ASP A 1 345 ? 10.281  -20.877 5.004   1.00 46.28  ? 345 ASP A C   1 
ATOM 313 O O   . ASP A 1 345 ? 9.180   -21.356 4.759   1.00 54.75  ? 345 ASP A O   1 
ATOM 314 C CB  . ASP A 1 345 ? 11.224  -23.158 5.625   1.00 62.94  ? 345 ASP A CB  1 
ATOM 315 C CG  . ASP A 1 345 ? 11.419  -23.570 4.173   1.00 78.54  ? 345 ASP A CG  1 
ATOM 316 O OD1 . ASP A 1 345 ? 11.998  -22.775 3.388   1.00 84.94  ? 345 ASP A OD1 1 
ATOM 317 O OD2 . ASP A 1 345 ? 10.963  -24.682 3.821   1.00 93.60  ? 345 ASP A OD2 1 
ATOM 318 N N   . PHE A 1 346 ? 10.686  -19.682 4.562   1.00 47.18  ? 346 PHE A N   1 
ATOM 319 C CA  . PHE A 1 346 ? 9.848   -18.841 3.721   1.00 53.90  ? 346 PHE A CA  1 
ATOM 320 C C   . PHE A 1 346 ? 10.417  -18.838 2.304   1.00 51.60  ? 346 PHE A C   1 
ATOM 321 O O   . PHE A 1 346 ? 11.631  -18.858 2.141   1.00 55.58  ? 346 PHE A O   1 
ATOM 322 C CB  . PHE A 1 346 ? 9.742   -17.418 4.280   1.00 54.62  ? 346 PHE A CB  1 
ATOM 323 C CG  . PHE A 1 346 ? 9.316   -17.286 5.724   1.00 57.73  ? 346 PHE A CG  1 
ATOM 324 C CD1 . PHE A 1 346 ? 8.681   -18.314 6.422   1.00 56.73  ? 346 PHE A CD1 1 
ATOM 325 C CD2 . PHE A 1 346 ? 9.563   -16.094 6.400   1.00 56.35  ? 346 PHE A CD2 1 
ATOM 326 C CE1 . PHE A 1 346 ? 8.316   -18.154 7.754   1.00 57.56  ? 346 PHE A CE1 1 
ATOM 327 C CE2 . PHE A 1 346 ? 9.210   -15.945 7.734   1.00 52.00  ? 346 PHE A CE2 1 
ATOM 328 C CZ  . PHE A 1 346 ? 8.579   -16.967 8.405   1.00 55.06  ? 346 PHE A CZ  1 
ATOM 329 N N   . LYS A 1 347 ? 9.533   -18.840 1.294   1.00 56.79  ? 347 LYS A N   1 
ATOM 330 C CA  . LYS A 1 347 ? 9.940   -18.722 -0.101  1.00 60.34  ? 347 LYS A CA  1 
ATOM 331 C C   . LYS A 1 347 ? 8.801   -18.168 -0.950  1.00 58.47  ? 347 LYS A C   1 
ATOM 332 O O   . LYS A 1 347 ? 7.649   -18.304 -0.586  1.00 62.61  ? 347 LYS A O   1 
ATOM 333 C CB  . LYS A 1 347 ? 10.443  -20.063 -0.640  1.00 64.41  ? 347 LYS A CB  1 
ATOM 334 C CG  . LYS A 1 347 ? 9.435   -21.199 -0.609  1.00 76.99  ? 347 LYS A CG  1 
ATOM 335 C CD  . LYS A 1 347 ? 10.021  -22.537 -1.001  1.00 85.38  ? 347 LYS A CD  1 
ATOM 336 C CE  . LYS A 1 347 ? 10.891  -23.146 0.080   1.00 89.58  ? 347 LYS A CE  1 
ATOM 337 N NZ  . LYS A 1 347 ? 11.192  -24.568 -0.217  1.00 96.98  ? 347 LYS A NZ  1 
ATOM 338 N N   . ASP A 1 348 ? 9.143   -17.498 -2.055  1.00 61.58  ? 348 ASP A N   1 
ATOM 339 C CA  . ASP A 1 348 ? 8.206   -17.096 -3.099  1.00 64.96  ? 348 ASP A CA  1 
ATOM 340 C C   . ASP A 1 348 ? 7.191   -16.100 -2.535  1.00 60.04  ? 348 ASP A C   1 
ATOM 341 O O   . ASP A 1 348 ? 6.050   -16.450 -2.258  1.00 64.52  ? 348 ASP A O   1 
ATOM 342 C CB  . ASP A 1 348 ? 7.586   -18.315 -3.794  1.00 71.72  ? 348 ASP A CB  1 
ATOM 343 C CG  . ASP A 1 348 ? 6.659   -18.004 -4.964  1.00 84.34  ? 348 ASP A CG  1 
ATOM 344 O OD1 . ASP A 1 348 ? 5.870   -18.903 -5.331  1.00 95.45  ? 348 ASP A OD1 1 
ATOM 345 O OD2 . ASP A 1 348 ? 6.743   -16.889 -5.528  1.00 91.14  ? 348 ASP A OD2 1 
ATOM 346 N N   . ARG A 1 349 ? 7.648   -14.854 -2.390  1.00 61.79  ? 349 ARG A N   1 
ATOM 347 C CA  . ARG A 1 349 ? 6.875   -13.667 -2.046  1.00 63.15  ? 349 ARG A CA  1 
ATOM 348 C C   . ARG A 1 349 ? 6.049   -13.855 -0.773  1.00 60.35  ? 349 ARG A C   1 
ATOM 349 O O   . ARG A 1 349 ? 4.860   -13.582 -0.743  1.00 61.52  ? 349 ARG A O   1 
ATOM 350 C CB  . ARG A 1 349 ? 6.192   -13.050 -3.272  1.00 64.72  ? 349 ARG A CB  1 
ATOM 351 C CG  . ARG A 1 349 ? 5.299   -13.944 -4.110  1.00 73.22  ? 349 ARG A CG  1 
ATOM 352 C CD  . ARG A 1 349 ? 4.925   -13.183 -5.374  1.00 81.35  ? 349 ARG A CD  1 
ATOM 353 N NE  . ARG A 1 349 ? 4.223   -14.037 -6.331  1.00 95.91  ? 349 ARG A NE  1 
ATOM 354 C CZ  . ARG A 1 349 ? 3.505   -13.592 -7.363  1.00 106.18 ? 349 ARG A CZ  1 
ATOM 355 N NH1 . ARG A 1 349 ? 3.366   -12.285 -7.584  1.00 111.92 ? 349 ARG A NH1 1 
ATOM 356 N NH2 . ARG A 1 349 ? 2.914   -14.462 -8.169  1.00 110.01 ? 349 ARG A NH2 1 
ATOM 357 N N   . VAL A 1 350 ? 6.770   -14.167 0.311   1.00 55.84  ? 350 VAL A N   1 
ATOM 358 C CA  . VAL A 1 350 ? 6.262   -14.157 1.669   1.00 48.34  ? 350 VAL A CA  1 
ATOM 359 C C   . VAL A 1 350 ? 6.518   -12.791 2.306   1.00 46.13  ? 350 VAL A C   1 
ATOM 360 O O   . VAL A 1 350 ? 7.554   -12.171 2.082   1.00 47.39  ? 350 VAL A O   1 
ATOM 361 C CB  . VAL A 1 350 ? 6.929   -15.279 2.472   1.00 46.02  ? 350 VAL A CB  1 
ATOM 362 C CG1 . VAL A 1 350 ? 6.595   -15.201 3.954   1.00 49.24  ? 350 VAL A CG1 1 
ATOM 363 C CG2 . VAL A 1 350 ? 6.563   -16.637 1.903   1.00 46.96  ? 350 VAL A CG2 1 
ATOM 364 N N   . GLN A 1 351 ? 5.566   -12.344 3.126   1.00 47.70  ? 351 GLN A N   1 
ATOM 365 C CA  . GLN A 1 351 ? 5.652   -11.082 3.837   1.00 47.87  ? 351 GLN A CA  1 
ATOM 366 C C   . GLN A 1 351 ? 5.202   -11.314 5.276   1.00 44.99  ? 351 GLN A C   1 
ATOM 367 O O   . GLN A 1 351 ? 4.006   -11.418 5.521   1.00 50.28  ? 351 GLN A O   1 
ATOM 368 C CB  . GLN A 1 351 ? 4.819   -10.048 3.091   1.00 48.52  ? 351 GLN A CB  1 
ATOM 369 C CG  . GLN A 1 351 ? 4.842   -8.680  3.743   1.00 58.04  ? 351 GLN A CG  1 
ATOM 370 C CD  . GLN A 1 351 ? 4.052   -7.646  2.976   1.00 73.82  ? 351 GLN A CD  1 
ATOM 371 O OE1 . GLN A 1 351 ? 3.801   -7.772  1.775   1.00 66.73  ? 351 GLN A OE1 1 
ATOM 372 N NE2 . GLN A 1 351 ? 3.659   -6.593  3.683   1.00 85.64  ? 351 GLN A NE2 1 
ATOM 373 N N   . SER A 1 352 ? 6.157   -11.398 6.217   1.00 45.50  ? 352 SER A N   1 
ATOM 374 C CA  . SER A 1 352 ? 5.871   -11.832 7.578   1.00 45.97  ? 352 SER A CA  1 
ATOM 375 C C   . SER A 1 352 ? 6.315   -10.798 8.607   1.00 42.16  ? 352 SER A C   1 
ATOM 376 O O   . SER A 1 352 ? 7.280   -10.070 8.398   1.00 51.17  ? 352 SER A O   1 
ATOM 377 C CB  . SER A 1 352 ? 6.496   -13.180 7.882   1.00 45.46  ? 352 SER A CB  1 
ATOM 378 O OG  . SER A 1 352 ? 7.887   -13.110 7.684   1.00 60.34  ? 352 SER A OG  1 
ATOM 379 N N   . LYS A 1 353 ? 5.598   -10.779 9.736   1.00 39.64  ? 353 LYS A N   1 
ATOM 380 C CA  . LYS A 1 353 ? 6.023   -10.130 10.960  1.00 37.08  ? 353 LYS A CA  1 
ATOM 381 C C   . LYS A 1 353 ? 5.924   -11.143 12.084  1.00 31.67  ? 353 LYS A C   1 
ATOM 382 O O   . LYS A 1 353 ? 4.939   -11.862 12.165  1.00 36.86  ? 353 LYS A O   1 
ATOM 383 C CB  . LYS A 1 353 ? 5.135   -8.920  11.266  1.00 39.71  ? 353 LYS A CB  1 
ATOM 384 C CG  . LYS A 1 353 ? 5.302   -7.777  10.289  1.00 44.84  ? 353 LYS A CG  1 
ATOM 385 C CD  . LYS A 1 353 ? 4.234   -6.732  10.359  1.00 53.90  ? 353 LYS A CD  1 
ATOM 386 C CE  . LYS A 1 353 ? 4.389   -5.776  11.521  1.00 63.24  ? 353 LYS A CE  1 
ATOM 387 N NZ  . LYS A 1 353 ? 3.501   -4.594  11.372  1.00 65.69  ? 353 LYS A NZ  1 
ATOM 388 N N   . ILE A 1 354 ? 6.943   -11.214 12.944  1.00 34.65  ? 354 ILE A N   1 
ATOM 389 C CA  . ILE A 1 354 ? 6.787   -11.973 14.166  1.00 35.81  ? 354 ILE A CA  1 
ATOM 390 C C   . ILE A 1 354 ? 7.454   -11.259 15.342  1.00 35.91  ? 354 ILE A C   1 
ATOM 391 O O   . ILE A 1 354 ? 8.638   -10.943 15.303  1.00 37.44  ? 354 ILE A O   1 
ATOM 392 C CB  . ILE A 1 354 ? 7.106   -13.479 13.984  1.00 40.47  ? 354 ILE A CB  1 
ATOM 393 C CG1 . ILE A 1 354 ? 7.847   -14.062 15.192  1.00 41.29  ? 354 ILE A CG1 1 
ATOM 394 C CG2 . ILE A 1 354 ? 7.793   -13.801 12.667  1.00 43.84  ? 354 ILE A CG2 1 
ATOM 395 C CD1 . ILE A 1 354 ? 7.895   -15.570 15.202  1.00 56.20  ? 354 ILE A CD1 1 
ATOM 396 N N   . GLY A 1 355 ? 6.664   -11.050 16.414  1.00 32.99  ? 355 GLY A N   1 
ATOM 397 C CA  . GLY A 1 355 ? 7.120   -10.384 17.620  1.00 33.32  ? 355 GLY A CA  1 
ATOM 398 C C   . GLY A 1 355 ? 7.615   -8.967  17.373  1.00 36.51  ? 355 GLY A C   1 
ATOM 399 O O   . GLY A 1 355 ? 8.555   -8.506  18.029  1.00 38.11  ? 355 GLY A O   1 
ATOM 400 N N   . SER A 1 356 ? 7.013   -8.297  16.403  1.00 35.45  ? 356 SER A N   1 
ATOM 401 C CA  . SER A 1 356 ? 7.502   -6.979  16.021  1.00 40.80  ? 356 SER A CA  1 
ATOM 402 C C   . SER A 1 356 ? 6.596   -5.956  16.694  1.00 37.57  ? 356 SER A C   1 
ATOM 403 O O   . SER A 1 356 ? 5.427   -6.268  16.889  1.00 39.24  ? 356 SER A O   1 
ATOM 404 C CB  . SER A 1 356 ? 7.541   -6.824  14.511  1.00 39.52  ? 356 SER A CB  1 
ATOM 405 O OG  . SER A 1 356 ? 6.228   -6.791  13.973  1.00 42.59  ? 356 SER A OG  1 
ATOM 406 N N   . LEU A 1 357 ? 7.131   -4.794  17.097  1.00 41.61  ? 357 LEU A N   1 
ATOM 407 C CA  . LEU A 1 357 ? 6.260   -3.719  17.540  1.00 50.04  ? 357 LEU A CA  1 
ATOM 408 C C   . LEU A 1 357 ? 6.533   -2.443  16.755  1.00 45.80  ? 357 LEU A C   1 
ATOM 409 O O   . LEU A 1 357 ? 7.632   -1.913  16.773  1.00 48.79  ? 357 LEU A O   1 
ATOM 410 C CB  . LEU A 1 357 ? 6.283   -3.543  19.060  1.00 60.29  ? 357 LEU A CB  1 
ATOM 411 C CG  . LEU A 1 357 ? 7.589   -3.132  19.717  1.00 70.25  ? 357 LEU A CG  1 
ATOM 412 C CD1 . LEU A 1 357 ? 7.563   -1.666  20.125  1.00 80.97  ? 357 LEU A CD1 1 
ATOM 413 C CD2 . LEU A 1 357 ? 7.874   -4.015  20.926  1.00 84.52  ? 357 LEU A CD2 1 
ATOM 414 N N   . ASP A 1 358 ? 5.486   -1.970  16.066  1.00 48.60  ? 358 ASP A N   1 
ATOM 415 C CA  . ASP A 1 358 ? 5.576   -0.835  15.165  1.00 50.55  ? 358 ASP A CA  1 
ATOM 416 C C   . ASP A 1 358 ? 4.616   0.243   15.656  1.00 43.47  ? 358 ASP A C   1 
ATOM 417 O O   . ASP A 1 358 ? 3.417   0.004   15.730  1.00 47.83  ? 358 ASP A O   1 
ATOM 418 C CB  . ASP A 1 358 ? 5.367   -1.255  13.711  1.00 60.74  ? 358 ASP A CB  1 
ATOM 419 C CG  . ASP A 1 358 ? 4.168   -2.146  13.456  1.00 89.67  ? 358 ASP A CG  1 
ATOM 420 O OD1 . ASP A 1 358 ? 4.169   -3.291  13.989  1.00 97.57  ? 358 ASP A OD1 1 
ATOM 421 O OD2 . ASP A 1 358 ? 3.266   -1.712  12.696  1.00 102.08 ? 358 ASP A OD2 1 
ATOM 422 N N   . ASN A 1 359 ? 5.176   1.397   16.042  1.00 36.98  ? 359 ASN A N   1 
ATOM 423 C CA  . ASN A 1 359 ? 4.434   2.592   16.376  1.00 31.50  ? 359 ASN A CA  1 
ATOM 424 C C   . ASN A 1 359 ? 4.524   3.579   15.207  1.00 30.05  ? 359 ASN A C   1 
ATOM 425 O O   . ASN A 1 359 ? 5.601   4.074   14.916  1.00 32.86  ? 359 ASN A O   1 
ATOM 426 C CB  . ASN A 1 359 ? 4.996   3.242   17.626  1.00 31.81  ? 359 ASN A CB  1 
ATOM 427 C CG  . ASN A 1 359 ? 4.952   2.365   18.856  1.00 37.92  ? 359 ASN A CG  1 
ATOM 428 O OD1 . ASN A 1 359 ? 3.872   2.034   19.341  1.00 42.10  ? 359 ASN A OD1 1 
ATOM 429 N ND2 . ASN A 1 359 ? 6.120   2.022   19.392  1.00 32.23  ? 359 ASN A ND2 1 
ATOM 430 N N   . ILE A 1 360 ? 3.402   3.900   14.556  1.00 28.14  ? 360 ILE A N   1 
ATOM 431 C CA  . ILE A 1 360 ? 3.405   4.784   13.401  1.00 27.40  ? 360 ILE A CA  1 
ATOM 432 C C   . ILE A 1 360 ? 2.440   5.946   13.627  1.00 26.37  ? 360 ILE A C   1 
ATOM 433 O O   . ILE A 1 360 ? 1.301   5.726   14.027  1.00 25.39  ? 360 ILE A O   1 
ATOM 434 C CB  . ILE A 1 360 ? 3.063   4.027   12.113  1.00 30.01  ? 360 ILE A CB  1 
ATOM 435 C CG1 . ILE A 1 360 ? 4.030   2.866   11.899  1.00 33.57  ? 360 ILE A CG1 1 
ATOM 436 C CG2 . ILE A 1 360 ? 3.034   4.999   10.934  1.00 32.69  ? 360 ILE A CG2 1 
ATOM 437 C CD1 . ILE A 1 360 ? 3.749   2.055   10.678  1.00 37.70  ? 360 ILE A CD1 1 
ATOM 438 N N   . THR A 1 361 ? 2.932   7.175   13.399  1.00 25.94  ? 361 THR A N   1 
ATOM 439 C CA  . THR A 1 361 ? 2.102   8.352   13.199  1.00 26.91  ? 361 THR A CA  1 
ATOM 440 C C   . THR A 1 361 ? 2.299   8.842   11.765  1.00 28.36  ? 361 THR A C   1 
ATOM 441 O O   . THR A 1 361 ? 3.385   9.301   11.439  1.00 34.04  ? 361 THR A O   1 
ATOM 442 C CB  . THR A 1 361 ? 2.438   9.431   14.222  1.00 26.65  ? 361 THR A CB  1 
ATOM 443 O OG1 . THR A 1 361 ? 2.152   8.891   15.506  1.00 25.85  ? 361 THR A OG1 1 
ATOM 444 C CG2 . THR A 1 361 ? 1.639   10.702  14.038  1.00 30.11  ? 361 THR A CG2 1 
ATOM 445 N N   . HIS A 1 362 ? 1.262   8.725   10.930  1.00 27.45  ? 362 HIS A N   1 
ATOM 446 C CA  . HIS A 1 362 ? 1.286   9.102   9.534   1.00 25.48  ? 362 HIS A CA  1 
ATOM 447 C C   . HIS A 1 362 ? 0.232   10.174  9.282   1.00 25.62  ? 362 HIS A C   1 
ATOM 448 O O   . HIS A 1 362 ? -0.948  9.919   9.444   1.00 27.51  ? 362 HIS A O   1 
ATOM 449 C CB  . HIS A 1 362 ? 0.999   7.890   8.663   1.00 28.85  ? 362 HIS A CB  1 
ATOM 450 C CG  . HIS A 1 362 ? 1.158   8.157   7.214   1.00 32.60  ? 362 HIS A CG  1 
ATOM 451 N ND1 . HIS A 1 362 ? 0.602   7.340   6.259   1.00 35.77  ? 362 HIS A ND1 1 
ATOM 452 C CD2 . HIS A 1 362 ? 1.790   9.129   6.545   1.00 39.06  ? 362 HIS A CD2 1 
ATOM 453 C CE1 . HIS A 1 362 ? 0.889   7.821   5.057   1.00 38.75  ? 362 HIS A CE1 1 
ATOM 454 N NE2 . HIS A 1 362 ? 1.600   8.911   5.197   1.00 38.81  ? 362 HIS A NE2 1 
ATOM 455 N N   . VAL A 1 363 ? 0.649   11.396  8.923   1.00 26.47  ? 363 VAL A N   1 
ATOM 456 C CA  . VAL A 1 363 ? -0.270  12.527  8.846   1.00 25.87  ? 363 VAL A CA  1 
ATOM 457 C C   . VAL A 1 363 ? 0.004   13.283  7.545   1.00 25.24  ? 363 VAL A C   1 
ATOM 458 O O   . VAL A 1 363 ? 0.685   14.305  7.524   1.00 26.18  ? 363 VAL A O   1 
ATOM 459 C CB  . VAL A 1 363 ? -0.183  13.389  10.123  1.00 23.54  ? 363 VAL A CB  1 
ATOM 460 C CG1 . VAL A 1 363 ? -1.259  14.448  10.148  1.00 23.80  ? 363 VAL A CG1 1 
ATOM 461 C CG2 . VAL A 1 363 ? -0.310  12.538  11.382  1.00 23.62  ? 363 VAL A CG2 1 
ATOM 462 N N   . PRO A 1 364 ? -0.440  12.739  6.394   1.00 24.66  ? 364 PRO A N   1 
ATOM 463 C CA  . PRO A 1 364 ? -0.251  13.414  5.113   1.00 26.36  ? 364 PRO A CA  1 
ATOM 464 C C   . PRO A 1 364 ? -1.245  14.553  4.956   1.00 27.18  ? 364 PRO A C   1 
ATOM 465 O O   . PRO A 1 364 ? -2.386  14.448  5.392   1.00 32.30  ? 364 PRO A O   1 
ATOM 466 C CB  . PRO A 1 364 ? -0.479  12.332  4.052   1.00 25.79  ? 364 PRO A CB  1 
ATOM 467 C CG  . PRO A 1 364 ? -1.357  11.335  4.754   1.00 26.80  ? 364 PRO A CG  1 
ATOM 468 C CD  . PRO A 1 364 ? -1.065  11.422  6.234   1.00 25.79  ? 364 PRO A CD  1 
ATOM 469 N N   . GLY A 1 365 ? -0.794  15.646  4.359   1.00 27.36  ? 365 GLY A N   1 
ATOM 470 C CA  . GLY A 1 365 ? -1.680  16.747  4.036   1.00 29.91  ? 365 GLY A CA  1 
ATOM 471 C C   . GLY A 1 365 ? -2.740  16.345  3.020   1.00 28.76  ? 365 GLY A C   1 
ATOM 472 O O   . GLY A 1 365 ? -3.822  16.914  3.053   1.00 29.88  ? 365 GLY A O   1 
ATOM 473 N N   . GLY A 1 366 ? -2.390  15.424  2.102   1.00 26.62  ? 366 GLY A N   1 
ATOM 474 C CA  . GLY A 1 366 ? -3.315  14.878  1.130   1.00 24.79  ? 366 GLY A CA  1 
ATOM 475 C C   . GLY A 1 366 ? -3.541  13.387  1.346   1.00 26.97  ? 366 GLY A C   1 
ATOM 476 O O   . GLY A 1 366 ? -4.611  12.967  1.780   1.00 29.34  ? 366 GLY A O   1 
ATOM 477 N N   . GLY A 1 367 ? -2.531  12.593  0.991   1.00 26.65  ? 367 GLY A N   1 
ATOM 478 C CA  . GLY A 1 367 ? -2.605  11.155  1.132   1.00 27.72  ? 367 GLY A CA  1 
ATOM 479 C C   . GLY A 1 367 ? -3.559  10.483  0.139   1.00 28.24  ? 367 GLY A C   1 
ATOM 480 O O   . GLY A 1 367 ? -4.007  9.372   0.417   1.00 29.15  ? 367 GLY A O   1 
ATOM 481 N N   . ASN A 1 368 ? -3.862  11.141  -0.986  1.00 26.82  ? 368 ASN A N   1 
ATOM 482 C CA  . ASN A 1 368 ? -4.749  10.593  -1.998  1.00 29.48  ? 368 ASN A CA  1 
ATOM 483 C C   . ASN A 1 368 ? -3.947  9.684   -2.917  1.00 33.78  ? 368 ASN A C   1 
ATOM 484 O O   . ASN A 1 368 ? -2.766  9.936   -3.136  1.00 37.15  ? 368 ASN A O   1 
ATOM 485 C CB  . ASN A 1 368 ? -5.417  11.698  -2.823  1.00 27.19  ? 368 ASN A CB  1 
ATOM 486 C CG  . ASN A 1 368 ? -6.151  12.673  -1.928  1.00 30.52  ? 368 ASN A CG  1 
ATOM 487 O OD1 . ASN A 1 368 ? -7.070  12.290  -1.208  1.00 31.15  ? 368 ASN A OD1 1 
ATOM 488 N ND2 . ASN A 1 368 ? -5.694  13.915  -1.886  1.00 32.82  ? 368 ASN A ND2 1 
ATOM 489 N N   . LYS A 1 369 ? -4.580  8.638   -3.466  1.00 41.60  ? 369 LYS A N   1 
ATOM 490 C CA  . LYS A 1 369 ? -3.851  7.732   -4.334  1.00 46.41  ? 369 LYS A CA  1 
ATOM 491 C C   . LYS A 1 369 ? -4.701  7.213   -5.480  1.00 42.75  ? 369 LYS A C   1 
ATOM 492 O O   . LYS A 1 369 ? -5.800  6.732   -5.269  1.00 53.90  ? 369 LYS A O   1 
ATOM 493 C CB  . LYS A 1 369 ? -3.170  6.608   -3.557  1.00 51.99  ? 369 LYS A CB  1 
ATOM 494 C CG  . LYS A 1 369 ? -3.986  5.871   -2.524  1.00 64.06  ? 369 LYS A CG  1 
ATOM 495 C CD  . LYS A 1 369 ? -3.114  4.943   -1.692  1.00 76.84  ? 369 LYS A CD  1 
ATOM 496 C CE  . LYS A 1 369 ? -2.528  3.792   -2.487  1.00 81.79  ? 369 LYS A CE  1 
ATOM 497 N NZ  . LYS A 1 369 ? -2.030  2.710   -1.600  1.00 91.02  ? 369 LYS A NZ  1 
ATOM 498 N N   . LYS A 1 370 ? -4.127  7.295   -6.686  1.00 43.33  ? 370 LYS A N   1 
ATOM 499 C CA  . LYS A 1 370 ? -4.714  6.776   -7.903  1.00 43.76  ? 370 LYS A CA  1 
ATOM 500 C C   . LYS A 1 370 ? -3.844  5.625   -8.387  1.00 42.82  ? 370 LYS A C   1 
ATOM 501 O O   . LYS A 1 370 ? -2.649  5.815   -8.553  1.00 50.13  ? 370 LYS A O   1 
ATOM 502 C CB  . LYS A 1 370 ? -4.807  7.881   -8.954  1.00 46.31  ? 370 LYS A CB  1 
ATOM 503 C CG  . LYS A 1 370 ? -5.747  7.565   -10.102 1.00 54.30  ? 370 LYS A CG  1 
ATOM 504 C CD  . LYS A 1 370 ? -5.430  8.271   -11.395 1.00 62.88  ? 370 LYS A CD  1 
ATOM 505 C CE  . LYS A 1 370 ? -6.341  7.828   -12.524 1.00 69.81  ? 370 LYS A CE  1 
ATOM 506 N NZ  . LYS A 1 370 ? -5.776  8.123   -13.865 1.00 74.73  ? 370 LYS A NZ  1 
ATOM 507 N N   . ILE A 1 371 ? -4.435  4.436   -8.571  1.00 43.99  ? 371 ILE A N   1 
ATOM 508 C CA  . ILE A 1 371 ? -3.749  3.298   -9.163  1.00 45.35  ? 371 ILE A CA  1 
ATOM 509 C C   . ILE A 1 371 ? -4.467  2.926   -10.452 1.00 45.16  ? 371 ILE A C   1 
ATOM 510 O O   . ILE A 1 371 ? -5.692  2.918   -10.503 1.00 49.73  ? 371 ILE A O   1 
ATOM 511 C CB  . ILE A 1 371 ? -3.626  2.104   -8.195  1.00 47.57  ? 371 ILE A CB  1 
ATOM 512 C CG1 . ILE A 1 371 ? -2.853  2.480   -6.928  1.00 53.13  ? 371 ILE A CG1 1 
ATOM 513 C CG2 . ILE A 1 371 ? -2.986  0.913   -8.890  1.00 46.53  ? 371 ILE A CG2 1 
ATOM 514 C CD1 . ILE A 1 371 ? -3.687  3.131   -5.844  1.00 64.03  ? 371 ILE A CD1 1 
ATOM 515 N N   . GLU A 1 372 ? -3.678  2.576   -11.473 1.00 48.82  ? 372 GLU A N   1 
ATOM 516 C CA  . GLU A 1 372 ? -4.179  2.373   -12.817 1.00 52.52  ? 372 GLU A CA  1 
ATOM 517 C C   . GLU A 1 372 ? -3.306  1.333   -13.515 1.00 53.27  ? 372 GLU A C   1 
ATOM 518 O O   . GLU A 1 372 ? -2.100  1.526   -13.627 1.00 56.44  ? 372 GLU A O   1 
ATOM 519 C CB  . GLU A 1 372 ? -4.166  3.723   -13.527 1.00 62.90  ? 372 GLU A CB  1 
ATOM 520 C CG  . GLU A 1 372 ? -4.612  3.668   -14.966 1.00 71.98  ? 372 GLU A CG  1 
ATOM 521 C CD  . GLU A 1 372 ? -6.102  3.537   -15.179 1.00 85.36  ? 372 GLU A CD  1 
ATOM 522 O OE1 . GLU A 1 372 ? -6.816  4.523   -14.890 1.00 90.50  ? 372 GLU A OE1 1 
ATOM 523 O OE2 . GLU A 1 372 ? -6.526  2.470   -15.673 1.00 96.52  ? 372 GLU A OE2 1 
ATOM 524 N N   . THR A 1 373 ? -3.912  0.238   -13.987 1.00 54.38  ? 373 THR A N   1 
ATOM 525 C CA  . THR A 1 373 ? -3.179  -0.783  -14.720 1.00 53.73  ? 373 THR A CA  1 
ATOM 526 C C   . THR A 1 373 ? -3.866  -0.998  -16.055 1.00 48.16  ? 373 THR A C   1 
ATOM 527 O O   . THR A 1 373 ? -5.065  -1.242  -16.078 1.00 54.21  ? 373 THR A O   1 
ATOM 528 C CB  . THR A 1 373 ? -3.048  -2.075  -13.906 1.00 57.90  ? 373 THR A CB  1 
ATOM 529 O OG1 . THR A 1 373 ? -4.336  -2.665  -13.716 1.00 61.65  ? 373 THR A OG1 1 
ATOM 530 C CG2 . THR A 1 373 ? -2.397  -1.839  -12.562 1.00 59.74  ? 373 THR A CG2 1 
ATOM 531 N N   . HIS A 1 374 ? -3.113  -0.838  -17.150 1.00 53.37  ? 374 HIS A N   1 
ATOM 532 C CA  . HIS A 1 374 ? -3.555  -1.228  -18.478 1.00 52.21  ? 374 HIS A CA  1 
ATOM 533 C C   . HIS A 1 374 ? -2.767  -2.456  -18.898 1.00 51.76  ? 374 HIS A C   1 
ATOM 534 O O   . HIS A 1 374 ? -1.570  -2.546  -18.617 1.00 59.43  ? 374 HIS A O   1 
ATOM 535 C CB  . HIS A 1 374 ? -3.367  -0.093  -19.476 1.00 52.62  ? 374 HIS A CB  1 
ATOM 536 C CG  . HIS A 1 374 ? -4.181  1.119   -19.186 1.00 57.82  ? 374 HIS A CG  1 
ATOM 537 N ND1 . HIS A 1 374 ? -3.832  2.029   -18.213 1.00 59.13  ? 374 HIS A ND1 1 
ATOM 538 C CD2 . HIS A 1 374 ? -5.274  1.622   -19.787 1.00 61.50  ? 374 HIS A CD2 1 
ATOM 539 C CE1 . HIS A 1 374 ? -4.709  3.028   -18.229 1.00 64.77  ? 374 HIS A CE1 1 
ATOM 540 N NE2 . HIS A 1 374 ? -5.602  2.790   -19.164 1.00 59.46  ? 374 HIS A NE2 1 
ATOM 541 N N   . LYS A 1 375 ? -3.449  -3.397  -19.562 1.00 57.02  ? 375 LYS A N   1 
ATOM 542 C CA  . LYS A 1 375 ? -2.828  -4.653  -19.946 1.00 56.29  ? 375 LYS A CA  1 
ATOM 543 C C   . LYS A 1 375 ? -3.481  -5.163  -21.220 1.00 57.63  ? 375 LYS A C   1 
ATOM 544 O O   . LYS A 1 375 ? -4.703  -5.234  -21.297 1.00 67.87  ? 375 LYS A O   1 
ATOM 545 C CB  . LYS A 1 375 ? -2.928  -5.665  -18.804 1.00 60.05  ? 375 LYS A CB  1 
ATOM 546 C CG  . LYS A 1 375 ? -2.249  -6.998  -19.061 1.00 66.72  ? 375 LYS A CG  1 
ATOM 547 C CD  . LYS A 1 375 ? -2.132  -7.843  -17.816 1.00 76.25  ? 375 LYS A CD  1 
ATOM 548 C CE  . LYS A 1 375 ? -1.611  -9.237  -18.096 1.00 86.85  ? 375 LYS A CE  1 
ATOM 549 N NZ  . LYS A 1 375 ? -1.345  -9.982  -16.840 1.00 93.69  ? 375 LYS A NZ  1 
ATOM 550 N N   . LEU A 1 376 ? -2.648  -5.481  -22.217 1.00 61.85  ? 376 LEU A N   1 
ATOM 551 C CA  . LEU A 1 376 ? -3.092  -6.036  -23.485 1.00 62.06  ? 376 LEU A CA  1 
ATOM 552 C C   . LEU A 1 376 ? -2.252  -7.277  -23.748 1.00 62.89  ? 376 LEU A C   1 
ATOM 553 O O   . LEU A 1 376 ? -1.027  -7.209  -23.681 1.00 71.21  ? 376 LEU A O   1 
ATOM 554 C CB  . LEU A 1 376 ? -2.933  -4.981  -24.582 1.00 60.83  ? 376 LEU A CB  1 
ATOM 555 C CG  . LEU A 1 376 ? -3.767  -5.207  -25.839 1.00 64.85  ? 376 LEU A CG  1 
ATOM 556 C CD1 . LEU A 1 376 ? -3.793  -3.956  -26.710 1.00 67.17  ? 376 LEU A CD1 1 
ATOM 557 C CD2 . LEU A 1 376 ? -3.259  -6.398  -26.634 1.00 71.25  ? 376 LEU A CD2 1 
ATOM 558 N N   . THR A 1 377 ? -2.921  -8.403  -24.007 1.00 66.01  ? 377 THR A N   1 
ATOM 559 C CA  . THR A 1 377 ? -2.254  -9.677  -24.210 1.00 70.59  ? 377 THR A CA  1 
ATOM 560 C C   . THR A 1 377 ? -2.787  -10.274 -25.506 1.00 73.66  ? 377 THR A C   1 
ATOM 561 O O   . THR A 1 377 ? -4.000  -10.363 -25.681 1.00 81.96  ? 377 THR A O   1 
ATOM 562 C CB  . THR A 1 377 ? -2.421  -10.563 -22.970 1.00 74.88  ? 377 THR A CB  1 
ATOM 563 O OG1 . THR A 1 377 ? -1.859  -9.848  -21.870 1.00 77.24  ? 377 THR A OG1 1 
ATOM 564 C CG2 . THR A 1 377 ? -1.738  -11.908 -23.086 1.00 81.82  ? 377 THR A CG2 1 
ATOM 565 N N   . PHE A 1 378 ? -1.866  -10.640 -26.409 1.00 81.09  ? 378 PHE A N   1 
ATOM 566 C CA  . PHE A 1 378 ? -2.186  -11.156 -27.731 1.00 81.41  ? 378 PHE A CA  1 
ATOM 567 C C   . PHE A 1 378 ? -1.488  -12.501 -27.901 1.00 86.82  ? 378 PHE A C   1 
ATOM 568 O O   . PHE A 1 378 ? -0.281  -12.586 -27.672 1.00 95.68  ? 378 PHE A O   1 
ATOM 569 C CB  . PHE A 1 378 ? -1.746  -10.144 -28.786 1.00 80.05  ? 378 PHE A CB  1 
ATOM 570 C CG  . PHE A 1 378 ? -2.293  -10.391 -30.166 1.00 86.63  ? 378 PHE A CG  1 
ATOM 571 C CD1 . PHE A 1 378 ? -3.289  -9.572  -30.689 1.00 86.51  ? 378 PHE A CD1 1 
ATOM 572 C CD2 . PHE A 1 378 ? -1.806  -11.433 -30.952 1.00 93.44  ? 378 PHE A CD2 1 
ATOM 573 C CE1 . PHE A 1 378 ? -3.792  -9.802  -31.965 1.00 91.82  ? 378 PHE A CE1 1 
ATOM 574 C CE2 . PHE A 1 378 ? -2.308  -11.658 -32.228 1.00 89.42  ? 378 PHE A CE2 1 
ATOM 575 C CZ  . PHE A 1 378 ? -3.301  -10.844 -32.731 1.00 92.38  ? 378 PHE A CZ  1 
ATOM 576 N N   . ARG A 1 379 ? -2.247  -13.534 -28.304 1.00 101.31 ? 379 ARG A N   1 
ATOM 577 C CA  . ARG A 1 379 ? -1.699  -14.856 -28.576 1.00 117.64 ? 379 ARG A CA  1 
ATOM 578 C C   . ARG A 1 379 ? -2.272  -15.378 -29.893 1.00 130.88 ? 379 ARG A C   1 
ATOM 579 O O   . ARG A 1 379 ? -3.434  -15.784 -29.941 1.00 141.88 ? 379 ARG A O   1 
ATOM 580 C CB  . ARG A 1 379 ? -2.014  -15.812 -27.422 1.00 124.07 ? 379 ARG A CB  1 
ATOM 581 C CG  . ARG A 1 379 ? -1.412  -15.404 -26.085 1.00 134.62 ? 379 ARG A CG  1 
ATOM 582 C CD  . ARG A 1 379 ? -1.761  -16.407 -25.003 1.00 146.98 ? 379 ARG A CD  1 
ATOM 583 N NE  . ARG A 1 379 ? -1.476  -15.917 -23.658 1.00 161.08 ? 379 ARG A NE  1 
ATOM 584 C CZ  . ARG A 1 379 ? -1.793  -16.555 -22.534 1.00 176.10 ? 379 ARG A CZ  1 
ATOM 585 N NH1 . ARG A 1 379 ? -2.399  -17.730 -22.579 1.00 178.28 ? 379 ARG A NH1 1 
ATOM 586 N NH2 . ARG A 1 379 ? -1.499  -16.015 -21.362 1.00 181.33 ? 379 ARG A NH2 1 
ATOM 587 N N   . GLU A 1 380 ? -1.452  -15.356 -30.958 1.00 147.54 ? 380 GLU A N   1 
ATOM 588 C CA  . GLU A 1 380 ? -1.818  -15.935 -32.243 1.00 162.07 ? 380 GLU A CA  1 
ATOM 589 C C   . GLU A 1 380 ? -1.673  -17.461 -32.154 1.00 163.83 ? 380 GLU A C   1 
ATOM 590 O O   . GLU A 1 380 ? -2.725  -18.131 -31.994 1.00 163.61 ? 380 GLU A O   1 
ATOM 591 C CB  . GLU A 1 380 ? -0.950  -15.351 -33.363 1.00 173.91 ? 380 GLU A CB  1 
ATOM 592 C CG  . GLU A 1 380 ? -1.527  -15.544 -34.762 1.00 186.33 ? 380 GLU A CG  1 
ATOM 593 C CD  . GLU A 1 380 ? -1.384  -16.920 -35.402 1.00 196.01 ? 380 GLU A CD  1 
ATOM 594 O OE1 . GLU A 1 380 ? -2.198  -17.232 -36.296 1.00 198.07 ? 380 GLU A OE1 1 
ATOM 595 O OE2 . GLU A 1 380 ? -0.440  -17.661 -35.050 1.00 200.28 ? 380 GLU A OE2 1 
# 
